data_1GLF
#
_entry.id   1GLF
#
_cell.length_a   92.100
_cell.length_b   117.400
_cell.length_c   108.400
_cell.angle_alpha   90.00
_cell.angle_beta   93.10
_cell.angle_gamma   90.00
#
_symmetry.space_group_name_H-M   'P 1 21 1'
#
loop_
_entity.id
_entity.type
_entity.pdbx_description
1 polymer 'PROTEIN (GLYCEROL KINASE)'
2 non-polymer 'PHOSPHATE ION'
3 non-polymer "ADENOSINE-5'-DIPHOSPHATE"
4 non-polymer GLYCEROL
5 water water
#
_entity_poly.entity_id   1
_entity_poly.type   'polypeptide(L)'
_entity_poly.pdbx_seq_one_letter_code
;TEKKYIVALDQGTTSSRAVVMDHDANIISVSQREFEQIYPKPGWVEHDPMEIWATQSSTLVEVLAKADISSDQIAAIGIT
NQRETTIVWEKETGKPIYNAIVWQCRRTAEICEHLKRDGLEDYIRSNTGLVIDPYFSGTKVKWILDHVEGSRERARRGEL
LFGTVDTWLIWKMTQGRVHVTDYTNASRTMLFNIHTLDWDDKMLEVLDIPREMLPEVRRSSEVYGQTNIGGKGGTRIPIS
GIAGDQQAALFGQLCVKEGMAKNTYGTGCFMLMNTGEKAVKSENGLLTTIACGPTGEVNYALEGAVFMAGASIQWLRDEM
KLINDAYDSEYFATKVQNTNGVYVVPAFTGLGAPYWDPYARGAIFGLTRGVNANHIIRATLESIAYQTRDVLEAMQADSG
IRLHALRVDGGAVANNFLMQFQSDILGTRVERPEVREVTALGAAYLAGLAVGFWQNLDELQEKAVIEREFRPGIETTERN
YRYAGWKKAVKRAMAWEEHDE
;
_entity_poly.pdbx_strand_id   O,Y,Z,X
#
loop_
_chem_comp.id
_chem_comp.type
_chem_comp.name
_chem_comp.formula
ADP non-polymer ADENOSINE-5'-DIPHOSPHATE 'C10 H15 N5 O10 P2'
GOL non-polymer GLYCEROL 'C3 H8 O3'
PO4 non-polymer 'PHOSPHATE ION' 'O4 P -3'
#
# COMPACT_ATOMS: atom_id res chain seq x y z
N GLU A 2 32.83 -41.90 -2.93
CA GLU A 2 31.38 -41.98 -2.83
C GLU A 2 30.81 -41.42 -1.51
N LYS A 3 29.48 -41.19 -1.42
CA LYS A 3 28.85 -40.72 -0.19
C LYS A 3 29.57 -39.56 0.52
N LYS A 4 29.20 -38.37 0.15
CA LYS A 4 29.92 -37.26 0.72
C LYS A 4 29.02 -36.39 1.51
N TYR A 5 27.77 -36.73 1.43
CA TYR A 5 26.79 -35.88 2.01
C TYR A 5 25.75 -36.45 2.87
N ILE A 6 25.45 -35.66 3.87
CA ILE A 6 24.34 -35.97 4.73
C ILE A 6 23.15 -34.94 4.51
N VAL A 7 21.89 -35.38 4.61
CA VAL A 7 20.70 -34.57 4.41
C VAL A 7 19.84 -34.48 5.67
N ALA A 8 19.53 -33.24 6.20
CA ALA A 8 18.65 -33.13 7.40
C ALA A 8 17.28 -32.77 6.94
N LEU A 9 16.29 -33.28 7.57
CA LEU A 9 14.92 -32.93 7.18
C LEU A 9 14.29 -32.20 8.38
N ASP A 10 13.74 -30.99 8.07
CA ASP A 10 13.15 -30.17 9.10
C ASP A 10 11.72 -29.89 8.85
N GLN A 11 10.93 -30.60 9.55
CA GLN A 11 9.60 -30.32 9.28
C GLN A 11 8.97 -29.52 10.37
N GLY A 12 9.24 -28.20 10.24
CA GLY A 12 8.76 -27.13 11.13
C GLY A 12 7.25 -26.80 11.06
N THR A 13 6.88 -26.00 12.05
CA THR A 13 5.46 -25.66 12.16
C THR A 13 4.93 -24.76 11.06
N THR A 14 5.83 -24.01 10.37
CA THR A 14 5.36 -23.12 9.31
C THR A 14 5.87 -23.45 7.91
N SER A 15 6.96 -24.23 7.87
CA SER A 15 7.53 -24.65 6.62
C SER A 15 8.26 -25.97 6.79
N SER A 16 8.59 -26.55 5.67
CA SER A 16 9.39 -27.74 5.68
C SER A 16 10.66 -27.38 4.96
N ARG A 17 11.79 -27.76 5.56
CA ARG A 17 13.11 -27.58 4.96
C ARG A 17 13.80 -28.94 4.58
N ALA A 18 14.93 -28.78 3.87
CA ALA A 18 15.81 -29.79 3.35
C ALA A 18 17.19 -29.17 3.26
N VAL A 19 18.09 -29.73 4.05
CA VAL A 19 19.49 -29.27 4.18
C VAL A 19 20.57 -30.35 3.91
N VAL A 20 21.50 -29.95 3.05
CA VAL A 20 22.60 -30.74 2.62
C VAL A 20 23.88 -30.24 3.24
N MET A 21 24.58 -31.16 3.96
CA MET A 21 25.84 -30.84 4.60
C MET A 21 26.91 -31.57 3.93
N ASP A 22 28.11 -31.10 4.12
CA ASP A 22 29.22 -31.82 3.56
C ASP A 22 29.86 -32.49 4.71
N HIS A 23 30.87 -33.24 4.45
CA HIS A 23 31.53 -33.88 5.54
C HIS A 23 32.10 -32.83 6.46
N ASP A 24 32.24 -31.64 5.92
CA ASP A 24 32.72 -30.58 6.78
C ASP A 24 31.55 -29.93 7.49
N ALA A 25 30.40 -30.55 7.42
CA ALA A 25 29.22 -29.99 8.04
C ALA A 25 28.90 -28.55 7.57
N ASN A 26 28.97 -28.43 6.27
CA ASN A 26 28.70 -27.20 5.61
C ASN A 26 27.45 -27.38 4.78
N ILE A 27 26.53 -26.51 5.09
CA ILE A 27 25.30 -26.46 4.37
C ILE A 27 25.65 -26.15 2.94
N ILE A 28 25.42 -27.14 2.13
CA ILE A 28 25.73 -27.05 0.76
C ILE A 28 24.50 -26.66 0.00
N SER A 29 23.36 -26.62 0.69
CA SER A 29 22.09 -26.32 0.02
C SER A 29 20.86 -26.37 0.94
N VAL A 30 19.94 -25.41 0.75
CA VAL A 30 18.69 -25.37 1.50
C VAL A 30 17.39 -25.33 0.66
N SER A 31 16.33 -25.92 1.18
CA SER A 31 15.08 -25.85 0.51
C SER A 31 13.96 -25.62 1.49
N GLN A 32 13.04 -24.72 1.09
CA GLN A 32 11.84 -24.33 1.86
C GLN A 32 10.62 -24.17 1.00
N ARG A 33 9.59 -24.13 1.71
CA ARG A 33 8.31 -24.10 1.15
C ARG A 33 7.43 -24.01 2.34
N GLU A 34 6.71 -22.89 2.39
CA GLU A 34 5.81 -22.66 3.47
C GLU A 34 4.58 -23.54 3.24
N PHE A 35 3.75 -23.64 4.27
CA PHE A 35 2.54 -24.47 4.16
C PHE A 35 1.46 -23.95 5.07
N GLU A 36 0.26 -24.16 4.63
CA GLU A 36 -1.00 -23.73 5.24
C GLU A 36 -1.23 -23.95 6.68
N GLN A 37 -1.81 -22.94 7.26
CA GLN A 37 -2.13 -23.00 8.66
C GLN A 37 -3.60 -22.89 8.80
N ILE A 38 -4.16 -24.02 9.18
CA ILE A 38 -5.58 -24.09 9.34
C ILE A 38 -6.17 -23.79 10.70
N TYR A 39 -7.12 -22.86 10.74
CA TYR A 39 -7.77 -22.50 12.01
C TYR A 39 -9.25 -22.59 11.88
N PRO A 40 -9.73 -23.80 11.82
CA PRO A 40 -11.14 -24.06 11.69
C PRO A 40 -11.93 -23.26 12.69
N LYS A 41 -11.26 -22.94 13.75
CA LYS A 41 -11.93 -22.22 14.77
C LYS A 41 -10.95 -21.61 15.73
N PRO A 42 -11.35 -20.47 16.25
CA PRO A 42 -10.50 -19.76 17.15
C PRO A 42 -10.00 -20.66 18.26
N GLY A 43 -8.67 -20.84 18.27
CA GLY A 43 -8.03 -21.63 19.31
C GLY A 43 -7.49 -22.94 18.84
N TRP A 44 -7.85 -23.23 17.61
CA TRP A 44 -7.49 -24.44 16.99
C TRP A 44 -6.57 -24.23 15.82
N VAL A 45 -5.56 -25.04 15.79
CA VAL A 45 -4.67 -25.13 14.67
C VAL A 45 -4.56 -26.59 14.16
N GLU A 46 -4.47 -26.75 12.80
CA GLU A 46 -4.35 -28.02 12.02
C GLU A 46 -3.48 -27.86 10.82
N HIS A 47 -3.11 -28.98 10.21
CA HIS A 47 -2.34 -29.02 8.99
C HIS A 47 -2.86 -30.15 8.15
N ASP A 48 -2.36 -30.25 6.95
CA ASP A 48 -2.77 -31.28 6.10
C ASP A 48 -1.56 -32.13 5.96
N PRO A 49 -1.78 -33.39 6.37
CA PRO A 49 -0.74 -34.38 6.42
C PRO A 49 -0.19 -34.70 5.03
N MET A 50 -1.05 -34.52 4.05
CA MET A 50 -0.62 -34.62 2.68
C MET A 50 0.25 -33.44 2.26
N GLU A 51 -0.07 -32.29 2.83
CA GLU A 51 0.70 -31.11 2.55
C GLU A 51 1.99 -31.18 3.35
N ILE A 52 1.93 -31.70 4.57
CA ILE A 52 3.19 -31.79 5.27
C ILE A 52 4.17 -32.69 4.51
N TRP A 53 3.57 -33.79 4.00
CA TRP A 53 4.25 -34.75 3.24
C TRP A 53 4.78 -34.08 2.02
N ALA A 54 3.83 -33.73 1.15
CA ALA A 54 4.14 -33.11 -0.12
C ALA A 54 5.20 -32.05 -0.07
N THR A 55 5.15 -31.19 0.96
CA THR A 55 6.21 -30.19 1.08
C THR A 55 7.51 -30.81 1.32
N GLN A 56 7.62 -31.50 2.50
CA GLN A 56 8.82 -32.23 2.89
C GLN A 56 9.47 -33.01 1.76
N SER A 57 8.62 -33.57 0.92
CA SER A 57 9.09 -34.31 -0.21
C SER A 57 9.87 -33.41 -1.15
N SER A 58 9.15 -32.70 -1.98
CA SER A 58 9.69 -31.77 -2.94
C SER A 58 10.93 -30.95 -2.48
N THR A 59 11.02 -30.67 -1.20
CA THR A 59 12.20 -29.93 -0.75
C THR A 59 13.47 -30.68 -0.94
N LEU A 60 13.45 -31.91 -0.41
CA LEU A 60 14.50 -32.89 -0.46
C LEU A 60 14.94 -33.09 -1.91
N VAL A 61 13.95 -33.39 -2.71
CA VAL A 61 14.16 -33.60 -4.12
C VAL A 61 14.78 -32.38 -4.71
N GLU A 62 14.32 -31.28 -4.22
CA GLU A 62 14.81 -30.06 -4.74
C GLU A 62 16.21 -29.61 -4.37
N VAL A 63 16.58 -29.71 -3.11
CA VAL A 63 17.92 -29.32 -2.74
C VAL A 63 18.94 -30.10 -3.48
N LEU A 64 18.56 -31.36 -3.72
CA LEU A 64 19.42 -32.35 -4.41
C LEU A 64 19.72 -31.89 -5.79
N ALA A 65 18.59 -31.79 -6.45
CA ALA A 65 18.46 -31.32 -7.78
C ALA A 65 19.33 -30.13 -8.00
N LYS A 66 18.93 -29.06 -7.30
CA LYS A 66 19.57 -27.75 -7.39
C LYS A 66 21.00 -27.74 -7.04
N ALA A 67 21.41 -28.67 -6.21
CA ALA A 67 22.81 -28.68 -5.96
C ALA A 67 23.63 -29.69 -6.84
N ASP A 68 22.95 -30.47 -7.67
CA ASP A 68 23.63 -31.46 -8.52
C ASP A 68 24.21 -32.64 -7.72
N ILE A 69 23.57 -32.93 -6.66
CA ILE A 69 24.02 -34.03 -5.87
C ILE A 69 23.15 -35.17 -6.28
N SER A 70 23.70 -36.37 -6.45
CA SER A 70 22.82 -37.49 -6.79
C SER A 70 22.66 -38.47 -5.64
N SER A 71 21.46 -39.05 -5.56
CA SER A 71 21.12 -40.04 -4.51
C SER A 71 22.26 -40.98 -4.00
N ASP A 72 23.14 -41.48 -4.91
CA ASP A 72 24.21 -42.39 -4.52
C ASP A 72 25.24 -41.84 -3.54
N GLN A 73 25.24 -40.50 -3.50
CA GLN A 73 26.15 -39.69 -2.70
C GLN A 73 25.74 -39.41 -1.24
N ILE A 74 24.43 -39.57 -0.91
CA ILE A 74 23.90 -39.38 0.44
C ILE A 74 24.07 -40.57 1.39
N ALA A 75 24.90 -40.32 2.35
CA ALA A 75 25.21 -41.25 3.38
C ALA A 75 23.99 -41.51 4.25
N ALA A 76 23.20 -40.49 4.51
CA ALA A 76 22.01 -40.75 5.27
C ALA A 76 21.20 -39.52 5.27
N ILE A 77 20.07 -39.65 5.92
CA ILE A 77 19.10 -38.59 6.08
C ILE A 77 18.76 -38.39 7.55
N GLY A 78 18.81 -37.11 7.98
CA GLY A 78 18.46 -36.69 9.33
C GLY A 78 17.02 -36.25 9.34
N ILE A 79 16.36 -36.29 10.50
CA ILE A 79 14.95 -35.94 10.52
C ILE A 79 14.49 -35.22 11.76
N THR A 80 13.95 -34.01 11.53
CA THR A 80 13.48 -33.15 12.61
C THR A 80 12.09 -32.63 12.51
N ASN A 81 11.51 -32.48 13.64
CA ASN A 81 10.18 -32.08 13.50
C ASN A 81 9.59 -31.30 14.64
N GLN A 82 8.51 -30.66 14.21
CA GLN A 82 7.59 -29.97 14.98
C GLN A 82 6.89 -31.06 15.75
N ARG A 83 7.14 -30.94 17.00
CA ARG A 83 6.92 -31.79 18.07
C ARG A 83 5.62 -32.03 18.66
N GLU A 84 4.50 -31.64 18.29
CA GLU A 84 3.60 -32.35 19.28
C GLU A 84 2.41 -32.87 18.56
N THR A 85 2.40 -32.33 17.40
CA THR A 85 1.41 -32.52 16.43
C THR A 85 1.23 -33.98 16.11
N THR A 86 -0.03 -34.36 16.24
CA THR A 86 -0.67 -35.64 16.11
C THR A 86 -1.34 -36.01 14.79
N ILE A 87 -1.08 -37.23 14.34
CA ILE A 87 -1.66 -37.78 13.13
C ILE A 87 -2.07 -39.25 13.29
N VAL A 88 -3.22 -39.54 12.66
CA VAL A 88 -3.87 -40.79 12.71
C VAL A 88 -4.43 -41.29 11.35
N TRP A 89 -3.73 -42.25 10.73
CA TRP A 89 -4.18 -42.73 9.47
C TRP A 89 -4.55 -44.17 9.50
N GLU A 90 -4.92 -44.63 8.31
CA GLU A 90 -5.30 -46.00 8.05
C GLU A 90 -4.17 -46.64 7.44
N LYS A 91 -3.77 -47.70 8.12
CA LYS A 91 -2.67 -48.52 7.75
C LYS A 91 -2.80 -48.94 6.31
N GLU A 92 -3.99 -49.39 5.90
CA GLU A 92 -4.09 -49.80 4.51
C GLU A 92 -3.90 -48.64 3.57
N THR A 93 -5.00 -47.94 3.26
CA THR A 93 -5.03 -46.78 2.38
C THR A 93 -3.88 -45.83 2.59
N GLY A 94 -3.46 -45.73 3.88
CA GLY A 94 -2.39 -44.84 4.32
C GLY A 94 -2.91 -43.40 4.42
N LYS A 95 -4.23 -43.29 4.39
CA LYS A 95 -4.88 -42.01 4.42
C LYS A 95 -5.32 -41.69 5.83
N PRO A 96 -5.47 -40.42 6.08
CA PRO A 96 -5.79 -39.96 7.42
C PRO A 96 -7.25 -39.77 7.69
N ILE A 97 -7.59 -39.92 8.96
CA ILE A 97 -8.97 -39.80 9.29
C ILE A 97 -9.28 -38.48 9.98
N TYR A 98 -8.24 -37.67 10.02
CA TYR A 98 -8.23 -36.33 10.57
C TYR A 98 -6.88 -35.60 10.43
N ASN A 99 -6.99 -34.31 10.08
CA ASN A 99 -5.86 -33.42 9.87
C ASN A 99 -4.81 -33.48 10.97
N ALA A 100 -3.52 -33.11 10.67
CA ALA A 100 -2.58 -33.05 11.78
C ALA A 100 -3.12 -32.04 12.77
N ILE A 101 -3.24 -32.41 13.99
CA ILE A 101 -3.70 -31.48 15.00
C ILE A 101 -2.43 -30.99 15.64
N VAL A 102 -2.28 -29.69 15.65
CA VAL A 102 -1.02 -29.08 16.05
C VAL A 102 -0.86 -28.90 17.54
N TRP A 103 0.41 -28.88 17.97
CA TRP A 103 0.61 -28.72 19.41
C TRP A 103 -0.12 -27.49 19.97
N GLN A 104 0.03 -26.39 19.24
CA GLN A 104 -0.63 -25.10 19.44
C GLN A 104 -2.11 -25.21 19.82
N CYS A 105 -2.85 -25.95 18.97
CA CYS A 105 -4.24 -26.24 19.10
C CYS A 105 -4.67 -26.42 20.51
N ARG A 106 -5.91 -26.08 20.81
CA ARG A 106 -6.34 -26.17 22.18
C ARG A 106 -7.65 -26.89 22.36
N ARG A 107 -8.23 -27.50 21.33
CA ARG A 107 -9.52 -28.16 21.56
C ARG A 107 -9.64 -29.08 22.78
N THR A 108 -8.49 -29.60 23.27
CA THR A 108 -8.47 -30.59 24.36
C THR A 108 -8.55 -30.20 25.83
N ALA A 109 -8.47 -28.93 26.11
CA ALA A 109 -8.62 -28.43 27.49
C ALA A 109 -9.84 -29.03 28.17
N GLU A 110 -10.82 -29.38 27.39
CA GLU A 110 -11.97 -29.92 28.01
C GLU A 110 -11.56 -31.16 28.68
N ILE A 111 -11.03 -32.06 27.85
CA ILE A 111 -10.52 -33.35 28.28
C ILE A 111 -9.53 -33.17 29.38
N CYS A 112 -8.60 -32.28 29.08
CA CYS A 112 -7.55 -31.97 30.01
C CYS A 112 -8.20 -31.65 31.34
N GLU A 113 -9.38 -31.11 31.22
CA GLU A 113 -10.14 -30.67 32.40
C GLU A 113 -10.49 -31.68 33.44
N HIS A 114 -10.81 -32.85 32.90
CA HIS A 114 -11.13 -34.04 33.65
C HIS A 114 -9.90 -34.60 34.23
N LEU A 115 -8.90 -34.77 33.40
CA LEU A 115 -7.67 -35.33 33.90
C LEU A 115 -7.16 -34.62 35.16
N LYS A 116 -7.61 -33.35 35.25
CA LYS A 116 -7.22 -32.61 36.44
C LYS A 116 -8.14 -33.07 37.52
N ARG A 117 -9.42 -33.01 37.15
CA ARG A 117 -10.60 -33.36 37.93
C ARG A 117 -10.36 -34.68 38.61
N ASP A 118 -9.83 -35.60 37.80
CA ASP A 118 -9.54 -36.97 38.11
C ASP A 118 -8.37 -37.22 39.02
N GLY A 119 -7.46 -36.26 39.14
CA GLY A 119 -6.35 -36.33 40.11
C GLY A 119 -5.00 -36.54 39.50
N LEU A 120 -5.01 -36.67 38.17
CA LEU A 120 -3.83 -37.02 37.42
C LEU A 120 -2.65 -36.14 37.40
N GLU A 121 -2.48 -35.30 38.39
CA GLU A 121 -1.33 -34.52 38.19
C GLU A 121 0.00 -35.22 38.29
N ASP A 122 0.44 -35.32 39.55
CA ASP A 122 1.73 -35.86 39.89
C ASP A 122 2.18 -36.97 39.01
N TYR A 123 1.25 -37.92 38.83
CA TYR A 123 1.51 -39.04 37.98
C TYR A 123 2.08 -38.60 36.63
N ILE A 124 1.23 -37.85 35.90
CA ILE A 124 1.54 -37.30 34.58
C ILE A 124 2.80 -36.51 34.63
N ARG A 125 2.92 -35.90 35.73
CA ARG A 125 4.04 -35.07 35.72
C ARG A 125 5.23 -35.82 36.07
N SER A 126 4.99 -36.73 36.98
CA SER A 126 6.07 -37.51 37.52
C SER A 126 6.58 -38.46 36.45
N ASN A 127 5.66 -39.24 35.88
CA ASN A 127 6.06 -40.22 34.87
C ASN A 127 6.34 -39.58 33.54
N THR A 128 5.65 -38.50 33.26
CA THR A 128 5.93 -37.85 32.02
C THR A 128 6.91 -36.72 32.14
N GLY A 129 6.90 -35.99 33.27
CA GLY A 129 7.77 -34.79 33.35
C GLY A 129 7.03 -33.65 32.58
N LEU A 130 5.79 -33.97 32.19
CA LEU A 130 4.80 -33.18 31.50
C LEU A 130 3.72 -32.65 32.48
N VAL A 131 2.90 -31.80 31.96
CA VAL A 131 1.93 -31.07 32.70
C VAL A 131 0.62 -31.28 32.04
N ILE A 132 -0.48 -31.17 32.78
CA ILE A 132 -1.68 -31.37 31.98
C ILE A 132 -1.95 -30.19 31.02
N ASP A 133 -1.96 -30.40 29.70
CA ASP A 133 -2.19 -29.37 28.70
C ASP A 133 -2.50 -29.88 27.28
N PRO A 134 -3.18 -29.02 26.47
CA PRO A 134 -3.56 -29.42 25.11
C PRO A 134 -2.41 -29.41 24.14
N TYR A 135 -1.23 -29.16 24.70
CA TYR A 135 0.02 -29.08 23.92
C TYR A 135 0.45 -30.41 23.42
N PHE A 136 0.16 -31.42 24.26
CA PHE A 136 0.61 -32.77 24.05
C PHE A 136 -0.38 -33.62 23.43
N SER A 137 0.20 -34.48 22.58
CA SER A 137 -0.48 -35.46 21.73
C SER A 137 -1.54 -36.32 22.35
N GLY A 138 -1.37 -36.79 23.60
CA GLY A 138 -2.37 -37.70 24.21
C GLY A 138 -3.85 -37.35 23.96
N THR A 139 -4.20 -36.25 24.63
CA THR A 139 -5.48 -35.56 24.63
C THR A 139 -5.98 -35.48 23.23
N LYS A 140 -5.08 -34.99 22.37
CA LYS A 140 -5.37 -34.87 20.90
C LYS A 140 -5.89 -36.18 20.29
N VAL A 141 -5.16 -37.26 20.60
CA VAL A 141 -5.48 -38.57 20.08
C VAL A 141 -6.86 -39.01 20.44
N LYS A 142 -7.04 -38.93 21.74
CA LYS A 142 -8.30 -39.28 22.31
C LYS A 142 -9.40 -38.55 21.56
N TRP A 143 -9.16 -37.27 21.40
CA TRP A 143 -10.04 -36.41 20.73
C TRP A 143 -10.47 -36.95 19.40
N ILE A 144 -9.48 -37.21 18.53
CA ILE A 144 -9.91 -37.69 17.27
C ILE A 144 -10.69 -38.97 17.37
N LEU A 145 -10.16 -39.83 18.24
CA LEU A 145 -10.78 -41.12 18.44
C LEU A 145 -12.24 -40.93 18.76
N ASP A 146 -12.48 -39.91 19.59
CA ASP A 146 -13.85 -39.67 19.92
C ASP A 146 -14.54 -38.97 18.78
N HIS A 147 -13.83 -38.11 18.08
CA HIS A 147 -14.54 -37.54 17.01
C HIS A 147 -14.75 -38.41 15.86
N VAL A 148 -13.71 -39.22 15.53
CA VAL A 148 -13.97 -40.14 14.43
C VAL A 148 -14.71 -41.35 14.92
N GLU A 149 -15.85 -41.54 14.25
CA GLU A 149 -16.88 -42.56 14.47
C GLU A 149 -16.43 -43.86 15.16
N GLY A 150 -16.15 -44.89 14.38
CA GLY A 150 -15.73 -46.13 15.06
C GLY A 150 -14.23 -46.30 14.97
N SER A 151 -13.54 -45.29 15.52
CA SER A 151 -12.12 -45.29 15.42
C SER A 151 -11.49 -46.38 16.18
N ARG A 152 -11.84 -46.39 17.47
CA ARG A 152 -11.34 -47.38 18.41
C ARG A 152 -11.42 -48.83 17.93
N GLU A 153 -12.46 -49.14 17.18
CA GLU A 153 -12.57 -50.46 16.62
C GLU A 153 -11.38 -50.80 15.81
N ARG A 154 -11.35 -50.12 14.68
CA ARG A 154 -10.27 -50.32 13.76
C ARG A 154 -9.00 -50.03 14.43
N ALA A 155 -9.14 -49.29 15.47
CA ALA A 155 -7.96 -48.94 16.17
C ALA A 155 -7.48 -50.20 16.83
N ARG A 156 -8.39 -50.88 17.52
CA ARG A 156 -7.94 -52.09 18.16
C ARG A 156 -7.80 -53.19 17.15
N ARG A 157 -8.50 -53.04 16.03
CA ARG A 157 -8.42 -54.07 15.03
C ARG A 157 -7.17 -53.94 14.23
N GLY A 158 -6.26 -53.13 14.77
CA GLY A 158 -4.96 -52.85 14.15
C GLY A 158 -5.00 -51.54 13.41
N GLU A 159 -5.89 -51.58 12.38
CA GLU A 159 -6.37 -50.62 11.34
C GLU A 159 -5.85 -49.17 11.30
N LEU A 160 -5.69 -48.57 12.47
CA LEU A 160 -5.22 -47.19 12.56
C LEU A 160 -3.88 -47.09 13.26
N LEU A 161 -3.09 -46.19 12.67
CA LEU A 161 -1.81 -45.89 13.14
C LEU A 161 -1.80 -44.48 13.68
N PHE A 162 -0.87 -44.23 14.54
CA PHE A 162 -0.69 -42.95 15.09
C PHE A 162 0.70 -42.49 14.88
N GLY A 163 0.83 -41.23 14.75
CA GLY A 163 2.14 -40.82 14.67
C GLY A 163 2.18 -39.37 14.84
N THR A 164 3.32 -39.01 15.29
CA THR A 164 3.84 -37.70 15.38
C THR A 164 4.32 -37.48 13.94
N VAL A 165 5.01 -36.34 13.72
CA VAL A 165 5.50 -36.02 12.38
C VAL A 165 6.45 -37.07 11.81
N ASP A 166 7.58 -37.28 12.55
CA ASP A 166 8.66 -38.20 12.21
C ASP A 166 8.08 -39.48 11.85
N THR A 167 7.15 -39.93 12.71
CA THR A 167 6.46 -41.16 12.44
C THR A 167 5.90 -41.09 11.06
N TRP A 168 5.07 -40.02 10.83
CA TRP A 168 4.40 -39.81 9.56
C TRP A 168 5.34 -39.67 8.32
N LEU A 169 6.45 -39.01 8.49
CA LEU A 169 7.29 -38.83 7.38
C LEU A 169 8.04 -40.14 7.06
N ILE A 170 8.68 -40.69 8.10
CA ILE A 170 9.38 -41.96 7.94
C ILE A 170 8.44 -43.06 7.44
N TRP A 171 7.21 -43.11 7.91
CA TRP A 171 6.30 -44.14 7.38
C TRP A 171 6.11 -44.05 5.91
N LYS A 172 6.11 -42.82 5.52
CA LYS A 172 5.84 -42.48 4.17
C LYS A 172 7.00 -42.67 3.26
N MET A 173 8.21 -42.42 3.75
CA MET A 173 9.39 -42.63 2.87
C MET A 173 9.82 -44.09 2.80
N THR A 174 9.21 -44.92 3.65
CA THR A 174 9.45 -46.34 3.62
C THR A 174 8.20 -47.08 3.13
N GLN A 175 7.34 -46.38 2.39
CA GLN A 175 6.23 -47.07 1.82
C GLN A 175 5.33 -47.71 2.79
N GLY A 176 5.62 -47.45 4.03
CA GLY A 176 4.73 -48.02 5.02
C GLY A 176 5.43 -49.14 5.74
N ARG A 177 6.54 -49.52 5.16
CA ARG A 177 7.36 -50.61 5.72
C ARG A 177 7.65 -50.37 7.15
N VAL A 178 8.13 -49.15 7.43
CA VAL A 178 8.50 -48.69 8.78
C VAL A 178 7.48 -47.87 9.57
N HIS A 179 7.42 -48.13 10.89
CA HIS A 179 6.56 -47.44 11.88
C HIS A 179 7.29 -47.12 13.20
N VAL A 180 8.36 -46.38 13.04
CA VAL A 180 9.19 -46.02 14.14
C VAL A 180 9.00 -44.58 14.65
N THR A 181 9.62 -44.30 15.80
CA THR A 181 9.73 -43.05 16.57
C THR A 181 10.82 -43.11 17.60
N ASP A 182 11.40 -41.97 17.88
CA ASP A 182 12.42 -41.90 18.83
C ASP A 182 11.88 -41.58 20.24
N TYR A 183 12.83 -41.52 21.12
CA TYR A 183 12.46 -41.25 22.47
C TYR A 183 11.89 -39.87 22.58
N THR A 184 12.82 -38.88 22.47
CA THR A 184 12.56 -37.45 22.46
C THR A 184 11.13 -37.17 22.05
N ASN A 185 10.88 -37.63 20.85
CA ASN A 185 9.57 -37.48 20.32
C ASN A 185 8.50 -38.13 21.22
N ALA A 186 8.68 -39.40 21.55
CA ALA A 186 7.72 -40.12 22.35
C ALA A 186 7.36 -39.41 23.65
N SER A 187 8.38 -38.81 24.31
CA SER A 187 8.17 -38.11 25.58
C SER A 187 7.00 -37.10 25.57
N ARG A 188 6.97 -36.29 24.52
CA ARG A 188 6.01 -35.23 24.21
C ARG A 188 4.59 -35.69 23.96
N THR A 189 4.31 -37.01 24.08
CA THR A 189 2.98 -37.55 23.72
C THR A 189 2.06 -37.52 24.92
N MET A 190 2.76 -37.50 26.06
CA MET A 190 2.13 -37.59 27.36
C MET A 190 1.63 -39.01 27.53
N LEU A 191 1.99 -39.89 26.59
CA LEU A 191 1.55 -41.28 26.55
C LEU A 191 2.58 -42.31 27.10
N PHE A 192 3.85 -41.97 26.96
CA PHE A 192 4.99 -42.78 27.28
C PHE A 192 5.80 -42.33 28.47
N ASN A 193 6.28 -43.32 29.33
CA ASN A 193 7.10 -43.22 30.57
C ASN A 193 8.58 -42.95 30.41
N ILE A 194 8.96 -41.82 30.92
CA ILE A 194 10.31 -41.41 30.73
C ILE A 194 11.34 -42.12 31.52
N HIS A 195 10.93 -42.73 32.60
CA HIS A 195 11.89 -43.49 33.37
C HIS A 195 11.95 -44.85 32.86
N THR A 196 10.75 -45.36 32.72
CA THR A 196 10.50 -46.69 32.27
C THR A 196 11.06 -46.91 30.88
N LEU A 197 10.90 -45.89 30.03
CA LEU A 197 11.28 -45.93 28.62
C LEU A 197 10.29 -46.57 27.73
N ASP A 198 9.07 -46.63 28.20
CA ASP A 198 8.07 -47.22 27.36
C ASP A 198 6.68 -46.70 27.66
N TRP A 199 5.76 -46.91 26.72
CA TRP A 199 4.39 -46.50 26.81
C TRP A 199 3.81 -46.69 28.19
N ASP A 200 3.25 -45.63 28.74
CA ASP A 200 2.64 -45.75 30.03
C ASP A 200 1.16 -46.14 29.91
N ASP A 201 0.87 -47.36 30.27
CA ASP A 201 -0.45 -47.96 30.13
C ASP A 201 -1.50 -47.41 31.03
N LYS A 202 -1.07 -46.80 32.14
CA LYS A 202 -2.06 -46.12 32.99
C LYS A 202 -2.75 -45.13 32.04
N MET A 203 -1.86 -44.32 31.46
CA MET A 203 -2.19 -43.36 30.45
C MET A 203 -3.08 -44.03 29.48
N LEU A 204 -2.48 -44.72 28.52
CA LEU A 204 -3.20 -45.51 27.51
C LEU A 204 -4.61 -45.99 27.87
N GLU A 205 -4.78 -46.18 29.16
CA GLU A 205 -5.98 -46.61 29.81
C GLU A 205 -6.84 -45.40 30.07
N VAL A 206 -6.23 -44.44 30.82
CA VAL A 206 -6.92 -43.15 31.09
C VAL A 206 -7.57 -42.62 29.77
N LEU A 207 -6.69 -42.45 28.80
CA LEU A 207 -7.09 -41.92 27.54
C LEU A 207 -7.77 -42.87 26.61
N ASP A 208 -7.78 -44.14 26.97
CA ASP A 208 -8.45 -45.08 26.11
C ASP A 208 -7.90 -45.10 24.68
N ILE A 209 -6.57 -45.33 24.60
CA ILE A 209 -5.82 -45.43 23.36
C ILE A 209 -5.23 -46.84 23.12
N PRO A 210 -5.85 -47.57 22.20
CA PRO A 210 -5.41 -48.92 21.76
C PRO A 210 -3.97 -48.94 21.26
N ARG A 211 -3.11 -49.59 22.03
CA ARG A 211 -1.64 -49.74 21.77
C ARG A 211 -1.24 -50.34 20.42
N GLU A 212 -2.25 -50.81 19.74
CA GLU A 212 -2.19 -51.33 18.42
C GLU A 212 -1.68 -50.20 17.57
N MET A 213 -2.47 -49.19 17.65
CA MET A 213 -2.17 -48.04 16.91
C MET A 213 -0.83 -47.44 17.20
N LEU A 214 -0.21 -47.71 18.36
CA LEU A 214 1.14 -47.20 18.73
C LEU A 214 2.30 -47.65 17.84
N PRO A 215 3.47 -46.96 17.90
CA PRO A 215 4.59 -47.29 16.97
C PRO A 215 5.79 -47.66 17.81
N GLU A 216 6.98 -47.87 17.27
CA GLU A 216 7.92 -48.20 18.29
C GLU A 216 8.84 -47.12 18.58
N VAL A 217 8.98 -46.88 19.84
CA VAL A 217 10.00 -45.96 20.31
C VAL A 217 11.41 -46.53 20.00
N ARG A 218 12.31 -45.65 19.57
CA ARG A 218 13.61 -46.11 19.15
C ARG A 218 14.71 -45.24 19.55
N ARG A 219 15.88 -45.49 19.02
CA ARG A 219 17.00 -44.68 19.43
C ARG A 219 17.15 -43.41 18.59
N SER A 220 17.54 -42.33 19.20
CA SER A 220 17.65 -41.13 18.39
C SER A 220 18.73 -41.24 17.31
N SER A 221 19.69 -42.17 17.49
CA SER A 221 20.73 -42.31 16.49
C SER A 221 20.84 -43.72 16.13
N GLU A 222 20.33 -44.04 14.98
CA GLU A 222 20.28 -45.39 14.61
C GLU A 222 19.57 -45.62 13.26
N VAL A 223 20.15 -46.50 12.44
CA VAL A 223 19.51 -46.85 11.19
C VAL A 223 18.22 -47.57 11.48
N TYR A 224 17.15 -46.88 11.05
CA TYR A 224 15.76 -47.30 11.16
C TYR A 224 15.32 -47.89 9.82
N GLY A 225 16.03 -47.54 8.71
CA GLY A 225 15.57 -48.04 7.43
C GLY A 225 16.17 -47.30 6.24
N GLN A 226 15.52 -47.51 5.09
CA GLN A 226 15.98 -46.97 3.83
C GLN A 226 14.90 -46.40 2.93
N THR A 227 15.32 -45.50 2.07
CA THR A 227 14.38 -44.89 1.15
C THR A 227 14.96 -45.02 -0.20
N ASN A 228 13.99 -44.97 -1.10
CA ASN A 228 14.24 -45.03 -2.50
C ASN A 228 13.58 -43.81 -3.20
N ILE A 229 14.45 -42.96 -3.65
CA ILE A 229 14.08 -41.81 -4.44
C ILE A 229 14.61 -41.84 -5.88
N GLY A 230 14.66 -43.02 -6.46
CA GLY A 230 15.10 -43.15 -7.85
C GLY A 230 16.63 -43.02 -7.95
N GLY A 231 17.10 -42.97 -9.19
CA GLY A 231 18.54 -42.95 -9.44
C GLY A 231 19.01 -44.18 -10.24
N LYS A 232 20.26 -44.49 -10.02
CA LYS A 232 20.91 -45.62 -10.65
C LYS A 232 20.47 -46.82 -9.85
N GLY A 233 19.46 -47.56 -10.38
CA GLY A 233 18.80 -48.75 -9.80
C GLY A 233 19.45 -49.28 -8.51
N GLY A 234 18.65 -49.70 -7.52
CA GLY A 234 19.25 -50.28 -6.32
C GLY A 234 19.81 -49.37 -5.26
N THR A 235 19.68 -48.08 -5.56
CA THR A 235 20.04 -46.97 -4.70
C THR A 235 19.02 -46.85 -3.53
N ARG A 236 19.48 -46.61 -2.31
CA ARG A 236 18.51 -46.51 -1.19
C ARG A 236 19.14 -45.69 -0.01
N ILE A 237 18.37 -45.00 0.82
CA ILE A 237 19.18 -44.28 1.78
C ILE A 237 18.67 -44.57 3.09
N PRO A 238 19.62 -44.69 3.91
CA PRO A 238 19.47 -44.96 5.28
C PRO A 238 18.91 -43.74 6.04
N ILE A 239 18.04 -44.09 6.98
CA ILE A 239 17.46 -43.15 7.91
C ILE A 239 17.99 -43.51 9.29
N SER A 240 18.99 -42.75 9.69
CA SER A 240 19.77 -42.95 10.89
C SER A 240 19.48 -42.01 12.05
N GLY A 241 18.72 -40.93 11.78
CA GLY A 241 18.45 -39.87 12.74
C GLY A 241 16.99 -39.44 12.89
N ILE A 242 16.66 -39.22 14.15
CA ILE A 242 15.36 -38.70 14.62
C ILE A 242 15.54 -37.95 15.92
N ALA A 243 14.82 -36.84 16.03
CA ALA A 243 14.75 -35.95 17.23
C ALA A 243 13.67 -34.88 17.10
N GLY A 244 13.13 -34.47 18.23
CA GLY A 244 12.23 -33.29 18.22
C GLY A 244 13.15 -32.08 18.03
N ASP A 245 12.82 -31.23 17.06
CA ASP A 245 13.65 -30.11 16.69
C ASP A 245 14.22 -29.36 17.85
N GLN A 246 13.47 -29.42 18.95
CA GLN A 246 13.99 -28.78 20.11
C GLN A 246 15.26 -29.41 20.64
N GLN A 247 15.12 -30.71 20.86
CA GLN A 247 16.18 -31.61 21.26
C GLN A 247 17.14 -31.66 20.11
N ALA A 248 16.56 -31.67 18.94
CA ALA A 248 17.31 -31.67 17.72
C ALA A 248 18.31 -30.55 17.70
N ALA A 249 17.81 -29.44 18.24
CA ALA A 249 18.52 -28.19 18.31
C ALA A 249 19.56 -28.18 19.40
N LEU A 250 19.15 -28.64 20.60
CA LEU A 250 20.08 -28.69 21.74
C LEU A 250 21.36 -29.42 21.38
N PHE A 251 21.18 -30.38 20.47
CA PHE A 251 22.25 -31.19 19.95
C PHE A 251 23.11 -30.47 18.93
N GLY A 252 22.50 -29.97 17.80
CA GLY A 252 23.24 -29.21 16.75
C GLY A 252 24.13 -28.18 17.45
N GLN A 253 23.59 -27.66 18.54
CA GLN A 253 24.29 -26.68 19.35
C GLN A 253 25.39 -27.25 20.27
N LEU A 254 25.56 -28.58 20.27
CA LEU A 254 26.58 -29.26 21.07
C LEU A 254 26.36 -29.19 22.57
N CYS A 255 25.12 -28.94 22.99
CA CYS A 255 24.80 -28.86 24.43
C CYS A 255 24.46 -30.26 24.90
N VAL A 256 25.54 -30.98 25.10
CA VAL A 256 25.46 -32.37 25.42
C VAL A 256 25.93 -32.75 26.82
N LYS A 257 26.38 -31.74 27.53
CA LYS A 257 26.80 -31.87 28.90
C LYS A 257 25.79 -31.21 29.81
N GLU A 258 25.73 -31.64 31.06
CA GLU A 258 24.73 -31.04 31.91
C GLU A 258 25.00 -29.61 32.30
N GLY A 259 23.90 -28.84 32.38
CA GLY A 259 23.90 -27.41 32.72
C GLY A 259 24.01 -26.55 31.46
N MET A 260 23.99 -27.25 30.30
CA MET A 260 24.05 -26.56 29.03
C MET A 260 22.67 -26.43 28.43
N ALA A 261 22.47 -25.20 27.99
CA ALA A 261 21.21 -24.83 27.42
C ALA A 261 21.35 -23.86 26.29
N LYS A 262 20.23 -23.70 25.66
CA LYS A 262 20.13 -22.79 24.60
C LYS A 262 18.71 -22.34 24.51
N ASN A 263 18.56 -21.26 23.78
CA ASN A 263 17.29 -20.74 23.47
C ASN A 263 17.14 -20.73 21.97
N THR A 264 15.95 -21.03 21.54
CA THR A 264 15.64 -21.14 20.16
C THR A 264 14.42 -20.32 19.83
N TYR A 265 14.58 -19.50 18.80
CA TYR A 265 13.62 -18.51 18.31
C TYR A 265 13.01 -18.76 16.98
N GLY A 266 12.10 -19.66 16.97
CA GLY A 266 11.48 -19.90 15.72
C GLY A 266 10.08 -19.42 15.89
N THR A 267 9.17 -20.17 15.33
CA THR A 267 7.74 -19.91 15.41
C THR A 267 7.34 -19.68 16.87
N GLY A 268 8.20 -20.19 17.73
CA GLY A 268 7.98 -20.12 19.15
C GLY A 268 9.26 -20.06 19.92
N CYS A 269 9.14 -20.38 21.17
CA CYS A 269 10.32 -20.25 21.90
C CYS A 269 10.61 -21.39 22.79
N PHE A 270 11.85 -21.92 22.60
CA PHE A 270 12.32 -23.02 23.38
C PHE A 270 13.68 -22.98 24.00
N MET A 271 13.56 -22.94 25.30
CA MET A 271 14.70 -23.00 26.13
C MET A 271 14.88 -24.42 26.76
N LEU A 272 16.07 -24.95 26.62
CA LEU A 272 16.26 -26.26 27.18
C LEU A 272 17.58 -26.34 27.77
N MET A 273 17.61 -26.96 28.91
CA MET A 273 18.87 -27.20 29.54
C MET A 273 19.06 -28.69 29.64
N ASN A 274 20.29 -29.08 29.47
CA ASN A 274 20.62 -30.49 29.55
C ASN A 274 20.83 -30.87 31.00
N THR A 275 20.10 -31.86 31.56
CA THR A 275 20.30 -32.28 32.96
C THR A 275 21.09 -33.54 33.15
N GLY A 276 21.96 -33.85 32.17
CA GLY A 276 22.74 -35.07 32.26
C GLY A 276 21.83 -36.31 32.37
N GLU A 277 22.20 -37.24 33.24
CA GLU A 277 21.31 -38.37 33.30
C GLU A 277 20.23 -38.31 34.34
N LYS A 278 20.23 -37.20 35.02
CA LYS A 278 19.22 -36.99 36.00
C LYS A 278 18.04 -36.24 35.42
N ALA A 279 16.85 -36.74 35.71
CA ALA A 279 15.65 -36.09 35.27
C ALA A 279 15.15 -35.17 36.35
N VAL A 280 15.62 -33.94 36.35
CA VAL A 280 15.18 -32.95 37.31
C VAL A 280 13.68 -32.59 37.10
N LYS A 281 12.93 -32.59 38.24
CA LYS A 281 11.49 -32.28 38.37
C LYS A 281 11.27 -30.78 38.57
N SER A 282 10.58 -30.16 37.64
CA SER A 282 10.37 -28.75 37.68
C SER A 282 9.41 -28.43 38.78
N GLU A 283 9.54 -27.17 39.23
CA GLU A 283 8.73 -26.66 40.31
C GLU A 283 8.49 -25.20 40.13
N ASN A 284 8.68 -24.81 38.88
CA ASN A 284 8.51 -23.44 38.46
C ASN A 284 7.85 -23.32 37.09
N GLY A 285 6.89 -24.20 36.78
CA GLY A 285 6.23 -24.17 35.47
C GLY A 285 6.98 -24.82 34.28
N LEU A 286 8.25 -25.26 34.47
CA LEU A 286 9.06 -25.89 33.39
C LEU A 286 8.77 -27.36 33.22
N LEU A 287 9.12 -27.91 32.05
CA LEU A 287 9.00 -29.36 31.74
C LEU A 287 10.30 -30.11 31.85
N THR A 288 10.13 -31.40 32.01
CA THR A 288 11.24 -32.34 32.06
C THR A 288 11.12 -33.24 30.86
N THR A 289 12.13 -33.24 29.99
CA THR A 289 11.99 -34.14 28.85
C THR A 289 13.28 -34.91 28.45
N ILE A 290 13.11 -35.87 27.56
CA ILE A 290 14.26 -36.61 27.15
C ILE A 290 15.10 -35.76 26.26
N ALA A 291 16.37 -35.98 26.27
CA ALA A 291 17.22 -35.24 25.38
C ALA A 291 18.21 -36.22 24.73
N CYS A 292 19.40 -35.77 24.33
CA CYS A 292 20.40 -36.56 23.72
C CYS A 292 21.73 -36.25 24.28
N GLY A 293 22.35 -37.37 24.70
CA GLY A 293 23.70 -37.43 25.18
C GLY A 293 24.62 -37.31 23.95
N PRO A 294 25.91 -37.38 24.19
CA PRO A 294 26.90 -37.18 23.13
C PRO A 294 27.02 -38.30 22.13
N THR A 295 26.13 -39.28 22.25
CA THR A 295 26.20 -40.40 21.32
C THR A 295 24.83 -40.78 20.74
N GLY A 296 23.80 -40.04 21.19
CA GLY A 296 22.43 -40.22 20.77
C GLY A 296 21.73 -40.78 21.97
N GLU A 297 22.50 -40.85 23.00
CA GLU A 297 22.01 -41.44 24.19
C GLU A 297 21.03 -40.59 24.86
N VAL A 298 20.03 -41.27 25.28
CA VAL A 298 18.99 -40.68 26.05
C VAL A 298 19.55 -39.85 27.19
N ASN A 299 19.35 -38.52 27.12
CA ASN A 299 19.71 -37.65 28.20
C ASN A 299 18.45 -37.05 28.74
N TYR A 300 18.57 -36.15 29.70
CA TYR A 300 17.39 -35.53 30.25
C TYR A 300 17.42 -34.03 30.17
N ALA A 301 16.23 -33.39 30.20
CA ALA A 301 16.20 -31.93 30.09
C ALA A 301 15.07 -31.15 30.71
N LEU A 302 15.54 -29.95 31.00
CA LEU A 302 14.69 -28.94 31.51
C LEU A 302 14.30 -28.10 30.32
N GLU A 303 13.01 -27.97 30.17
CA GLU A 303 12.53 -27.25 29.01
C GLU A 303 11.37 -26.33 29.30
N GLY A 304 11.53 -25.13 28.73
CA GLY A 304 10.58 -24.03 28.75
C GLY A 304 10.04 -23.81 27.36
N ALA A 305 8.72 -24.05 27.23
CA ALA A 305 8.04 -23.97 25.95
C ALA A 305 7.12 -22.74 25.82
N VAL A 306 7.50 -21.83 24.83
CA VAL A 306 6.76 -20.59 24.46
C VAL A 306 6.03 -20.76 23.13
N PHE A 307 4.74 -20.72 23.24
CA PHE A 307 3.89 -20.87 22.10
C PHE A 307 3.95 -19.79 20.98
N MET A 308 4.09 -18.46 21.30
CA MET A 308 4.10 -17.46 20.23
C MET A 308 5.35 -16.69 20.29
N ALA A 309 6.07 -16.83 19.22
CA ALA A 309 7.32 -16.12 19.12
C ALA A 309 7.52 -15.60 17.70
N GLY A 310 8.07 -16.37 16.80
CA GLY A 310 8.18 -15.82 15.45
C GLY A 310 6.79 -15.76 14.82
N ALA A 311 5.88 -16.47 15.45
CA ALA A 311 4.51 -16.58 15.01
C ALA A 311 3.84 -15.22 14.97
N SER A 312 4.09 -14.50 16.05
CA SER A 312 3.58 -13.16 16.23
C SER A 312 3.89 -12.23 15.02
N ILE A 313 5.19 -12.19 14.68
CA ILE A 313 5.69 -11.47 13.53
C ILE A 313 5.02 -11.92 12.22
N GLN A 314 4.71 -13.19 12.14
CA GLN A 314 4.07 -13.59 10.92
C GLN A 314 2.68 -12.97 10.86
N TRP A 315 2.05 -12.95 12.07
CA TRP A 315 0.72 -12.42 12.27
C TRP A 315 0.59 -10.99 11.71
N LEU A 316 1.48 -10.19 12.23
CA LEU A 316 1.69 -8.81 11.79
C LEU A 316 1.79 -8.66 10.28
N ARG A 317 2.67 -9.42 9.71
CA ARG A 317 2.91 -9.27 8.31
C ARG A 317 1.82 -9.75 7.43
N ASP A 318 1.25 -10.88 7.84
CA ASP A 318 0.28 -11.63 7.05
C ASP A 318 -1.15 -11.38 7.30
N GLU A 319 -1.38 -11.10 8.57
CA GLU A 319 -2.72 -10.94 9.01
C GLU A 319 -3.03 -9.47 9.20
N MET A 320 -2.19 -8.83 9.97
CA MET A 320 -2.31 -7.42 10.18
C MET A 320 -1.86 -6.79 8.90
N LYS A 321 -0.96 -7.56 8.28
CA LYS A 321 -0.46 -7.09 7.03
C LYS A 321 0.32 -5.83 7.29
N LEU A 322 0.62 -5.57 8.52
CA LEU A 322 1.38 -4.38 8.87
C LEU A 322 2.80 -4.47 8.34
N ILE A 323 3.26 -5.65 7.93
CA ILE A 323 4.64 -5.69 7.43
C ILE A 323 4.75 -6.47 6.17
N ASN A 324 5.82 -6.18 5.41
CA ASN A 324 6.01 -6.86 4.15
C ASN A 324 6.86 -8.11 4.19
N ASP A 325 7.92 -7.98 5.00
CA ASP A 325 8.90 -9.01 5.22
C ASP A 325 9.20 -8.98 6.70
N ALA A 326 9.53 -10.14 7.25
CA ALA A 326 9.85 -10.24 8.66
C ALA A 326 11.07 -9.45 9.04
N TYR A 327 11.93 -9.30 8.04
CA TYR A 327 13.11 -8.54 8.27
C TYR A 327 12.74 -7.03 8.52
N ASP A 328 11.56 -6.65 8.06
CA ASP A 328 11.05 -5.31 8.22
C ASP A 328 10.94 -4.89 9.71
N SER A 329 10.30 -5.74 10.46
CA SER A 329 10.07 -5.63 11.89
C SER A 329 11.12 -4.89 12.69
N GLU A 330 12.39 -5.24 12.52
CA GLU A 330 13.40 -4.56 13.28
C GLU A 330 13.54 -3.11 12.91
N TYR A 331 13.46 -2.87 11.60
CA TYR A 331 13.51 -1.52 11.06
C TYR A 331 12.45 -0.64 11.76
N PHE A 332 11.20 -0.96 11.57
CA PHE A 332 10.12 -0.28 12.26
C PHE A 332 10.24 -0.10 13.72
N ALA A 333 10.76 -1.07 14.35
CA ALA A 333 10.76 -1.02 15.77
C ALA A 333 11.75 0.00 16.22
N THR A 334 12.69 0.14 15.35
CA THR A 334 13.77 1.04 15.69
C THR A 334 13.40 2.46 15.31
N LYS A 335 12.34 2.50 14.55
CA LYS A 335 11.76 3.71 14.16
C LYS A 335 11.18 4.46 15.39
N VAL A 336 10.59 3.74 16.35
CA VAL A 336 10.11 4.35 17.60
C VAL A 336 11.34 4.36 18.54
N GLN A 337 11.18 4.40 19.85
CA GLN A 337 12.32 4.39 20.76
C GLN A 337 11.95 3.76 22.10
N ASN A 338 10.64 3.62 22.28
CA ASN A 338 9.98 3.03 23.39
C ASN A 338 8.79 2.60 22.66
N THR A 339 7.86 2.00 23.41
CA THR A 339 6.65 1.53 22.84
C THR A 339 5.50 2.38 23.28
N ASN A 340 5.84 3.59 23.77
CA ASN A 340 4.81 4.46 24.27
C ASN A 340 3.95 3.83 25.31
N GLY A 341 4.58 2.93 26.15
CA GLY A 341 4.01 2.15 27.29
C GLY A 341 2.96 1.14 26.89
N VAL A 342 3.06 0.68 25.66
CA VAL A 342 2.14 -0.33 25.19
C VAL A 342 2.79 -1.72 25.38
N TYR A 343 1.98 -2.74 25.73
CA TYR A 343 2.40 -4.16 25.77
C TYR A 343 1.51 -5.05 24.93
N VAL A 344 2.17 -6.00 24.29
CA VAL A 344 1.57 -7.07 23.51
C VAL A 344 1.72 -8.47 24.19
N VAL A 345 0.58 -9.19 24.26
CA VAL A 345 0.61 -10.51 24.85
C VAL A 345 0.07 -11.51 23.87
N PRO A 346 1.05 -12.21 23.32
CA PRO A 346 0.91 -13.17 22.24
C PRO A 346 0.55 -14.58 22.82
N ALA A 347 -0.73 -14.66 23.09
CA ALA A 347 -1.37 -15.75 23.68
C ALA A 347 -2.46 -16.21 22.75
N PHE A 348 -2.20 -15.96 21.48
CA PHE A 348 -3.13 -16.37 20.48
C PHE A 348 -3.52 -17.79 20.63
N THR A 349 -2.60 -18.53 21.18
CA THR A 349 -2.68 -19.99 21.28
C THR A 349 -2.62 -20.62 22.69
N GLY A 350 -2.99 -19.84 23.70
CA GLY A 350 -2.97 -20.16 25.11
C GLY A 350 -1.66 -19.65 25.71
N LEU A 351 -1.38 -20.00 27.01
CA LEU A 351 -0.15 -19.60 27.70
C LEU A 351 1.06 -20.43 27.69
N GLY A 352 1.04 -21.65 28.12
CA GLY A 352 2.41 -22.20 27.96
C GLY A 352 3.31 -21.72 29.10
N ALA A 353 4.44 -22.41 29.29
CA ALA A 353 5.30 -22.16 30.45
C ALA A 353 5.61 -20.73 30.67
N PRO A 354 5.70 -20.35 31.92
CA PRO A 354 5.48 -21.14 33.09
C PRO A 354 4.05 -21.10 33.51
N TYR A 355 3.25 -20.40 32.73
CA TYR A 355 1.89 -20.35 33.10
C TYR A 355 1.05 -21.55 32.66
N TRP A 356 1.07 -21.99 31.39
CA TRP A 356 0.14 -23.06 30.97
C TRP A 356 -1.25 -22.50 31.18
N ASP A 357 -1.79 -21.83 30.18
CA ASP A 357 -3.10 -21.25 30.34
C ASP A 357 -3.65 -21.15 28.99
N PRO A 358 -4.38 -22.16 28.78
CA PRO A 358 -5.05 -22.51 27.59
C PRO A 358 -6.28 -21.69 27.49
N TYR A 359 -6.58 -20.97 28.57
CA TYR A 359 -7.75 -20.08 28.45
C TYR A 359 -7.38 -18.65 28.05
N ALA A 360 -6.10 -18.25 28.15
CA ALA A 360 -5.65 -16.96 27.77
C ALA A 360 -5.63 -16.89 26.26
N ARG A 361 -5.94 -15.68 25.72
CA ARG A 361 -5.94 -15.32 24.26
C ARG A 361 -5.10 -14.06 24.05
N GLY A 362 -4.77 -13.76 22.80
CA GLY A 362 -3.96 -12.57 22.57
C GLY A 362 -4.55 -11.20 23.05
N ALA A 363 -3.66 -10.38 23.57
CA ALA A 363 -4.12 -9.08 24.02
C ALA A 363 -3.12 -7.94 24.00
N ILE A 364 -3.67 -6.77 23.72
CA ILE A 364 -2.82 -5.59 23.64
C ILE A 364 -3.15 -4.52 24.63
N PHE A 365 -2.13 -4.00 25.29
CA PHE A 365 -2.36 -3.00 26.32
C PHE A 365 -1.56 -1.73 26.18
N GLY A 366 -2.07 -0.75 26.96
CA GLY A 366 -1.59 0.61 27.06
C GLY A 366 -1.91 1.52 25.86
N LEU A 367 -2.95 1.25 25.04
CA LEU A 367 -3.12 2.19 23.86
C LEU A 367 -3.52 3.65 24.09
N THR A 368 -3.01 4.55 23.30
CA THR A 368 -3.43 5.94 23.39
C THR A 368 -3.39 6.50 22.00
N ARG A 369 -3.93 7.67 21.91
CA ARG A 369 -4.02 8.34 20.64
C ARG A 369 -2.72 8.55 19.85
N GLY A 370 -1.60 8.61 20.55
CA GLY A 370 -0.36 8.79 19.85
C GLY A 370 0.34 7.45 19.65
N VAL A 371 -0.30 6.41 20.05
CA VAL A 371 0.35 5.15 19.86
C VAL A 371 0.14 4.78 18.42
N ASN A 372 1.23 4.46 17.67
CA ASN A 372 1.13 4.05 16.24
C ASN A 372 1.68 2.66 15.96
N ALA A 373 1.46 2.20 14.71
CA ALA A 373 1.94 0.88 14.22
C ALA A 373 3.35 0.45 14.72
N ASN A 374 4.33 1.20 14.31
CA ASN A 374 5.68 1.04 14.76
C ASN A 374 5.85 0.70 16.25
N HIS A 375 5.22 1.45 17.17
CA HIS A 375 5.22 1.23 18.63
C HIS A 375 4.74 -0.18 18.92
N ILE A 376 3.69 -0.52 18.20
CA ILE A 376 3.05 -1.80 18.28
C ILE A 376 3.93 -2.96 17.84
N ILE A 377 4.49 -2.82 16.65
CA ILE A 377 5.44 -3.74 16.15
C ILE A 377 6.49 -3.99 17.20
N ARG A 378 7.17 -2.97 17.57
CA ARG A 378 8.20 -3.07 18.58
C ARG A 378 7.73 -3.74 19.86
N ALA A 379 6.44 -3.55 20.15
CA ALA A 379 5.91 -4.12 21.38
C ALA A 379 5.95 -5.63 21.20
N THR A 380 5.49 -6.05 20.00
CA THR A 380 5.53 -7.46 19.60
C THR A 380 6.92 -8.12 19.89
N LEU A 381 7.98 -7.61 19.21
CA LEU A 381 9.34 -8.04 19.43
C LEU A 381 9.59 -8.12 20.90
N GLU A 382 9.28 -7.05 21.56
CA GLU A 382 9.53 -6.98 22.97
C GLU A 382 9.01 -8.16 23.77
N SER A 383 7.84 -8.63 23.37
CA SER A 383 7.08 -9.67 24.03
C SER A 383 7.81 -10.96 23.98
N ILE A 384 8.68 -11.01 23.00
CA ILE A 384 9.49 -12.19 22.85
C ILE A 384 10.62 -12.24 23.88
N ALA A 385 11.37 -11.16 23.99
CA ALA A 385 12.37 -11.19 25.02
C ALA A 385 11.75 -11.35 26.43
N TYR A 386 10.45 -10.98 26.58
CA TYR A 386 9.75 -11.06 27.88
C TYR A 386 9.45 -12.49 28.29
N GLN A 387 8.75 -13.19 27.40
CA GLN A 387 8.40 -14.57 27.63
C GLN A 387 9.67 -15.35 27.94
N THR A 388 10.77 -14.93 27.34
CA THR A 388 12.04 -15.56 27.61
C THR A 388 12.52 -15.31 29.02
N ARG A 389 12.55 -14.09 29.43
CA ARG A 389 13.08 -13.82 30.75
C ARG A 389 12.20 -14.52 31.74
N ASP A 390 10.98 -14.70 31.30
CA ASP A 390 10.03 -15.37 32.14
C ASP A 390 10.49 -16.74 32.54
N VAL A 391 10.70 -17.60 31.53
CA VAL A 391 11.14 -18.98 31.73
C VAL A 391 12.55 -19.03 32.23
N LEU A 392 13.33 -18.06 31.87
CA LEU A 392 14.71 -18.11 32.27
C LEU A 392 14.91 -18.14 33.77
N GLU A 393 14.01 -17.41 34.44
CA GLU A 393 14.00 -17.33 35.89
C GLU A 393 13.75 -18.71 36.52
N ALA A 394 12.65 -19.33 36.14
CA ALA A 394 12.32 -20.68 36.52
C ALA A 394 13.48 -21.64 36.27
N MET A 395 14.12 -21.49 35.09
CA MET A 395 15.28 -22.29 34.71
C MET A 395 16.22 -22.19 35.86
N GLN A 396 16.65 -20.97 36.16
CA GLN A 396 17.52 -20.90 37.33
C GLN A 396 16.83 -21.10 38.66
N ALA A 397 15.54 -21.23 38.67
CA ALA A 397 14.97 -21.59 39.93
C ALA A 397 15.32 -23.08 39.96
N ASP A 398 14.60 -23.81 39.09
CA ASP A 398 14.68 -25.23 38.91
C ASP A 398 16.13 -25.67 38.78
N SER A 399 16.86 -25.09 37.84
CA SER A 399 18.27 -25.46 37.62
C SER A 399 19.13 -25.11 38.77
N GLY A 400 18.78 -24.03 39.43
CA GLY A 400 19.66 -23.60 40.50
C GLY A 400 20.97 -23.03 39.90
N ILE A 401 21.13 -23.17 38.60
CA ILE A 401 22.29 -22.62 37.96
C ILE A 401 21.97 -21.27 37.31
N ARG A 402 22.83 -20.29 37.62
CA ARG A 402 22.78 -18.92 37.14
C ARG A 402 23.55 -18.76 35.83
N LEU A 403 22.85 -18.92 34.74
CA LEU A 403 23.46 -18.88 33.42
C LEU A 403 24.10 -17.54 33.17
N HIS A 404 25.40 -17.56 32.81
CA HIS A 404 26.23 -16.38 32.57
C HIS A 404 26.03 -15.64 31.24
N ALA A 405 25.61 -16.39 30.25
CA ALA A 405 25.31 -15.91 28.91
C ALA A 405 24.40 -16.88 28.12
N LEU A 406 23.40 -16.33 27.46
CA LEU A 406 22.52 -17.20 26.77
C LEU A 406 23.01 -17.42 25.37
N ARG A 407 22.96 -18.70 25.00
CA ARG A 407 23.32 -19.17 23.70
C ARG A 407 22.07 -19.25 22.90
N VAL A 408 22.16 -18.84 21.69
CA VAL A 408 20.93 -18.84 20.99
C VAL A 408 20.93 -19.41 19.57
N ASP A 409 19.72 -19.62 19.08
CA ASP A 409 19.53 -20.04 17.71
C ASP A 409 18.06 -19.91 17.34
N GLY A 410 17.82 -19.98 16.05
CA GLY A 410 16.53 -19.91 15.44
C GLY A 410 16.52 -18.85 14.34
N GLY A 411 15.47 -18.89 13.50
CA GLY A 411 15.31 -17.94 12.39
C GLY A 411 15.18 -16.48 12.80
N ALA A 412 14.50 -16.27 13.90
CA ALA A 412 14.31 -14.92 14.36
C ALA A 412 15.53 -14.26 14.95
N VAL A 413 16.65 -14.93 15.09
CA VAL A 413 17.79 -14.23 15.73
C VAL A 413 18.54 -13.29 14.82
N ALA A 414 17.99 -13.14 13.58
CA ALA A 414 18.56 -12.24 12.63
C ALA A 414 18.41 -10.84 13.21
N ASN A 415 17.42 -10.77 14.09
CA ASN A 415 17.05 -9.56 14.75
C ASN A 415 18.01 -9.12 15.80
N ASN A 416 18.76 -8.08 15.43
CA ASN A 416 19.78 -7.48 16.27
C ASN A 416 19.14 -6.78 17.41
N PHE A 417 18.01 -6.27 17.02
CA PHE A 417 17.21 -5.49 17.92
C PHE A 417 16.74 -6.37 19.02
N LEU A 418 16.18 -7.51 18.56
CA LEU A 418 15.61 -8.53 19.40
C LEU A 418 16.67 -9.03 20.33
N MET A 419 17.77 -9.39 19.72
CA MET A 419 18.94 -9.92 20.38
C MET A 419 19.48 -8.97 21.46
N GLN A 420 19.38 -7.69 21.12
CA GLN A 420 19.87 -6.65 22.00
C GLN A 420 18.93 -6.41 23.15
N PHE A 421 17.65 -6.39 22.77
CA PHE A 421 16.63 -6.13 23.75
C PHE A 421 16.66 -7.20 24.81
N GLN A 422 16.68 -8.43 24.31
CA GLN A 422 16.79 -9.65 25.14
C GLN A 422 17.95 -9.53 26.14
N SER A 423 19.12 -9.14 25.56
CA SER A 423 20.33 -8.91 26.32
C SER A 423 20.01 -8.04 27.52
N ASP A 424 19.54 -6.89 27.17
CA ASP A 424 19.15 -5.94 28.16
C ASP A 424 18.10 -6.51 29.08
N ILE A 425 17.02 -7.02 28.52
CA ILE A 425 15.98 -7.52 29.42
C ILE A 425 16.45 -8.56 30.44
N LEU A 426 17.42 -9.31 29.96
CA LEU A 426 17.97 -10.30 30.81
C LEU A 426 19.10 -9.70 31.57
N GLY A 427 19.78 -8.79 30.93
CA GLY A 427 20.93 -8.31 31.62
C GLY A 427 21.95 -9.46 31.62
N THR A 428 22.00 -10.20 30.51
CA THR A 428 22.94 -11.28 30.35
C THR A 428 23.52 -11.14 28.95
N ARG A 429 24.73 -11.69 28.68
CA ARG A 429 25.26 -11.49 27.33
C ARG A 429 24.50 -12.37 26.42
N VAL A 430 24.80 -12.29 25.12
CA VAL A 430 24.07 -13.11 24.17
C VAL A 430 24.88 -13.63 22.98
N GLU A 431 24.83 -14.93 22.80
CA GLU A 431 25.62 -15.47 21.74
C GLU A 431 24.90 -15.90 20.50
N ARG A 432 25.16 -15.15 19.46
CA ARG A 432 24.63 -15.48 18.16
C ARG A 432 25.66 -16.34 17.42
N PRO A 433 25.28 -17.57 17.05
CA PRO A 433 26.18 -18.45 16.31
C PRO A 433 26.43 -17.87 14.92
N GLU A 434 27.33 -18.48 14.16
CA GLU A 434 27.48 -17.99 12.81
C GLU A 434 26.30 -18.46 11.93
N VAL A 435 25.92 -19.74 12.07
CA VAL A 435 24.80 -20.37 11.37
C VAL A 435 23.60 -20.55 12.29
N ARG A 436 22.42 -20.43 11.74
CA ARG A 436 21.26 -20.57 12.59
C ARG A 436 20.46 -21.84 12.39
N GLU A 437 20.73 -22.57 11.30
CA GLU A 437 19.95 -23.79 11.14
C GLU A 437 20.39 -24.96 12.04
N VAL A 438 20.91 -24.64 13.25
CA VAL A 438 21.41 -25.52 14.31
C VAL A 438 20.52 -26.71 14.46
N THR A 439 19.22 -26.46 14.26
CA THR A 439 18.18 -27.49 14.27
C THR A 439 18.50 -28.61 13.24
N ALA A 440 18.53 -28.31 11.91
CA ALA A 440 18.86 -29.33 10.87
C ALA A 440 20.18 -29.98 11.10
N LEU A 441 21.11 -29.17 11.63
CA LEU A 441 22.50 -29.52 12.00
C LEU A 441 22.48 -30.67 12.99
N GLY A 442 21.76 -30.40 14.10
CA GLY A 442 21.51 -31.33 15.18
C GLY A 442 21.18 -32.72 14.56
N ALA A 443 20.14 -32.69 13.69
CA ALA A 443 19.64 -33.85 12.94
C ALA A 443 20.67 -34.55 12.00
N ALA A 444 21.57 -33.78 11.37
CA ALA A 444 22.55 -34.37 10.50
C ALA A 444 23.53 -35.12 11.32
N TYR A 445 23.89 -34.43 12.38
CA TYR A 445 24.84 -34.98 13.32
C TYR A 445 24.48 -36.41 13.69
N LEU A 446 23.37 -36.53 14.40
CA LEU A 446 22.78 -37.76 14.78
C LEU A 446 22.77 -38.82 13.68
N ALA A 447 21.95 -38.67 12.67
CA ALA A 447 21.95 -39.67 11.60
C ALA A 447 23.37 -39.93 10.98
N GLY A 448 24.29 -39.01 11.17
CA GLY A 448 25.60 -39.21 10.58
C GLY A 448 26.50 -39.97 11.52
N LEU A 449 26.32 -39.65 12.78
CA LEU A 449 27.00 -40.35 13.85
C LEU A 449 26.76 -41.86 13.64
N ALA A 450 25.47 -42.18 13.43
CA ALA A 450 24.82 -43.47 13.17
C ALA A 450 25.48 -44.40 12.13
N VAL A 451 25.65 -43.85 10.93
CA VAL A 451 26.21 -44.41 9.72
C VAL A 451 27.73 -44.18 9.68
N GLY A 452 28.32 -43.77 10.80
CA GLY A 452 29.78 -43.55 10.81
C GLY A 452 30.27 -42.39 9.95
N PHE A 453 29.37 -41.44 9.60
CA PHE A 453 29.77 -40.27 8.80
C PHE A 453 30.82 -39.52 9.60
N TRP A 454 30.51 -39.46 10.88
CA TRP A 454 31.40 -38.87 11.82
C TRP A 454 31.58 -39.89 12.93
N GLN A 455 32.79 -39.89 13.51
CA GLN A 455 33.10 -40.82 14.57
C GLN A 455 32.83 -40.30 15.99
N ASN A 456 32.73 -38.99 16.08
CA ASN A 456 32.51 -38.36 17.38
C ASN A 456 32.12 -36.89 17.22
N LEU A 457 31.54 -36.32 18.29
CA LEU A 457 31.16 -34.90 18.25
C LEU A 457 32.36 -34.02 18.03
N ASP A 458 33.19 -33.90 19.05
CA ASP A 458 34.45 -33.14 19.07
C ASP A 458 35.15 -32.97 17.75
N GLU A 459 34.82 -33.87 16.81
CA GLU A 459 35.27 -33.87 15.42
C GLU A 459 34.77 -32.52 14.86
N LEU A 460 33.50 -32.33 15.19
CA LEU A 460 32.63 -31.23 14.87
C LEU A 460 32.76 -30.07 15.84
N GLN A 461 33.52 -30.20 16.90
CA GLN A 461 33.57 -29.07 17.80
C GLN A 461 34.08 -27.74 17.24
N GLU A 462 35.21 -27.78 16.59
CA GLU A 462 35.77 -26.57 16.05
C GLU A 462 34.88 -25.89 14.99
N LYS A 463 33.72 -26.50 14.77
CA LYS A 463 32.67 -26.00 13.89
C LYS A 463 32.26 -24.58 14.26
N ALA A 464 31.35 -24.58 15.26
CA ALA A 464 30.64 -23.49 15.98
C ALA A 464 31.37 -22.15 16.24
N VAL A 465 31.02 -21.14 15.42
CA VAL A 465 31.60 -19.77 15.44
C VAL A 465 30.64 -18.67 15.97
N ILE A 466 30.87 -18.11 17.21
CA ILE A 466 30.01 -17.04 17.76
C ILE A 466 30.11 -15.82 16.87
N GLU A 467 29.12 -15.66 15.97
CA GLU A 467 29.12 -14.59 14.98
C GLU A 467 29.04 -13.18 15.59
N ARG A 468 28.36 -13.13 16.71
CA ARG A 468 28.17 -11.93 17.44
C ARG A 468 27.72 -12.23 18.86
N GLU A 469 28.14 -11.34 19.78
CA GLU A 469 27.73 -11.43 21.18
C GLU A 469 27.15 -10.15 21.81
N PHE A 470 25.88 -10.24 22.17
CA PHE A 470 25.16 -9.13 22.69
C PHE A 470 25.28 -9.03 24.13
N ARG A 471 25.96 -8.03 24.53
CA ARG A 471 26.09 -7.84 25.93
C ARG A 471 25.00 -6.89 26.51
N PRO A 472 24.46 -7.21 27.75
CA PRO A 472 23.45 -6.42 28.46
C PRO A 472 23.73 -4.92 28.39
N GLY A 473 22.77 -4.17 27.90
CA GLY A 473 22.94 -2.75 27.70
C GLY A 473 22.86 -1.74 28.86
N ILE A 474 21.62 -1.39 29.22
CA ILE A 474 21.38 -0.38 30.24
C ILE A 474 21.16 -0.78 31.71
N GLU A 475 20.90 0.11 32.61
CA GLU A 475 20.71 -0.22 33.99
C GLU A 475 19.37 -0.63 34.43
N THR A 476 19.55 -1.67 35.31
CA THR A 476 18.57 -2.44 36.07
C THR A 476 17.28 -1.71 35.99
N THR A 477 17.04 -0.83 37.00
CA THR A 477 15.92 0.11 37.10
C THR A 477 14.79 -0.08 36.06
N GLU A 478 15.18 0.16 34.76
CA GLU A 478 14.34 -0.02 33.61
C GLU A 478 13.86 -1.46 33.67
N ARG A 479 14.86 -2.40 33.63
CA ARG A 479 14.77 -3.87 33.71
C ARG A 479 13.52 -4.26 34.40
N ASN A 480 13.64 -4.10 35.68
CA ASN A 480 12.56 -4.42 36.53
C ASN A 480 11.34 -3.62 36.22
N TYR A 481 11.58 -2.37 35.86
CA TYR A 481 10.49 -1.48 35.59
C TYR A 481 9.57 -2.02 34.47
N ARG A 482 10.18 -2.28 33.30
CA ARG A 482 9.54 -2.81 32.09
C ARG A 482 8.94 -4.20 32.27
N TYR A 483 9.60 -4.97 33.15
CA TYR A 483 9.19 -6.30 33.50
C TYR A 483 7.84 -6.30 34.20
N ALA A 484 7.76 -5.46 35.23
CA ALA A 484 6.53 -5.26 36.02
C ALA A 484 5.40 -4.88 35.12
N GLY A 485 5.80 -3.99 34.20
CA GLY A 485 4.88 -3.59 33.19
C GLY A 485 4.27 -4.81 32.52
N TRP A 486 5.19 -5.67 32.08
CA TRP A 486 4.89 -6.92 31.41
C TRP A 486 4.04 -7.84 32.25
N LYS A 487 4.51 -8.07 33.48
CA LYS A 487 3.75 -8.96 34.38
C LYS A 487 2.27 -8.64 34.50
N LYS A 488 2.01 -7.33 34.74
CA LYS A 488 0.69 -6.79 34.78
C LYS A 488 -0.13 -7.35 33.62
N ALA A 489 0.32 -6.93 32.47
CA ALA A 489 -0.25 -7.28 31.22
C ALA A 489 -0.74 -8.70 31.20
N VAL A 490 0.22 -9.57 31.54
CA VAL A 490 -0.03 -11.00 31.52
C VAL A 490 -1.27 -11.41 32.24
N LYS A 491 -1.29 -11.03 33.48
CA LYS A 491 -2.36 -11.38 34.33
C LYS A 491 -3.65 -10.96 33.73
N ARG A 492 -3.60 -9.95 32.83
CA ARG A 492 -4.89 -9.58 32.32
C ARG A 492 -5.21 -10.35 31.08
N ALA A 493 -4.22 -11.14 30.61
CA ALA A 493 -4.43 -11.93 29.38
C ALA A 493 -5.09 -13.24 29.71
N MET A 494 -4.52 -13.71 30.82
CA MET A 494 -4.86 -14.91 31.50
C MET A 494 -6.33 -14.98 31.65
N ALA A 495 -6.85 -16.15 31.53
CA ALA A 495 -8.25 -16.41 31.76
C ALA A 495 -9.27 -15.83 30.89
N TRP A 496 -8.98 -15.55 29.64
CA TRP A 496 -10.00 -14.99 28.78
C TRP A 496 -11.18 -15.92 28.42
N GLU A 497 -10.86 -17.07 27.77
CA GLU A 497 -11.81 -18.06 27.28
C GLU A 497 -12.77 -18.71 28.30
N GLU A 498 -14.03 -18.89 27.87
CA GLU A 498 -15.06 -19.45 28.72
C GLU A 498 -15.17 -20.95 28.68
N HIS A 499 -14.92 -21.51 29.85
CA HIS A 499 -14.91 -22.92 30.02
C HIS A 499 -15.53 -23.31 31.36
N GLU B 2 -32.85 41.35 1.85
CA GLU B 2 -31.84 42.04 2.67
C GLU B 2 -30.79 41.03 3.15
N LYS B 3 -31.01 40.60 4.40
CA LYS B 3 -30.25 39.60 5.08
C LYS B 3 -31.01 38.28 4.94
N LYS B 4 -30.50 37.46 3.99
CA LYS B 4 -31.10 36.19 3.55
C LYS B 4 -30.46 34.86 4.08
N TYR B 5 -29.47 34.98 5.00
CA TYR B 5 -28.65 33.90 5.50
C TYR B 5 -28.00 34.10 6.83
N ILE B 6 -27.99 32.93 7.48
CA ILE B 6 -27.40 32.65 8.75
C ILE B 6 -26.21 31.71 8.57
N VAL B 7 -25.22 31.95 9.35
CA VAL B 7 -24.06 31.16 9.24
C VAL B 7 -23.76 30.46 10.55
N ALA B 8 -23.41 29.16 10.52
CA ALA B 8 -23.03 28.50 11.75
C ALA B 8 -21.54 28.17 11.81
N LEU B 9 -20.96 28.37 12.97
CA LEU B 9 -19.54 28.03 13.19
C LEU B 9 -19.42 26.78 14.10
N ASP B 10 -18.96 25.67 13.55
CA ASP B 10 -18.81 24.48 14.38
C ASP B 10 -17.36 24.27 14.76
N GLN B 11 -17.03 24.40 16.04
CA GLN B 11 -15.64 24.17 16.29
C GLN B 11 -15.41 22.86 16.98
N GLY B 12 -15.00 21.82 16.22
CA GLY B 12 -14.91 20.56 16.88
C GLY B 12 -13.55 20.17 17.32
N THR B 13 -13.53 18.99 17.99
CA THR B 13 -12.32 18.38 18.48
C THR B 13 -11.33 17.99 17.39
N THR B 14 -11.83 17.88 16.19
CA THR B 14 -10.89 17.49 15.19
C THR B 14 -10.83 18.45 13.99
N SER B 15 -11.92 19.11 13.74
CA SER B 15 -11.97 20.05 12.66
C SER B 15 -12.90 21.23 13.00
N SER B 16 -12.60 22.32 12.28
CA SER B 16 -13.32 23.62 12.33
C SER B 16 -14.21 23.75 11.12
N ARG B 17 -15.49 24.02 11.40
CA ARG B 17 -16.48 24.13 10.37
C ARG B 17 -17.20 25.47 10.34
N ALA B 18 -17.80 25.68 9.21
CA ALA B 18 -18.58 26.83 8.96
C ALA B 18 -19.67 26.39 8.01
N VAL B 19 -20.94 26.52 8.42
CA VAL B 19 -21.98 26.19 7.48
C VAL B 19 -22.83 27.41 7.09
N VAL B 20 -23.34 27.37 5.87
CA VAL B 20 -24.23 28.42 5.39
C VAL B 20 -25.60 27.91 5.02
N MET B 21 -26.61 28.35 5.75
CA MET B 21 -27.97 27.96 5.46
C MET B 21 -28.83 29.11 5.02
N ASP B 22 -30.09 28.78 4.83
CA ASP B 22 -31.01 29.80 4.43
C ASP B 22 -32.22 29.89 5.30
N HIS B 23 -33.17 30.68 4.84
CA HIS B 23 -34.35 30.86 5.65
C HIS B 23 -35.14 29.54 5.75
N ASP B 24 -34.99 28.76 4.69
CA ASP B 24 -35.59 27.45 4.56
C ASP B 24 -34.67 26.41 5.15
N ALA B 25 -33.63 26.86 5.91
CA ALA B 25 -32.63 26.00 6.60
C ALA B 25 -32.10 24.84 5.76
N ASN B 26 -31.45 25.20 4.72
CA ASN B 26 -30.92 24.24 3.87
C ASN B 26 -29.49 24.58 4.01
N ILE B 27 -28.68 23.79 3.32
CA ILE B 27 -27.31 24.09 3.38
C ILE B 27 -26.78 24.50 2.09
N ILE B 28 -26.44 25.77 2.06
CA ILE B 28 -25.90 26.32 0.88
C ILE B 28 -24.48 25.86 0.67
N SER B 29 -23.77 25.64 1.79
CA SER B 29 -22.35 25.28 1.72
C SER B 29 -21.65 25.03 3.03
N VAL B 30 -20.51 24.39 2.88
CA VAL B 30 -19.72 24.10 4.02
C VAL B 30 -18.27 24.15 3.76
N SER B 31 -17.55 24.54 4.81
CA SER B 31 -16.13 24.50 4.77
C SER B 31 -15.52 24.00 6.08
N GLN B 32 -14.66 22.97 5.92
CA GLN B 32 -13.92 22.40 7.05
C GLN B 32 -12.47 22.40 6.82
N ARG B 33 -11.86 22.12 7.91
CA ARG B 33 -10.48 22.06 8.04
C ARG B 33 -10.14 21.36 9.38
N GLU B 34 -9.28 20.33 9.28
CA GLU B 34 -8.83 19.55 10.44
C GLU B 34 -7.65 20.26 11.09
N PHE B 35 -7.43 20.06 12.36
CA PHE B 35 -6.30 20.81 12.91
C PHE B 35 -5.53 19.86 13.81
N GLU B 36 -4.24 20.11 13.97
CA GLU B 36 -3.33 19.27 14.75
C GLU B 36 -3.67 18.81 16.15
N GLN B 37 -3.68 17.50 16.30
CA GLN B 37 -3.83 16.87 17.62
C GLN B 37 -2.45 16.69 18.27
N ILE B 38 -2.30 17.31 19.41
CA ILE B 38 -0.99 17.30 20.03
C ILE B 38 -1.02 16.53 21.32
N TYR B 39 -0.07 15.61 21.47
CA TYR B 39 0.03 14.78 22.65
C TYR B 39 1.39 14.89 23.23
N PRO B 40 1.54 15.87 24.07
CA PRO B 40 2.80 16.13 24.73
C PRO B 40 3.29 14.88 25.43
N LYS B 41 2.31 14.23 26.04
CA LYS B 41 2.55 12.99 26.73
C LYS B 41 1.35 12.08 26.77
N PRO B 42 1.67 10.81 26.82
CA PRO B 42 0.68 9.79 26.75
C PRO B 42 -0.49 9.97 27.68
N GLY B 43 -1.60 10.52 27.08
CA GLY B 43 -2.88 10.81 27.72
C GLY B 43 -3.15 12.32 27.85
N TRP B 44 -2.21 13.06 27.28
CA TRP B 44 -2.29 14.51 27.29
C TRP B 44 -2.83 15.04 25.99
N VAL B 45 -3.82 15.89 26.14
CA VAL B 45 -4.40 16.47 24.93
C VAL B 45 -4.41 17.98 24.89
N GLU B 46 -3.73 18.50 23.87
CA GLU B 46 -3.51 19.88 23.64
C GLU B 46 -3.85 20.35 22.26
N HIS B 47 -4.12 21.64 22.15
CA HIS B 47 -4.47 22.30 20.88
C HIS B 47 -3.84 23.67 20.82
N ASP B 48 -3.42 24.06 19.63
CA ASP B 48 -2.93 25.41 19.51
C ASP B 48 -4.13 26.29 19.39
N PRO B 49 -4.30 27.14 20.43
CA PRO B 49 -5.44 28.11 20.46
C PRO B 49 -5.47 28.85 19.14
N MET B 50 -4.31 29.31 18.76
CA MET B 50 -4.20 29.96 17.46
C MET B 50 -4.65 29.12 16.27
N GLU B 51 -4.47 27.82 16.37
CA GLU B 51 -4.81 27.04 15.25
C GLU B 51 -6.28 26.89 15.24
N ILE B 52 -6.82 26.76 16.47
CA ILE B 52 -8.28 26.73 16.56
C ILE B 52 -8.89 27.97 15.84
N TRP B 53 -8.37 29.13 16.24
CA TRP B 53 -8.67 30.41 15.74
C TRP B 53 -8.59 30.44 14.26
N ALA B 54 -7.34 30.43 13.80
CA ALA B 54 -7.04 30.44 12.35
C ALA B 54 -7.88 29.48 11.57
N THR B 55 -8.20 28.39 12.16
CA THR B 55 -8.93 27.55 11.30
C THR B 55 -10.30 28.02 11.20
N GLN B 56 -10.86 28.42 12.38
CA GLN B 56 -12.21 28.88 12.30
C GLN B 56 -12.32 30.05 11.31
N SER B 57 -11.34 30.92 11.33
CA SER B 57 -11.31 32.00 10.43
C SER B 57 -11.45 31.59 8.98
N SER B 58 -10.39 31.04 8.41
CA SER B 58 -10.43 30.58 7.00
C SER B 58 -11.70 29.81 6.66
N THR B 59 -12.22 29.03 7.60
CA THR B 59 -13.42 28.32 7.24
C THR B 59 -14.55 29.23 6.94
N LEU B 60 -14.82 30.17 7.87
CA LEU B 60 -15.84 31.23 7.77
C LEU B 60 -15.67 31.94 6.48
N VAL B 61 -14.46 32.40 6.31
CA VAL B 61 -14.18 33.06 5.06
C VAL B 61 -14.48 32.24 3.77
N GLU B 62 -13.97 31.02 3.72
CA GLU B 62 -14.18 30.21 2.57
C GLU B 62 -15.65 29.98 2.24
N VAL B 63 -16.50 29.76 3.24
CA VAL B 63 -17.87 29.49 2.88
C VAL B 63 -18.50 30.58 2.09
N LEU B 64 -18.24 31.78 2.59
CA LEU B 64 -18.73 32.99 1.98
C LEU B 64 -18.15 33.13 0.59
N ALA B 65 -16.85 33.25 0.57
CA ALA B 65 -16.11 33.38 -0.65
C ALA B 65 -16.51 32.42 -1.73
N LYS B 66 -16.63 31.18 -1.37
CA LYS B 66 -16.92 30.25 -2.40
C LYS B 66 -18.36 30.22 -2.79
N ALA B 67 -19.23 30.54 -1.84
CA ALA B 67 -20.68 30.50 -2.11
C ALA B 67 -21.17 31.78 -2.77
N ASP B 68 -20.23 32.72 -2.90
CA ASP B 68 -20.42 34.04 -3.46
C ASP B 68 -21.36 34.70 -2.57
N ILE B 69 -20.92 34.88 -1.33
CA ILE B 69 -21.85 35.46 -0.43
C ILE B 69 -21.19 36.51 0.35
N SER B 70 -21.87 37.66 0.40
CA SER B 70 -21.38 38.89 1.00
C SER B 70 -21.73 39.02 2.44
N SER B 71 -20.84 39.73 3.18
CA SER B 71 -21.10 39.95 4.59
C SER B 71 -22.46 40.57 4.76
N ASP B 72 -22.78 41.44 3.82
CA ASP B 72 -24.03 42.18 3.83
C ASP B 72 -25.32 41.35 3.86
N GLN B 73 -25.20 40.09 3.38
CA GLN B 73 -26.31 39.17 3.33
C GLN B 73 -26.60 38.36 4.57
N ILE B 74 -25.64 38.37 5.54
CA ILE B 74 -25.74 37.57 6.75
C ILE B 74 -26.39 38.13 7.96
N ALA B 75 -27.55 37.63 8.14
CA ALA B 75 -28.34 37.96 9.28
C ALA B 75 -27.65 37.85 10.65
N ALA B 76 -26.66 36.97 10.77
CA ALA B 76 -26.04 36.66 12.06
C ALA B 76 -25.18 35.35 12.00
N ILE B 77 -24.36 35.18 13.00
CA ILE B 77 -23.51 34.01 13.18
C ILE B 77 -23.90 33.28 14.42
N GLY B 78 -24.09 31.97 14.33
CA GLY B 78 -24.38 31.14 15.50
C GLY B 78 -23.04 30.48 15.90
N ILE B 79 -22.87 30.22 17.19
CA ILE B 79 -21.63 29.56 17.62
C ILE B 79 -21.68 28.29 18.53
N THR B 80 -20.96 27.21 18.16
CA THR B 80 -20.84 25.99 18.99
C THR B 80 -19.45 25.48 18.90
N ASN B 81 -19.13 24.69 19.85
CA ASN B 81 -17.81 24.23 20.05
C ASN B 81 -17.70 22.92 20.85
N GLN B 82 -16.43 22.53 21.05
CA GLN B 82 -16.04 21.38 21.85
C GLN B 82 -16.00 21.92 23.22
N ARG B 83 -16.51 21.13 24.11
CA ARG B 83 -16.80 21.63 25.35
C ARG B 83 -15.88 21.72 26.49
N GLU B 84 -14.67 21.26 26.49
CA GLU B 84 -14.17 21.48 27.88
C GLU B 84 -12.83 22.13 27.83
N THR B 85 -12.20 21.84 26.68
CA THR B 85 -10.96 22.43 26.32
C THR B 85 -11.00 23.88 26.73
N THR B 86 -10.01 24.11 27.57
CA THR B 86 -9.70 25.26 28.38
C THR B 86 -8.56 26.12 27.89
N ILE B 87 -8.84 27.44 27.63
CA ILE B 87 -7.79 28.36 27.17
C ILE B 87 -7.65 29.51 28.07
N VAL B 88 -6.42 29.85 28.28
CA VAL B 88 -6.14 30.95 29.15
C VAL B 88 -5.15 31.88 28.52
N TRP B 89 -5.55 33.15 28.31
CA TRP B 89 -4.58 34.07 27.71
C TRP B 89 -4.47 35.39 28.41
N GLU B 90 -3.43 36.12 27.97
CA GLU B 90 -3.12 37.47 28.41
C GLU B 90 -4.07 38.44 27.74
N LYS B 91 -4.72 39.24 28.56
CA LYS B 91 -5.69 40.25 28.14
C LYS B 91 -5.04 41.31 27.22
N GLU B 92 -3.86 41.77 27.64
CA GLU B 92 -3.12 42.76 26.89
C GLU B 92 -2.90 42.26 25.44
N THR B 93 -1.85 41.45 25.27
CA THR B 93 -1.42 40.81 24.02
C THR B 93 -2.50 40.01 23.29
N GLY B 94 -3.43 39.40 24.07
CA GLY B 94 -4.50 38.53 23.56
C GLY B 94 -3.86 37.19 23.20
N LYS B 95 -2.89 36.88 24.04
CA LYS B 95 -2.15 35.68 23.84
C LYS B 95 -2.22 34.58 24.96
N PRO B 96 -2.48 33.38 24.45
CA PRO B 96 -2.58 32.17 25.23
C PRO B 96 -1.31 31.97 25.98
N ILE B 97 -1.49 31.70 27.28
CA ILE B 97 -0.33 31.47 28.08
C ILE B 97 0.15 30.07 27.96
N TYR B 98 -0.73 29.22 27.39
CA TYR B 98 -0.42 27.84 27.24
C TYR B 98 -1.35 27.29 26.22
N ASN B 99 -1.05 26.10 25.66
CA ASN B 99 -1.93 25.50 24.68
C ASN B 99 -3.36 25.38 25.21
N ALA B 100 -4.33 24.99 24.40
CA ALA B 100 -5.63 24.77 24.98
C ALA B 100 -5.64 23.29 25.42
N ILE B 101 -6.13 23.01 26.61
CA ILE B 101 -6.22 21.67 27.09
C ILE B 101 -7.54 21.07 26.78
N VAL B 102 -7.46 20.19 25.79
CA VAL B 102 -8.53 19.38 25.29
C VAL B 102 -9.26 18.59 26.36
N TRP B 103 -10.56 18.44 26.17
CA TRP B 103 -11.33 17.83 27.20
C TRP B 103 -10.85 16.42 27.57
N GLN B 104 -10.55 15.70 26.53
CA GLN B 104 -10.03 14.36 26.60
C GLN B 104 -8.91 14.25 27.57
N CYS B 105 -7.98 15.16 27.51
CA CYS B 105 -6.84 15.22 28.42
C CYS B 105 -7.06 14.67 29.83
N ARG B 106 -6.05 13.93 30.32
CA ARG B 106 -6.12 13.25 31.59
C ARG B 106 -5.14 13.77 32.61
N ARG B 107 -4.22 14.63 32.19
CA ARG B 107 -3.25 15.17 33.13
C ARG B 107 -3.73 15.64 34.54
N THR B 108 -5.05 15.93 34.79
CA THR B 108 -5.49 16.46 36.09
C THR B 108 -6.11 15.49 37.03
N ALA B 109 -5.91 14.18 36.73
CA ALA B 109 -6.47 13.16 37.61
C ALA B 109 -6.01 13.40 39.02
N GLU B 110 -4.67 13.51 39.17
CA GLU B 110 -4.00 13.77 40.43
C GLU B 110 -4.83 14.72 41.25
N ILE B 111 -4.97 15.88 40.67
CA ILE B 111 -5.79 16.89 41.25
C ILE B 111 -7.19 16.37 41.54
N CYS B 112 -7.80 15.62 40.59
CA CYS B 112 -9.14 15.15 40.95
C CYS B 112 -9.10 14.25 42.20
N GLU B 113 -7.89 13.83 42.46
CA GLU B 113 -7.79 12.97 43.55
C GLU B 113 -7.99 13.70 44.83
N HIS B 114 -7.32 14.84 44.88
CA HIS B 114 -7.37 15.73 46.02
C HIS B 114 -8.77 16.15 46.31
N LEU B 115 -9.50 16.24 45.25
CA LEU B 115 -10.85 16.58 45.40
C LEU B 115 -11.62 15.56 46.15
N LYS B 116 -11.71 14.34 45.53
CA LYS B 116 -12.47 13.22 46.12
C LYS B 116 -12.09 13.07 47.57
N ARG B 117 -10.78 12.91 47.75
CA ARG B 117 -10.21 12.83 49.06
C ARG B 117 -10.74 13.93 50.03
N ASP B 118 -10.89 15.18 49.56
CA ASP B 118 -11.44 16.20 50.47
C ASP B 118 -12.99 16.24 50.62
N GLY B 119 -13.72 15.14 50.36
CA GLY B 119 -15.21 14.97 50.48
C GLY B 119 -16.12 15.68 49.50
N LEU B 120 -15.55 16.25 48.43
CA LEU B 120 -16.39 17.08 47.57
C LEU B 120 -17.32 16.48 46.54
N GLU B 121 -17.16 15.18 46.41
CA GLU B 121 -17.96 14.44 45.46
C GLU B 121 -19.44 14.80 45.62
N ASP B 122 -19.92 14.78 46.85
CA ASP B 122 -21.32 15.08 46.99
C ASP B 122 -21.76 16.45 46.49
N TYR B 123 -21.01 17.44 46.90
CA TYR B 123 -21.28 18.79 46.53
C TYR B 123 -21.16 18.98 45.05
N ILE B 124 -19.95 18.61 44.53
CA ILE B 124 -19.74 18.84 43.13
C ILE B 124 -20.83 18.26 42.28
N ARG B 125 -21.26 17.16 42.76
CA ARG B 125 -22.27 16.47 42.07
C ARG B 125 -23.56 17.24 42.12
N SER B 126 -23.83 17.90 43.23
CA SER B 126 -25.10 18.58 43.41
C SER B 126 -25.29 20.06 42.97
N ASN B 127 -24.25 20.86 43.05
CA ASN B 127 -24.37 22.25 42.60
C ASN B 127 -24.02 22.31 41.13
N THR B 128 -22.95 21.59 40.75
CA THR B 128 -22.54 21.56 39.37
C THR B 128 -23.19 20.49 38.56
N GLY B 129 -23.46 19.33 39.17
CA GLY B 129 -24.10 18.21 38.44
C GLY B 129 -23.12 17.30 37.70
N LEU B 130 -21.86 17.67 37.86
CA LEU B 130 -20.69 17.04 37.31
C LEU B 130 -20.09 16.13 38.34
N VAL B 131 -19.41 15.14 37.79
CA VAL B 131 -18.65 14.10 38.43
C VAL B 131 -17.22 14.58 38.48
N ILE B 132 -16.47 14.21 39.49
CA ILE B 132 -15.10 14.65 39.57
C ILE B 132 -14.22 13.82 38.65
N ASP B 133 -13.64 14.47 37.64
CA ASP B 133 -12.80 13.92 36.57
C ASP B 133 -11.97 15.02 35.90
N PRO B 134 -10.97 14.62 35.14
CA PRO B 134 -10.15 15.60 34.46
C PRO B 134 -10.80 15.92 33.11
N TYR B 135 -12.06 15.50 33.01
CA TYR B 135 -12.86 15.75 31.84
C TYR B 135 -13.12 17.23 31.76
N PHE B 136 -13.66 17.83 32.88
CA PHE B 136 -14.08 19.25 33.01
C PHE B 136 -13.02 20.31 33.24
N SER B 137 -13.43 21.53 32.92
CA SER B 137 -12.55 22.72 32.92
C SER B 137 -11.77 23.17 34.16
N GLY B 138 -12.43 23.00 35.32
CA GLY B 138 -11.85 23.42 36.57
C GLY B 138 -10.34 23.16 36.65
N THR B 139 -10.03 21.90 37.01
CA THR B 139 -8.69 21.33 37.18
C THR B 139 -7.74 21.83 36.07
N LYS B 140 -8.26 21.84 34.80
CA LYS B 140 -7.49 22.36 33.68
C LYS B 140 -6.92 23.71 34.00
N VAL B 141 -7.85 24.64 34.35
CA VAL B 141 -7.47 26.03 34.68
C VAL B 141 -6.40 26.02 35.71
N LYS B 142 -6.81 25.44 36.82
CA LYS B 142 -5.92 25.34 37.95
C LYS B 142 -4.56 24.79 37.57
N TRP B 143 -4.60 23.78 36.69
CA TRP B 143 -3.41 23.13 36.30
C TRP B 143 -2.53 24.14 35.75
N ILE B 144 -3.02 24.74 34.67
CA ILE B 144 -2.34 25.87 34.07
C ILE B 144 -1.79 26.81 35.11
N LEU B 145 -2.71 27.37 35.84
CA LEU B 145 -2.46 28.28 36.96
C LEU B 145 -1.25 27.92 37.80
N ASP B 146 -1.31 26.75 38.41
CA ASP B 146 -0.21 26.23 39.20
C ASP B 146 1.09 26.07 38.41
N HIS B 147 1.02 26.00 37.08
CA HIS B 147 2.17 25.67 36.26
C HIS B 147 2.89 26.77 35.62
N VAL B 148 2.22 27.89 35.60
CA VAL B 148 2.72 29.12 35.05
C VAL B 148 3.04 30.04 36.19
N GLU B 149 4.31 30.36 36.36
CA GLU B 149 4.82 31.15 37.45
C GLU B 149 3.92 32.11 38.29
N GLY B 150 3.68 33.31 37.75
CA GLY B 150 2.90 34.28 38.52
C GLY B 150 1.54 34.59 37.97
N SER B 151 0.98 33.57 37.35
CA SER B 151 -0.31 33.61 36.71
C SER B 151 -1.32 34.15 37.63
N ARG B 152 -1.57 33.38 38.68
CA ARG B 152 -2.59 33.68 39.68
C ARG B 152 -2.58 35.13 40.02
N GLU B 153 -1.35 35.57 40.17
CA GLU B 153 -1.13 36.94 40.45
C GLU B 153 -1.68 37.90 39.41
N ARG B 154 -1.25 37.70 38.18
CA ARG B 154 -1.72 38.52 37.12
C ARG B 154 -3.18 38.26 36.92
N ALA B 155 -3.51 36.99 37.20
CA ALA B 155 -4.89 36.59 37.06
C ALA B 155 -5.92 37.20 37.97
N ARG B 156 -5.39 37.82 39.00
CA ARG B 156 -6.20 38.57 39.94
C ARG B 156 -5.97 39.99 39.54
N ARG B 157 -4.69 40.26 39.27
CA ARG B 157 -4.34 41.58 38.82
C ARG B 157 -5.04 42.00 37.51
N GLY B 158 -6.13 41.27 37.15
CA GLY B 158 -6.97 41.50 35.99
C GLY B 158 -6.32 41.26 34.60
N GLU B 159 -5.04 40.98 34.56
CA GLU B 159 -4.42 40.76 33.29
C GLU B 159 -4.63 39.40 32.55
N LEU B 160 -5.24 38.39 33.16
CA LEU B 160 -5.40 37.06 32.50
C LEU B 160 -6.82 36.60 32.31
N LEU B 161 -7.05 36.07 31.13
CA LEU B 161 -8.38 35.63 30.79
C LEU B 161 -8.58 34.15 30.63
N PHE B 162 -9.76 33.74 31.08
CA PHE B 162 -10.10 32.34 31.02
C PHE B 162 -11.18 32.01 30.02
N GLY B 163 -10.93 31.07 29.13
CA GLY B 163 -12.05 30.78 28.27
C GLY B 163 -12.15 29.37 27.76
N THR B 164 -13.41 29.05 27.48
CA THR B 164 -13.76 27.86 26.82
C THR B 164 -13.58 28.23 25.41
N VAL B 165 -14.21 27.53 24.58
CA VAL B 165 -13.94 27.77 23.20
C VAL B 165 -14.92 28.73 22.56
N ASP B 166 -16.21 28.78 23.01
CA ASP B 166 -17.15 29.77 22.55
C ASP B 166 -16.47 31.14 22.87
N THR B 167 -16.19 31.28 24.16
CA THR B 167 -15.52 32.41 24.72
C THR B 167 -14.20 32.84 24.06
N TRP B 168 -13.40 31.93 23.47
CA TRP B 168 -12.11 32.39 22.92
C TRP B 168 -12.27 32.80 21.53
N LEU B 169 -13.37 32.34 21.02
CA LEU B 169 -13.69 32.61 19.68
C LEU B 169 -14.17 34.00 19.51
N ILE B 170 -15.28 34.25 20.20
CA ILE B 170 -15.99 35.50 20.17
C ILE B 170 -15.09 36.67 20.47
N TRP B 171 -14.35 36.52 21.53
CA TRP B 171 -13.47 37.54 21.89
C TRP B 171 -12.45 37.75 20.80
N LYS B 172 -11.98 36.66 20.22
CA LYS B 172 -11.10 36.81 19.06
C LYS B 172 -11.87 37.48 17.92
N MET B 173 -13.16 37.41 17.90
CA MET B 173 -13.88 38.05 16.82
C MET B 173 -14.54 39.43 17.13
N THR B 174 -14.37 39.91 18.38
CA THR B 174 -14.85 41.18 18.84
C THR B 174 -13.61 41.97 19.27
N GLN B 175 -12.46 41.43 19.01
CA GLN B 175 -11.26 42.16 19.36
C GLN B 175 -11.12 42.44 20.82
N GLY B 176 -11.79 41.59 21.56
CA GLY B 176 -11.75 41.61 23.00
C GLY B 176 -12.81 42.47 23.56
N ARG B 177 -13.74 42.86 22.67
CA ARG B 177 -14.79 43.76 23.10
C ARG B 177 -15.52 43.04 24.17
N VAL B 178 -16.14 41.94 23.73
CA VAL B 178 -16.86 41.03 24.59
C VAL B 178 -16.02 39.80 24.93
N HIS B 179 -16.29 39.32 26.19
CA HIS B 179 -15.78 38.15 26.92
C HIS B 179 -16.96 37.49 27.55
N VAL B 180 -17.70 36.84 26.73
CA VAL B 180 -18.85 36.17 27.26
C VAL B 180 -18.80 34.65 27.02
N THR B 181 -19.74 33.94 27.64
CA THR B 181 -19.99 32.51 27.50
C THR B 181 -21.47 32.17 27.68
N ASP B 182 -21.84 30.92 27.53
CA ASP B 182 -23.24 30.60 27.73
C ASP B 182 -23.50 29.55 28.81
N TYR B 183 -24.79 29.45 29.11
CA TYR B 183 -25.23 28.50 30.10
C TYR B 183 -24.70 27.13 29.85
N THR B 184 -25.06 26.60 28.66
CA THR B 184 -24.61 25.29 28.22
C THR B 184 -23.10 25.04 28.55
N ASN B 185 -22.28 25.83 27.94
CA ASN B 185 -20.89 25.67 28.20
C ASN B 185 -20.50 25.94 29.65
N ALA B 186 -20.83 27.09 30.14
CA ALA B 186 -20.51 27.43 31.49
C ALA B 186 -20.72 26.29 32.55
N SER B 187 -21.75 25.43 32.32
CA SER B 187 -22.12 24.26 33.15
C SER B 187 -21.09 23.07 33.19
N ARG B 188 -20.09 23.14 32.35
CA ARG B 188 -19.14 22.08 32.23
C ARG B 188 -17.89 22.43 32.77
N THR B 189 -17.88 23.39 33.62
CA THR B 189 -16.59 23.79 34.07
C THR B 189 -16.33 23.28 35.42
N MET B 190 -17.46 22.98 36.05
CA MET B 190 -17.49 22.52 37.40
C MET B 190 -17.07 23.67 38.28
N LEU B 191 -17.50 24.89 37.89
CA LEU B 191 -17.15 26.19 38.54
C LEU B 191 -18.39 27.05 38.58
N PHE B 192 -19.39 26.49 37.87
CA PHE B 192 -20.71 27.08 37.68
C PHE B 192 -21.89 26.26 38.26
N ASN B 193 -22.68 26.91 39.20
CA ASN B 193 -23.84 26.35 39.86
C ASN B 193 -25.07 26.45 38.97
N ILE B 194 -25.63 25.31 38.67
CA ILE B 194 -26.69 25.19 37.75
C ILE B 194 -28.06 25.56 38.17
N HIS B 195 -28.16 26.10 39.36
CA HIS B 195 -29.47 26.49 39.87
C HIS B 195 -29.52 27.96 40.09
N THR B 196 -28.51 28.30 40.87
CA THR B 196 -28.09 29.61 41.17
C THR B 196 -27.83 30.17 39.78
N LEU B 197 -27.33 29.27 38.96
CA LEU B 197 -26.99 29.64 37.64
C LEU B 197 -25.91 30.65 37.70
N ASP B 198 -24.81 30.29 38.39
CA ASP B 198 -23.71 31.19 38.54
C ASP B 198 -22.51 30.58 39.21
N TRP B 199 -21.42 31.25 38.99
CA TRP B 199 -20.15 30.94 39.52
C TRP B 199 -20.15 30.59 40.94
N ASP B 200 -19.66 29.36 41.13
CA ASP B 200 -19.54 28.74 42.39
C ASP B 200 -18.40 29.28 43.19
N ASP B 201 -18.68 29.75 44.37
CA ASP B 201 -17.60 30.24 45.12
C ASP B 201 -16.76 29.20 45.73
N LYS B 202 -17.44 28.16 46.25
CA LYS B 202 -16.72 27.08 46.88
C LYS B 202 -15.80 26.61 45.81
N MET B 203 -16.40 26.56 44.64
CA MET B 203 -15.70 26.10 43.50
C MET B 203 -14.40 26.79 43.23
N LEU B 204 -14.51 28.12 43.22
CA LEU B 204 -13.40 28.95 42.88
C LEU B 204 -12.44 28.94 44.03
N GLU B 205 -13.10 28.71 45.14
CA GLU B 205 -12.39 28.72 46.39
C GLU B 205 -11.40 27.60 46.46
N VAL B 206 -12.05 26.39 46.44
CA VAL B 206 -11.50 25.06 46.48
C VAL B 206 -10.35 24.94 45.48
N LEU B 207 -10.67 25.40 44.27
CA LEU B 207 -9.75 25.41 43.16
C LEU B 207 -8.77 26.56 43.03
N ASP B 208 -8.99 27.68 43.79
CA ASP B 208 -8.05 28.80 43.72
C ASP B 208 -8.01 29.42 42.33
N ILE B 209 -9.13 30.00 41.97
CA ILE B 209 -9.24 30.62 40.66
C ILE B 209 -9.83 31.97 40.83
N PRO B 210 -9.07 33.02 40.48
CA PRO B 210 -9.55 34.41 40.63
C PRO B 210 -10.81 34.63 39.90
N ARG B 211 -11.84 35.12 40.60
CA ARG B 211 -13.12 35.39 39.94
C ARG B 211 -12.90 36.25 38.70
N GLU B 212 -11.95 37.18 38.83
CA GLU B 212 -11.45 38.13 37.84
C GLU B 212 -10.99 37.59 36.44
N MET B 213 -11.29 36.33 36.09
CA MET B 213 -10.87 35.88 34.76
C MET B 213 -11.97 35.26 33.93
N LEU B 214 -13.09 35.01 34.56
CA LEU B 214 -14.20 34.38 33.88
C LEU B 214 -15.04 35.33 33.05
N PRO B 215 -15.39 34.93 31.83
CA PRO B 215 -16.24 35.77 30.98
C PRO B 215 -17.59 35.98 31.68
N GLU B 216 -18.56 36.57 31.03
CA GLU B 216 -19.80 36.70 31.76
C GLU B 216 -20.83 35.77 31.19
N VAL B 217 -21.68 35.19 32.03
CA VAL B 217 -22.61 34.19 31.56
C VAL B 217 -23.89 34.69 31.01
N ARG B 218 -24.23 34.26 29.82
CA ARG B 218 -25.41 34.72 29.16
C ARG B 218 -26.32 33.66 28.66
N ARG B 219 -27.38 34.13 28.04
CA ARG B 219 -28.32 33.22 27.42
C ARG B 219 -27.63 32.52 26.25
N SER B 220 -28.32 31.58 25.67
CA SER B 220 -27.79 30.82 24.54
C SER B 220 -28.17 31.48 23.21
N SER B 221 -29.41 31.91 23.12
CA SER B 221 -29.91 32.64 21.98
C SER B 221 -29.99 34.05 22.44
N GLU B 222 -29.21 34.92 21.79
CA GLU B 222 -29.15 36.31 22.12
C GLU B 222 -27.96 37.01 21.51
N VAL B 223 -28.17 38.32 21.33
CA VAL B 223 -27.20 39.19 20.71
C VAL B 223 -26.11 39.64 21.66
N TYR B 224 -24.89 39.29 21.29
CA TYR B 224 -23.71 39.56 22.13
C TYR B 224 -22.72 40.41 21.39
N GLY B 225 -22.85 40.64 20.07
CA GLY B 225 -21.77 41.43 19.52
C GLY B 225 -21.88 41.49 18.02
N GLN B 226 -20.86 42.05 17.45
CA GLN B 226 -20.87 42.15 16.03
C GLN B 226 -19.49 41.78 15.69
N THR B 227 -19.30 41.51 14.43
CA THR B 227 -17.96 41.23 13.95
C THR B 227 -17.91 41.88 12.67
N ASN B 228 -16.69 42.23 12.38
CA ASN B 228 -16.37 42.87 11.18
C ASN B 228 -15.32 42.13 10.40
N ILE B 229 -15.83 41.66 9.28
CA ILE B 229 -14.98 40.94 8.38
C ILE B 229 -14.77 41.64 7.06
N GLY B 230 -15.05 42.96 7.07
CA GLY B 230 -14.83 43.73 5.86
C GLY B 230 -15.85 43.53 4.76
N GLY B 231 -15.49 43.88 3.57
CA GLY B 231 -16.52 43.84 2.59
C GLY B 231 -16.90 45.31 2.36
N LYS B 232 -18.12 45.51 1.83
CA LYS B 232 -18.72 46.78 1.44
C LYS B 232 -18.87 47.91 2.48
N GLY B 233 -17.84 48.23 3.28
CA GLY B 233 -17.93 49.29 4.29
C GLY B 233 -19.07 49.26 5.35
N GLY B 234 -18.68 49.52 6.59
CA GLY B 234 -19.61 49.58 7.72
C GLY B 234 -20.47 48.34 7.92
N THR B 235 -19.97 47.16 7.51
CA THR B 235 -20.71 45.91 7.72
C THR B 235 -20.37 45.23 9.05
N ARG B 236 -21.43 45.01 9.81
CA ARG B 236 -21.32 44.36 11.12
C ARG B 236 -22.14 43.04 11.22
N ILE B 237 -21.68 42.09 12.03
CA ILE B 237 -22.47 40.87 12.11
C ILE B 237 -22.63 40.45 13.51
N PRO B 238 -23.85 40.49 13.77
CA PRO B 238 -24.35 40.08 15.03
C PRO B 238 -23.97 38.63 15.17
N ILE B 239 -23.56 38.37 16.39
CA ILE B 239 -23.22 37.10 16.96
C ILE B 239 -24.41 36.82 17.88
N SER B 240 -25.42 36.16 17.36
CA SER B 240 -26.65 36.01 18.10
C SER B 240 -26.97 34.67 18.73
N GLY B 241 -25.97 33.78 18.85
CA GLY B 241 -26.16 32.48 19.43
C GLY B 241 -24.88 31.69 19.74
N ILE B 242 -24.92 30.96 20.86
CA ILE B 242 -23.82 30.10 21.33
C ILE B 242 -24.32 28.92 22.13
N ALA B 243 -23.79 27.72 21.88
CA ALA B 243 -24.15 26.47 22.63
C ALA B 243 -23.08 25.38 22.56
N GLY B 244 -22.98 24.51 23.59
CA GLY B 244 -22.01 23.44 23.47
C GLY B 244 -22.59 22.65 22.31
N ASP B 245 -21.79 22.26 21.34
CA ASP B 245 -22.27 21.48 20.21
C ASP B 245 -23.23 20.32 20.62
N GLN B 246 -22.97 19.65 21.76
CA GLN B 246 -23.88 18.56 22.10
C GLN B 246 -25.26 19.04 22.34
N GLN B 247 -25.29 20.10 23.12
CA GLN B 247 -26.53 20.76 23.46
C GLN B 247 -27.14 21.31 22.21
N ALA B 248 -26.23 21.72 21.30
CA ALA B 248 -26.53 22.28 19.99
C ALA B 248 -27.29 21.30 19.11
N ALA B 249 -26.77 20.05 19.13
CA ALA B 249 -27.30 18.91 18.44
C ALA B 249 -28.66 18.60 18.99
N LEU B 250 -28.72 18.47 20.31
CA LEU B 250 -29.96 18.13 20.97
C LEU B 250 -31.01 19.08 20.53
N PHE B 251 -30.62 20.37 20.64
CA PHE B 251 -31.42 21.48 20.18
C PHE B 251 -31.73 21.30 18.69
N GLY B 252 -30.75 21.46 17.81
CA GLY B 252 -30.98 21.24 16.37
C GLY B 252 -31.76 19.98 15.96
N GLN B 253 -32.25 19.23 16.93
CA GLN B 253 -33.00 17.98 16.75
C GLN B 253 -34.43 18.21 17.16
N LEU B 254 -34.61 19.44 17.57
CA LEU B 254 -35.87 19.87 18.07
C LEU B 254 -36.16 19.01 19.27
N CYS B 255 -35.03 18.61 19.87
CA CYS B 255 -35.16 17.83 21.07
C CYS B 255 -35.43 18.80 22.18
N VAL B 256 -36.69 19.01 22.31
CA VAL B 256 -37.03 20.12 23.13
C VAL B 256 -38.00 19.98 24.30
N LYS B 257 -38.48 18.76 24.56
CA LYS B 257 -39.40 18.54 25.68
C LYS B 257 -38.89 17.41 26.49
N GLU B 258 -39.40 17.24 27.69
CA GLU B 258 -38.88 16.12 28.45
C GLU B 258 -39.10 14.81 27.79
N GLY B 259 -38.11 13.97 27.94
CA GLY B 259 -38.17 12.62 27.43
C GLY B 259 -37.47 12.50 26.12
N MET B 260 -37.29 13.69 25.53
CA MET B 260 -36.65 13.80 24.24
C MET B 260 -35.13 13.70 24.44
N ALA B 261 -34.52 12.82 23.63
CA ALA B 261 -33.08 12.47 23.68
C ALA B 261 -32.43 12.21 22.31
N LYS B 262 -31.11 12.49 22.24
CA LYS B 262 -30.36 12.26 20.99
C LYS B 262 -28.99 11.72 21.28
N ASN B 263 -28.53 10.99 20.25
CA ASN B 263 -27.22 10.42 20.23
C ASN B 263 -26.55 10.93 19.02
N THR B 264 -25.41 11.42 19.36
CA THR B 264 -24.52 11.98 18.47
C THR B 264 -23.22 11.26 18.45
N TYR B 265 -22.85 10.95 17.26
CA TYR B 265 -21.65 10.22 17.07
C TYR B 265 -20.58 10.93 16.37
N GLY B 266 -19.62 11.38 17.15
CA GLY B 266 -18.55 12.10 16.46
C GLY B 266 -17.18 11.69 16.84
N THR B 267 -16.38 12.66 17.28
CA THR B 267 -15.02 12.33 17.66
C THR B 267 -15.15 11.57 18.97
N GLY B 268 -16.31 11.76 19.56
CA GLY B 268 -16.72 11.11 20.79
C GLY B 268 -18.14 10.66 20.57
N CYS B 269 -18.88 10.48 21.63
CA CYS B 269 -20.21 10.03 21.42
C CYS B 269 -21.03 10.54 22.53
N PHE B 270 -22.10 11.27 22.19
CA PHE B 270 -22.97 11.89 23.19
C PHE B 270 -24.43 11.62 23.00
N MET B 271 -24.97 11.39 24.17
CA MET B 271 -26.35 11.04 24.36
C MET B 271 -26.83 11.82 25.52
N LEU B 272 -27.96 12.47 25.19
CA LEU B 272 -28.62 13.42 26.08
C LEU B 272 -30.10 13.44 25.87
N MET B 273 -30.75 13.70 27.00
CA MET B 273 -32.15 13.75 26.93
C MET B 273 -32.62 14.81 27.82
N ASN B 274 -33.53 15.56 27.23
CA ASN B 274 -34.17 16.69 27.81
C ASN B 274 -35.04 16.29 28.96
N THR B 275 -34.86 16.99 30.07
CA THR B 275 -35.70 16.75 31.22
C THR B 275 -36.53 17.98 31.52
N GLY B 276 -36.69 18.81 30.49
CA GLY B 276 -37.43 20.06 30.64
C GLY B 276 -36.72 20.98 31.65
N GLU B 277 -37.47 21.43 32.63
CA GLU B 277 -37.07 22.35 33.68
C GLU B 277 -36.51 21.59 34.83
N LYS B 278 -36.83 20.32 34.85
CA LYS B 278 -36.38 19.53 35.94
C LYS B 278 -34.95 18.99 35.83
N ALA B 279 -34.19 19.36 36.83
CA ALA B 279 -32.85 18.90 37.01
C ALA B 279 -32.87 17.61 37.82
N VAL B 280 -32.65 16.52 37.11
CA VAL B 280 -32.57 15.23 37.75
C VAL B 280 -31.15 14.88 38.27
N LYS B 281 -30.95 14.68 39.58
CA LYS B 281 -29.64 14.20 39.92
C LYS B 281 -29.69 12.72 39.54
N SER B 282 -28.58 12.16 39.08
CA SER B 282 -28.54 10.76 38.64
C SER B 282 -27.66 9.89 39.52
N GLU B 283 -28.11 8.64 39.66
CA GLU B 283 -27.51 7.55 40.45
C GLU B 283 -26.65 6.55 39.68
N ASN B 284 -26.94 6.55 38.38
CA ASN B 284 -26.39 5.66 37.37
C ASN B 284 -25.17 6.14 36.58
N GLY B 285 -24.46 7.18 37.05
CA GLY B 285 -23.25 7.67 36.36
C GLY B 285 -23.47 8.68 35.22
N LEU B 286 -24.70 9.10 35.01
CA LEU B 286 -24.92 10.06 33.96
C LEU B 286 -24.55 11.50 34.34
N LEU B 287 -24.56 12.33 33.35
CA LEU B 287 -24.26 13.70 33.66
C LEU B 287 -25.53 14.50 33.76
N THR B 288 -25.45 15.48 34.63
CA THR B 288 -26.58 16.40 34.71
C THR B 288 -26.14 17.73 34.12
N THR B 289 -26.89 18.24 33.16
CA THR B 289 -26.45 19.54 32.61
C THR B 289 -27.56 20.45 32.06
N ILE B 290 -27.11 21.55 31.51
CA ILE B 290 -28.01 22.51 30.98
C ILE B 290 -28.13 22.45 29.49
N ALA B 291 -29.34 22.43 29.08
CA ALA B 291 -29.66 22.45 27.70
C ALA B 291 -30.57 23.67 27.41
N CYS B 292 -31.21 23.65 26.21
CA CYS B 292 -32.06 24.76 25.75
C CYS B 292 -33.54 24.45 25.75
N GLY B 293 -34.37 25.47 26.04
CA GLY B 293 -35.79 25.30 26.04
C GLY B 293 -36.18 25.59 24.64
N PRO B 294 -37.48 25.41 24.35
CA PRO B 294 -38.03 25.68 23.04
C PRO B 294 -37.83 27.13 22.62
N THR B 295 -37.25 27.91 23.50
CA THR B 295 -36.97 29.27 23.16
C THR B 295 -35.52 29.74 23.40
N GLY B 296 -34.62 28.87 23.88
CA GLY B 296 -33.27 29.34 24.18
C GLY B 296 -33.23 29.67 25.68
N GLU B 297 -34.40 29.45 26.30
CA GLU B 297 -34.49 29.62 27.71
C GLU B 297 -33.70 28.44 28.29
N VAL B 298 -33.56 28.39 29.61
CA VAL B 298 -32.77 27.33 30.19
C VAL B 298 -33.47 25.99 30.39
N ASN B 299 -32.91 24.92 29.85
CA ASN B 299 -33.50 23.64 30.11
C ASN B 299 -32.57 22.81 30.96
N TYR B 300 -32.78 21.53 30.94
CA TYR B 300 -31.94 20.62 31.66
C TYR B 300 -31.84 19.29 30.93
N ALA B 301 -30.84 18.51 31.30
CA ALA B 301 -30.62 17.20 30.65
C ALA B 301 -29.74 16.21 31.38
N LEU B 302 -29.89 14.97 30.90
CA LEU B 302 -29.04 13.89 31.35
C LEU B 302 -28.03 13.55 30.28
N GLU B 303 -26.76 13.75 30.60
CA GLU B 303 -25.86 13.48 29.53
C GLU B 303 -25.12 12.22 29.76
N GLY B 304 -24.80 11.62 28.62
CA GLY B 304 -24.02 10.38 28.62
C GLY B 304 -22.74 10.53 27.78
N ALA B 305 -21.63 10.89 28.43
CA ALA B 305 -20.40 11.16 27.68
C ALA B 305 -19.40 10.06 27.58
N VAL B 306 -19.23 9.72 26.30
CA VAL B 306 -18.31 8.69 25.77
C VAL B 306 -17.10 9.28 24.99
N PHE B 307 -15.85 9.26 25.57
CA PHE B 307 -14.57 9.80 24.97
C PHE B 307 -14.15 9.51 23.50
N MET B 308 -14.19 8.24 23.08
CA MET B 308 -13.80 7.90 21.70
C MET B 308 -14.88 7.17 20.94
N ALA B 309 -15.20 7.70 19.78
CA ALA B 309 -16.10 7.11 18.86
C ALA B 309 -15.43 7.29 17.55
N GLY B 310 -15.73 8.39 16.86
CA GLY B 310 -15.07 8.67 15.60
C GLY B 310 -13.57 8.68 15.77
N ALA B 311 -13.10 9.17 16.93
CA ALA B 311 -11.62 9.20 17.08
C ALA B 311 -10.83 7.86 16.93
N SER B 312 -11.50 6.77 17.35
CA SER B 312 -10.96 5.44 17.28
C SER B 312 -10.60 5.07 15.86
N ILE B 313 -11.51 5.32 14.92
CA ILE B 313 -11.25 5.08 13.54
C ILE B 313 -10.07 5.93 13.06
N GLN B 314 -10.11 7.20 13.44
CA GLN B 314 -9.06 8.09 13.03
C GLN B 314 -7.71 7.55 13.49
N TRP B 315 -7.74 6.78 14.56
CA TRP B 315 -6.53 6.16 15.00
C TRP B 315 -6.12 5.00 14.01
N LEU B 316 -7.07 4.30 13.48
CA LEU B 316 -6.73 3.31 12.51
C LEU B 316 -6.17 3.92 11.29
N ARG B 317 -6.85 4.96 10.91
CA ARG B 317 -6.47 5.65 9.71
C ARG B 317 -5.15 6.41 9.74
N ASP B 318 -4.95 7.25 10.78
CA ASP B 318 -3.74 8.08 10.89
C ASP B 318 -2.53 7.48 11.61
N GLU B 319 -2.78 6.51 12.50
CA GLU B 319 -1.73 5.97 13.34
C GLU B 319 -1.31 4.53 13.04
N MET B 320 -2.30 3.73 12.74
CA MET B 320 -2.24 2.33 12.48
C MET B 320 -2.30 2.10 11.00
N LYS B 321 -2.66 3.18 10.34
CA LYS B 321 -2.69 3.14 8.91
C LYS B 321 -3.46 1.98 8.29
N LEU B 322 -4.42 1.48 9.05
CA LEU B 322 -5.18 0.34 8.58
C LEU B 322 -6.15 0.59 7.45
N ILE B 323 -6.69 1.78 7.40
CA ILE B 323 -7.60 2.14 6.37
C ILE B 323 -7.05 3.42 5.82
N ASN B 324 -7.50 3.82 4.66
CA ASN B 324 -6.90 5.04 4.21
C ASN B 324 -7.86 6.16 4.34
N ASP B 325 -9.11 5.77 4.54
CA ASP B 325 -10.22 6.68 4.65
C ASP B 325 -11.29 6.16 5.59
N ALA B 326 -11.62 6.97 6.55
CA ALA B 326 -12.64 6.68 7.52
C ALA B 326 -13.90 6.14 6.89
N TYR B 327 -14.16 6.53 5.66
CA TYR B 327 -15.39 6.02 5.16
C TYR B 327 -15.29 4.55 4.84
N ASP B 328 -14.02 4.09 4.76
CA ASP B 328 -13.64 2.74 4.38
C ASP B 328 -14.16 1.67 5.30
N SER B 329 -13.98 2.00 6.56
CA SER B 329 -14.41 1.28 7.71
C SER B 329 -15.49 0.29 7.45
N GLU B 330 -16.50 0.84 6.84
CA GLU B 330 -17.65 0.07 6.55
C GLU B 330 -17.23 -1.12 5.72
N TYR B 331 -16.62 -0.84 4.58
CA TYR B 331 -16.10 -1.83 3.67
C TYR B 331 -15.44 -3.03 4.33
N PHE B 332 -14.30 -2.75 4.95
CA PHE B 332 -13.55 -3.71 5.67
C PHE B 332 -14.44 -4.51 6.63
N ALA B 333 -14.90 -3.92 7.71
CA ALA B 333 -15.78 -4.64 8.64
C ALA B 333 -16.92 -5.53 8.02
N THR B 334 -17.06 -5.51 6.71
CA THR B 334 -18.13 -6.29 6.12
C THR B 334 -17.64 -7.49 5.33
N LYS B 335 -16.33 -7.59 5.42
CA LYS B 335 -15.60 -8.65 4.84
C LYS B 335 -15.58 -9.77 5.89
N VAL B 336 -16.10 -9.46 7.07
CA VAL B 336 -16.15 -10.46 8.13
C VAL B 336 -17.55 -10.65 8.69
N GLN B 337 -17.84 -11.85 9.17
CA GLN B 337 -19.16 -12.23 9.72
C GLN B 337 -19.38 -11.73 11.14
N ASN B 338 -18.27 -11.70 11.83
CA ASN B 338 -18.17 -11.25 13.18
C ASN B 338 -16.74 -10.92 13.27
N THR B 339 -16.18 -10.92 14.53
CA THR B 339 -14.81 -10.54 14.88
C THR B 339 -13.92 -11.54 15.58
N ASN B 340 -13.96 -12.81 15.22
CA ASN B 340 -13.12 -13.88 15.84
C ASN B 340 -12.90 -13.74 17.32
N GLY B 341 -13.97 -13.31 18.00
CA GLY B 341 -13.98 -13.18 19.46
C GLY B 341 -13.21 -12.01 20.03
N VAL B 342 -12.78 -11.13 19.08
CA VAL B 342 -12.00 -9.92 19.41
C VAL B 342 -12.89 -8.78 20.00
N TYR B 343 -12.28 -8.02 20.85
CA TYR B 343 -12.92 -6.91 21.42
C TYR B 343 -11.96 -5.73 21.45
N VAL B 344 -12.46 -4.53 21.07
CA VAL B 344 -11.64 -3.34 21.17
C VAL B 344 -12.12 -2.39 22.29
N VAL B 345 -11.36 -2.18 23.36
CA VAL B 345 -11.82 -1.22 24.35
C VAL B 345 -11.02 0.04 24.18
N PRO B 346 -11.69 1.09 23.71
CA PRO B 346 -10.99 2.29 23.28
C PRO B 346 -10.80 3.42 24.31
N ALA B 347 -10.17 3.04 25.45
CA ALA B 347 -9.90 3.92 26.56
C ALA B 347 -8.63 4.69 26.43
N PHE B 348 -8.39 5.18 25.19
CA PHE B 348 -7.21 5.96 24.85
C PHE B 348 -6.98 7.15 25.73
N THR B 349 -8.15 7.61 26.15
CA THR B 349 -8.31 8.75 26.95
C THR B 349 -9.03 8.50 28.26
N GLY B 350 -8.94 7.26 28.76
CA GLY B 350 -9.61 6.86 30.00
C GLY B 350 -11.04 6.49 29.62
N LEU B 351 -11.78 6.30 30.68
CA LEU B 351 -13.13 5.85 30.63
C LEU B 351 -14.27 6.75 30.34
N GLY B 352 -14.71 7.61 31.22
CA GLY B 352 -15.90 8.30 30.66
C GLY B 352 -17.15 7.59 31.15
N ALA B 353 -18.31 8.12 30.93
CA ALA B 353 -19.42 7.38 31.49
C ALA B 353 -19.62 6.02 30.80
N PRO B 354 -20.27 5.13 31.53
CA PRO B 354 -20.72 5.43 32.88
C PRO B 354 -19.58 5.15 33.80
N TYR B 355 -18.50 4.77 33.22
CA TYR B 355 -17.42 4.36 34.02
C TYR B 355 -16.77 5.42 34.85
N TRP B 356 -16.14 6.35 34.17
CA TRP B 356 -15.40 7.39 34.83
C TRP B 356 -14.16 6.78 35.35
N ASP B 357 -13.13 6.72 34.49
CA ASP B 357 -11.84 6.14 34.85
C ASP B 357 -10.71 6.75 34.07
N PRO B 358 -10.05 7.65 34.75
CA PRO B 358 -8.97 8.37 34.16
C PRO B 358 -7.77 7.47 33.87
N TYR B 359 -7.73 6.29 34.52
CA TYR B 359 -6.60 5.34 34.45
C TYR B 359 -6.66 4.29 33.36
N ALA B 360 -7.87 4.16 32.88
CA ALA B 360 -8.20 3.25 31.87
C ALA B 360 -7.46 3.60 30.62
N ARG B 361 -6.92 2.55 29.98
CA ARG B 361 -6.22 2.68 28.72
C ARG B 361 -6.93 1.91 27.67
N GLY B 362 -6.56 2.03 26.42
CA GLY B 362 -7.29 1.33 25.40
C GLY B 362 -6.52 0.00 25.29
N ALA B 363 -7.32 -1.01 24.92
CA ALA B 363 -6.81 -2.35 24.85
C ALA B 363 -7.46 -3.22 23.82
N ILE B 364 -6.85 -4.37 23.59
CA ILE B 364 -7.48 -5.31 22.68
C ILE B 364 -7.48 -6.73 23.25
N PHE B 365 -8.61 -7.44 23.12
CA PHE B 365 -8.75 -8.78 23.68
C PHE B 365 -9.28 -9.79 22.69
N GLY B 366 -9.08 -11.13 23.00
CA GLY B 366 -9.56 -12.27 22.15
C GLY B 366 -8.55 -12.48 21.01
N LEU B 367 -7.30 -12.18 21.29
CA LEU B 367 -6.44 -12.35 20.14
C LEU B 367 -5.99 -13.76 19.88
N THR B 368 -6.16 -14.10 18.63
CA THR B 368 -5.80 -15.40 18.05
C THR B 368 -5.11 -15.27 16.70
N ARG B 369 -4.41 -16.33 16.35
CA ARG B 369 -3.66 -16.41 15.10
C ARG B 369 -4.44 -16.02 13.82
N GLY B 370 -5.70 -16.47 13.64
CA GLY B 370 -6.46 -16.13 12.43
C GLY B 370 -7.21 -14.80 12.49
N VAL B 371 -6.79 -13.94 13.35
CA VAL B 371 -7.47 -12.70 13.47
C VAL B 371 -6.80 -11.73 12.52
N ASN B 372 -7.50 -11.23 11.50
CA ASN B 372 -6.89 -10.21 10.62
C ASN B 372 -7.32 -8.74 10.95
N ALA B 373 -6.77 -7.74 10.28
CA ALA B 373 -7.15 -6.34 10.53
C ALA B 373 -8.63 -6.05 10.27
N ASN B 374 -9.24 -6.88 9.40
CA ASN B 374 -10.66 -6.64 9.21
C ASN B 374 -11.36 -6.69 10.52
N HIS B 375 -11.09 -7.79 11.27
CA HIS B 375 -11.70 -7.98 12.59
C HIS B 375 -11.41 -6.84 13.54
N ILE B 376 -10.18 -6.29 13.50
CA ILE B 376 -9.87 -5.18 14.36
C ILE B 376 -10.76 -3.98 14.05
N ILE B 377 -10.73 -3.57 12.80
CA ILE B 377 -11.59 -2.49 12.35
C ILE B 377 -13.00 -2.74 12.79
N ARG B 378 -13.48 -3.91 12.48
CA ARG B 378 -14.82 -4.24 12.85
C ARG B 378 -15.14 -4.12 14.35
N ALA B 379 -14.20 -4.66 15.12
CA ALA B 379 -14.32 -4.57 16.55
C ALA B 379 -14.44 -3.08 16.94
N THR B 380 -13.52 -2.31 16.34
CA THR B 380 -13.43 -0.89 16.55
C THR B 380 -14.81 -0.23 16.47
N LEU B 381 -15.42 -0.52 15.31
CA LEU B 381 -16.77 -0.09 15.08
C LEU B 381 -17.67 -0.51 16.20
N GLU B 382 -17.78 -1.82 16.44
CA GLU B 382 -18.66 -2.27 17.50
C GLU B 382 -18.51 -1.55 18.86
N SER B 383 -17.26 -1.21 19.30
CA SER B 383 -17.02 -0.56 20.59
C SER B 383 -17.92 0.59 20.77
N ILE B 384 -18.15 1.28 19.66
CA ILE B 384 -19.01 2.45 19.64
C ILE B 384 -20.40 2.02 20.07
N ALA B 385 -20.94 1.06 19.33
CA ALA B 385 -22.23 0.43 19.64
C ALA B 385 -22.39 0.00 21.13
N TYR B 386 -21.29 -0.61 21.70
CA TYR B 386 -21.22 -1.07 23.09
C TYR B 386 -21.43 0.04 24.05
N GLN B 387 -20.46 0.93 24.08
CA GLN B 387 -20.45 2.11 24.91
C GLN B 387 -21.80 2.78 24.94
N THR B 388 -22.43 2.90 23.76
CA THR B 388 -23.75 3.55 23.58
C THR B 388 -24.74 2.80 24.41
N ARG B 389 -24.71 1.50 24.15
CA ARG B 389 -25.54 0.65 24.95
C ARG B 389 -25.19 0.77 26.43
N ASP B 390 -23.95 1.15 26.78
CA ASP B 390 -23.60 1.32 28.16
C ASP B 390 -24.32 2.53 28.72
N VAL B 391 -24.19 3.67 28.03
CA VAL B 391 -24.81 4.88 28.59
C VAL B 391 -26.28 4.78 28.53
N LEU B 392 -26.71 4.21 27.45
CA LEU B 392 -28.13 4.07 27.23
C LEU B 392 -28.91 3.53 28.35
N GLU B 393 -28.31 2.57 28.99
CA GLU B 393 -28.93 1.86 30.07
C GLU B 393 -28.93 2.70 31.30
N ALA B 394 -27.75 3.25 31.70
CA ALA B 394 -27.62 4.14 32.85
C ALA B 394 -28.78 5.11 32.90
N MET B 395 -29.14 5.51 31.67
CA MET B 395 -30.17 6.47 31.30
C MET B 395 -31.56 5.99 31.65
N GLN B 396 -31.91 4.80 31.16
CA GLN B 396 -33.20 4.18 31.49
C GLN B 396 -33.25 3.91 32.98
N ALA B 397 -32.10 3.57 33.54
CA ALA B 397 -31.98 3.35 34.96
C ALA B 397 -32.49 4.59 35.60
N ASP B 398 -31.60 5.53 35.66
CA ASP B 398 -31.83 6.88 36.07
C ASP B 398 -33.25 7.48 35.71
N SER B 399 -33.77 7.33 34.47
CA SER B 399 -35.04 7.99 34.09
C SER B 399 -36.30 7.16 33.87
N GLY B 400 -36.19 5.87 34.00
CA GLY B 400 -37.38 5.04 33.85
C GLY B 400 -37.95 4.88 32.43
N ILE B 401 -37.23 5.37 31.44
CA ILE B 401 -37.81 5.15 30.11
C ILE B 401 -36.95 4.36 29.16
N ARG B 402 -37.49 3.29 28.57
CA ARG B 402 -36.76 2.55 27.54
C ARG B 402 -37.10 3.13 26.13
N LEU B 403 -36.09 3.70 25.51
CA LEU B 403 -36.25 4.33 24.22
C LEU B 403 -36.70 3.40 23.17
N HIS B 404 -37.79 3.80 22.53
CA HIS B 404 -38.41 3.07 21.44
C HIS B 404 -37.62 3.13 20.15
N ALA B 405 -37.09 4.32 19.89
CA ALA B 405 -36.22 4.60 18.77
C ALA B 405 -35.08 5.45 19.21
N LEU B 406 -33.99 5.30 18.51
CA LEU B 406 -32.86 6.15 18.82
C LEU B 406 -32.62 7.21 17.74
N ARG B 407 -32.69 8.49 18.18
CA ARG B 407 -32.42 9.60 17.28
C ARG B 407 -30.94 9.91 17.25
N VAL B 408 -30.35 9.72 16.09
CA VAL B 408 -28.92 9.86 16.11
C VAL B 408 -28.42 10.86 15.14
N ASP B 409 -27.13 11.07 15.20
CA ASP B 409 -26.47 12.05 14.39
C ASP B 409 -24.99 12.11 14.73
N GLY B 410 -24.31 12.81 13.84
CA GLY B 410 -22.91 13.08 13.96
C GLY B 410 -22.28 12.64 12.67
N GLY B 411 -20.99 12.92 12.57
CA GLY B 411 -20.21 12.54 11.40
C GLY B 411 -20.14 11.02 11.13
N ALA B 412 -20.09 10.22 12.19
CA ALA B 412 -20.02 8.81 11.92
C ALA B 412 -21.34 8.17 11.59
N VAL B 413 -22.42 8.91 11.69
CA VAL B 413 -23.67 8.25 11.38
C VAL B 413 -23.80 7.76 9.93
N ALA B 414 -22.77 8.07 9.15
CA ALA B 414 -22.82 7.63 7.78
C ALA B 414 -22.63 6.10 7.73
N ASN B 415 -21.69 5.60 8.53
CA ASN B 415 -21.44 4.17 8.64
C ASN B 415 -22.71 3.37 8.90
N ASN B 416 -23.16 2.71 7.82
CA ASN B 416 -24.38 1.88 7.73
C ASN B 416 -24.24 0.65 8.55
N PHE B 417 -23.02 0.16 8.54
CA PHE B 417 -22.73 -0.99 9.31
C PHE B 417 -23.04 -0.68 10.77
N LEU B 418 -22.32 0.34 11.19
CA LEU B 418 -22.35 0.73 12.56
C LEU B 418 -23.76 0.99 13.05
N MET B 419 -24.51 1.64 12.16
CA MET B 419 -25.87 2.05 12.46
C MET B 419 -26.67 0.84 12.84
N GLN B 420 -26.65 -0.09 11.88
CA GLN B 420 -27.29 -1.38 11.99
C GLN B 420 -26.88 -2.14 13.23
N PHE B 421 -25.54 -2.35 13.37
CA PHE B 421 -25.01 -3.04 14.49
C PHE B 421 -25.61 -2.53 15.72
N GLN B 422 -25.60 -1.20 15.74
CA GLN B 422 -26.11 -0.48 16.84
C GLN B 422 -27.54 -0.91 17.11
N SER B 423 -28.35 -0.90 16.04
CA SER B 423 -29.77 -1.32 16.17
C SER B 423 -29.86 -2.72 16.78
N ASP B 424 -29.11 -3.59 16.16
CA ASP B 424 -29.02 -4.94 16.59
C ASP B 424 -28.70 -4.99 18.10
N ILE B 425 -27.57 -4.43 18.47
CA ILE B 425 -27.13 -4.45 19.88
C ILE B 425 -28.08 -3.98 20.93
N LEU B 426 -28.93 -2.99 20.66
CA LEU B 426 -29.88 -2.43 21.64
C LEU B 426 -31.20 -3.13 21.47
N GLY B 427 -31.41 -3.45 20.18
CA GLY B 427 -32.69 -3.98 19.76
C GLY B 427 -33.68 -2.84 19.95
N THR B 428 -33.41 -1.76 19.26
CA THR B 428 -34.15 -0.55 19.22
C THR B 428 -34.05 -0.01 17.80
N ARG B 429 -35.03 0.80 17.44
CA ARG B 429 -35.06 1.35 16.14
C ARG B 429 -34.08 2.49 16.05
N VAL B 430 -33.42 2.67 14.88
CA VAL B 430 -32.48 3.78 14.79
C VAL B 430 -32.86 4.74 13.70
N GLU B 431 -33.26 5.95 14.06
CA GLU B 431 -33.66 6.86 13.00
C GLU B 431 -32.52 7.71 12.56
N ARG B 432 -32.36 7.71 11.27
CA ARG B 432 -31.32 8.45 10.64
C ARG B 432 -31.91 9.60 9.87
N PRO B 433 -31.48 10.78 10.25
CA PRO B 433 -31.96 11.96 9.60
C PRO B 433 -31.22 12.09 8.30
N GLU B 434 -31.86 12.82 7.38
CA GLU B 434 -31.35 13.17 6.07
C GLU B 434 -30.14 14.12 6.19
N VAL B 435 -30.24 15.10 7.10
CA VAL B 435 -29.11 15.98 7.36
C VAL B 435 -28.52 15.72 8.75
N ARG B 436 -27.29 15.20 8.75
CA ARG B 436 -26.66 14.83 10.02
C ARG B 436 -25.84 15.91 10.65
N GLU B 437 -25.75 17.01 9.91
CA GLU B 437 -25.02 18.21 10.30
C GLU B 437 -25.69 19.02 11.48
N VAL B 438 -26.64 18.39 12.13
CA VAL B 438 -27.42 18.94 13.20
C VAL B 438 -26.75 19.82 14.27
N THR B 439 -25.50 19.57 14.67
CA THR B 439 -24.89 20.43 15.69
C THR B 439 -24.88 21.90 15.23
N ALA B 440 -24.46 22.07 13.97
CA ALA B 440 -24.42 23.38 13.36
C ALA B 440 -25.82 24.00 13.44
N LEU B 441 -26.75 23.37 12.72
CA LEU B 441 -28.18 23.68 12.70
C LEU B 441 -28.72 24.24 14.01
N GLY B 442 -28.26 23.71 15.12
CA GLY B 442 -28.75 24.19 16.37
C GLY B 442 -28.32 25.61 16.46
N ALA B 443 -27.01 25.76 16.40
CA ALA B 443 -26.34 27.03 16.41
C ALA B 443 -27.07 28.02 15.50
N ALA B 444 -27.37 27.63 14.26
CA ALA B 444 -28.07 28.53 13.39
C ALA B 444 -29.41 28.85 13.99
N TYR B 445 -30.04 27.84 14.46
CA TYR B 445 -31.33 28.05 15.03
C TYR B 445 -31.21 28.98 16.21
N LEU B 446 -30.27 28.70 17.09
CA LEU B 446 -30.05 29.58 18.23
C LEU B 446 -29.78 31.03 17.77
N ALA B 447 -29.13 31.18 16.64
CA ALA B 447 -28.84 32.51 16.22
C ALA B 447 -30.08 33.18 15.64
N GLY B 448 -30.39 32.89 14.38
CA GLY B 448 -31.55 33.45 13.65
C GLY B 448 -32.75 33.71 14.53
N LEU B 449 -32.85 32.89 15.54
CA LEU B 449 -33.94 33.04 16.47
C LEU B 449 -33.83 34.36 17.20
N ALA B 450 -32.65 34.65 17.78
CA ALA B 450 -32.36 35.87 18.52
C ALA B 450 -32.60 37.03 17.57
N VAL B 451 -31.85 37.03 16.53
CA VAL B 451 -31.96 38.02 15.51
C VAL B 451 -33.35 37.99 14.84
N GLY B 452 -34.32 37.23 15.41
CA GLY B 452 -35.68 37.14 14.82
C GLY B 452 -35.82 36.59 13.37
N PHE B 453 -34.70 35.97 12.86
CA PHE B 453 -34.54 35.30 11.54
C PHE B 453 -35.67 34.35 11.24
N TRP B 454 -36.12 33.70 12.32
CA TRP B 454 -37.27 32.80 12.35
C TRP B 454 -37.89 33.22 13.63
N GLN B 455 -39.21 33.21 13.75
CA GLN B 455 -39.80 33.64 15.01
C GLN B 455 -40.11 32.52 16.00
N ASN B 456 -40.44 31.35 15.45
CA ASN B 456 -40.70 30.14 16.24
C ASN B 456 -40.11 28.86 15.64
N LEU B 457 -39.97 27.88 16.50
CA LEU B 457 -39.45 26.57 16.14
C LEU B 457 -40.33 25.81 15.20
N ASP B 458 -41.65 25.93 15.39
CA ASP B 458 -42.63 25.29 14.54
C ASP B 458 -42.33 25.53 13.07
N GLU B 459 -41.77 26.71 12.82
CA GLU B 459 -41.37 27.15 11.50
C GLU B 459 -40.36 26.16 10.95
N LEU B 460 -39.72 25.49 11.92
CA LEU B 460 -38.61 24.57 11.74
C LEU B 460 -38.90 23.08 11.81
N GLN B 461 -40.05 22.71 12.44
CA GLN B 461 -40.47 21.31 12.66
C GLN B 461 -40.30 20.32 11.49
N GLU B 462 -41.26 20.37 10.54
CA GLU B 462 -41.31 19.49 9.36
C GLU B 462 -40.04 19.54 8.49
N LYS B 463 -39.21 20.47 8.84
CA LYS B 463 -37.97 20.60 8.14
C LYS B 463 -37.11 19.33 8.30
N ALA B 464 -37.35 18.54 9.38
CA ALA B 464 -36.62 17.28 9.70
C ALA B 464 -37.16 16.02 9.03
N VAL B 465 -36.24 15.28 8.47
CA VAL B 465 -36.57 14.03 7.79
C VAL B 465 -35.60 12.84 8.02
N ILE B 466 -36.13 11.70 8.52
CA ILE B 466 -35.28 10.55 8.68
C ILE B 466 -35.11 9.84 7.39
N GLU B 467 -33.86 9.84 7.01
CA GLU B 467 -33.42 9.26 5.78
C GLU B 467 -33.47 7.74 5.90
N ARG B 468 -33.19 7.21 7.08
CA ARG B 468 -33.18 5.79 7.19
C ARG B 468 -33.49 5.27 8.55
N GLU B 469 -34.16 4.14 8.54
CA GLU B 469 -34.51 3.51 9.80
C GLU B 469 -33.89 2.18 9.81
N PHE B 470 -33.25 1.85 10.96
CA PHE B 470 -32.60 0.58 11.20
C PHE B 470 -33.28 -0.18 12.34
N ARG B 471 -33.86 -1.33 12.00
CA ARG B 471 -34.46 -2.22 13.02
C ARG B 471 -33.53 -3.41 13.35
N PRO B 472 -33.45 -3.74 14.64
CA PRO B 472 -32.56 -4.84 15.07
C PRO B 472 -32.88 -6.16 14.35
N GLY B 473 -31.85 -6.80 13.75
CA GLY B 473 -31.99 -8.12 13.10
C GLY B 473 -31.15 -9.26 13.79
N ILE B 474 -31.07 -9.20 15.14
CA ILE B 474 -30.29 -10.17 15.91
C ILE B 474 -30.90 -10.63 17.21
N GLU B 475 -31.11 -11.95 17.15
CA GLU B 475 -31.68 -12.80 18.18
C GLU B 475 -31.09 -12.47 19.52
N THR B 476 -31.99 -12.07 20.38
CA THR B 476 -31.72 -11.69 21.74
C THR B 476 -30.48 -12.26 22.44
N THR B 477 -30.40 -13.58 22.48
CA THR B 477 -29.29 -14.30 23.07
C THR B 477 -27.98 -13.72 22.60
N GLU B 478 -27.87 -13.81 21.30
CA GLU B 478 -26.76 -13.36 20.54
C GLU B 478 -26.42 -11.95 20.98
N ARG B 479 -27.49 -11.15 20.95
CA ARG B 479 -27.41 -9.76 21.31
C ARG B 479 -26.76 -9.58 22.66
N ASN B 480 -27.39 -10.15 23.68
CA ASN B 480 -26.84 -10.10 25.07
C ASN B 480 -25.49 -10.79 25.21
N TYR B 481 -25.41 -11.90 24.50
CA TYR B 481 -24.24 -12.70 24.57
C TYR B 481 -23.03 -11.84 24.25
N ARG B 482 -23.11 -11.20 23.09
CA ARG B 482 -22.10 -10.27 22.63
C ARG B 482 -21.85 -9.16 23.67
N TYR B 483 -22.89 -8.71 24.33
CA TYR B 483 -22.72 -7.68 25.31
C TYR B 483 -21.77 -8.07 26.44
N ALA B 484 -22.11 -9.17 27.11
CA ALA B 484 -21.32 -9.76 28.24
C ALA B 484 -19.85 -9.80 28.00
N GLY B 485 -19.54 -10.02 26.71
CA GLY B 485 -18.17 -10.12 26.30
C GLY B 485 -17.44 -8.83 26.48
N TRP B 486 -18.10 -7.77 26.02
CA TRP B 486 -17.64 -6.43 26.04
C TRP B 486 -17.38 -6.04 27.50
N LYS B 487 -18.41 -6.28 28.25
CA LYS B 487 -18.41 -5.96 29.65
C LYS B 487 -17.23 -6.53 30.35
N LYS B 488 -16.85 -7.71 29.88
CA LYS B 488 -15.71 -8.41 30.45
C LYS B 488 -14.42 -7.71 30.09
N ALA B 489 -14.30 -7.56 28.77
CA ALA B 489 -13.19 -6.83 28.14
C ALA B 489 -12.96 -5.53 28.86
N VAL B 490 -14.06 -4.76 29.08
CA VAL B 490 -14.00 -3.45 29.70
C VAL B 490 -13.19 -3.40 30.99
N LYS B 491 -13.65 -4.23 31.91
CA LYS B 491 -13.03 -4.36 33.20
C LYS B 491 -11.56 -4.56 33.09
N ARG B 492 -11.12 -5.39 32.11
CA ARG B 492 -9.68 -5.68 32.02
C ARG B 492 -8.87 -4.47 31.69
N ALA B 493 -9.64 -3.56 31.03
CA ALA B 493 -9.20 -2.25 30.59
C ALA B 493 -9.01 -1.26 31.73
N MET B 494 -9.88 -1.37 32.72
CA MET B 494 -9.73 -0.47 33.83
C MET B 494 -8.43 -0.50 34.64
N ALA B 495 -8.18 0.66 35.18
CA ALA B 495 -7.12 0.87 36.08
C ALA B 495 -5.83 0.45 35.53
N TRP B 496 -5.58 0.71 34.29
CA TRP B 496 -4.29 0.23 33.84
C TRP B 496 -3.22 1.12 34.35
N GLU B 497 -3.58 2.37 34.40
CA GLU B 497 -2.62 3.26 34.84
C GLU B 497 -2.43 3.29 36.30
N GLU B 498 -1.13 3.51 36.50
CA GLU B 498 -0.41 3.60 37.76
C GLU B 498 -0.50 4.96 38.47
N HIS B 499 -1.33 5.05 39.50
CA HIS B 499 -1.35 6.32 40.22
C HIS B 499 -0.58 6.35 41.52
N ASP B 500 0.49 7.10 41.47
CA ASP B 500 1.30 7.32 42.66
C ASP B 500 0.34 7.87 43.76
N LYS C 3 1.63 49.55 8.89
CA LYS C 3 3.06 49.89 8.96
C LYS C 3 4.10 48.71 9.15
N LYS C 4 3.67 47.50 9.36
CA LYS C 4 4.70 46.55 9.65
C LYS C 4 5.01 45.46 8.64
N TYR C 5 4.00 45.01 7.94
CA TYR C 5 4.24 43.97 7.02
C TYR C 5 3.67 44.17 5.65
N ILE C 6 4.17 43.39 4.79
CA ILE C 6 3.56 43.31 3.53
C ILE C 6 3.19 41.85 3.29
N VAL C 7 2.12 41.64 2.52
CA VAL C 7 1.54 40.36 2.15
C VAL C 7 1.71 40.00 0.66
N ALA C 8 2.40 38.89 0.30
CA ALA C 8 2.37 38.57 -1.15
C ALA C 8 1.27 37.54 -1.45
N LEU C 9 0.74 37.52 -2.61
CA LEU C 9 -0.32 36.55 -2.82
C LEU C 9 0.09 35.81 -4.05
N ASP C 10 0.10 34.49 -3.98
CA ASP C 10 0.50 33.69 -5.13
C ASP C 10 -0.56 32.69 -5.50
N GLN C 11 -1.30 33.03 -6.52
CA GLN C 11 -2.33 32.20 -7.07
C GLN C 11 -1.71 31.46 -8.22
N GLY C 12 -1.05 30.38 -7.76
CA GLY C 12 -0.34 29.43 -8.59
C GLY C 12 -1.30 28.39 -9.21
N THR C 13 -0.72 27.65 -10.15
CA THR C 13 -1.55 26.72 -10.87
C THR C 13 -2.33 25.70 -10.10
N THR C 14 -1.65 25.18 -9.09
CA THR C 14 -2.11 24.04 -8.27
C THR C 14 -2.55 24.41 -6.87
N SER C 15 -1.86 25.44 -6.35
CA SER C 15 -2.17 26.02 -5.05
C SER C 15 -2.23 27.56 -5.06
N SER C 16 -3.06 28.04 -4.13
CA SER C 16 -3.23 29.42 -3.75
C SER C 16 -2.38 29.60 -2.51
N ARG C 17 -1.71 30.74 -2.42
CA ARG C 17 -0.81 31.01 -1.32
C ARG C 17 -0.86 32.43 -0.77
N ALA C 18 -0.37 32.54 0.49
CA ALA C 18 -0.29 33.82 1.16
C ALA C 18 0.91 33.90 2.03
N VAL C 19 1.88 34.75 1.67
CA VAL C 19 3.11 34.94 2.50
C VAL C 19 3.19 36.28 3.32
N VAL C 20 3.80 36.23 4.48
CA VAL C 20 3.94 37.43 5.24
C VAL C 20 5.39 37.71 5.49
N MET C 21 5.87 38.84 4.95
CA MET C 21 7.24 39.28 5.08
C MET C 21 7.33 40.43 6.01
N ASP C 22 8.51 40.60 6.57
CA ASP C 22 8.62 41.76 7.36
C ASP C 22 9.44 42.81 6.63
N HIS C 23 9.74 43.86 7.32
CA HIS C 23 10.49 44.82 6.64
C HIS C 23 11.85 44.19 6.46
N ASP C 24 12.10 43.32 7.35
CA ASP C 24 13.36 42.70 7.15
C ASP C 24 13.43 41.77 5.98
N ALA C 25 12.30 41.48 5.34
CA ALA C 25 12.28 40.65 4.13
C ALA C 25 12.31 39.19 4.50
N ASN C 26 11.58 38.93 5.56
CA ASN C 26 11.49 37.62 6.10
C ASN C 26 10.14 37.07 5.98
N ILE C 27 10.14 35.84 5.53
CA ILE C 27 8.94 35.10 5.47
C ILE C 27 8.59 34.72 6.88
N ILE C 28 7.57 35.36 7.38
CA ILE C 28 7.14 35.17 8.75
C ILE C 28 6.15 34.03 8.86
N SER C 29 5.26 33.92 7.89
CA SER C 29 4.23 32.93 8.01
C SER C 29 3.75 32.60 6.66
N VAL C 30 3.22 31.39 6.53
CA VAL C 30 2.73 30.93 5.23
C VAL C 30 1.43 30.15 5.17
N SER C 31 0.76 30.27 4.05
CA SER C 31 -0.44 29.50 3.97
C SER C 31 -0.71 29.10 2.53
N GLN C 32 -0.87 27.76 2.35
CA GLN C 32 -1.09 27.06 1.08
C GLN C 32 -2.36 26.32 1.16
N ARG C 33 -3.03 26.27 0.05
CA ARG C 33 -4.27 25.55 -0.14
C ARG C 33 -4.23 25.01 -1.54
N GLU C 34 -4.71 23.80 -1.68
CA GLU C 34 -4.67 23.25 -2.99
C GLU C 34 -6.05 23.23 -3.57
N PHE C 35 -6.10 23.18 -4.88
CA PHE C 35 -7.39 23.16 -5.54
C PHE C 35 -7.39 22.19 -6.72
N GLU C 36 -8.61 21.76 -6.98
CA GLU C 36 -9.06 20.87 -8.03
C GLU C 36 -8.65 21.23 -9.43
N GLN C 37 -8.18 20.21 -10.18
CA GLN C 37 -7.76 20.33 -11.57
C GLN C 37 -8.75 19.58 -12.42
N ILE C 38 -9.38 20.34 -13.32
CA ILE C 38 -10.42 19.80 -14.09
C ILE C 38 -10.09 19.44 -15.47
N TYR C 39 -10.45 18.18 -15.80
CA TYR C 39 -10.12 17.74 -17.11
C TYR C 39 -11.31 17.23 -17.78
N PRO C 40 -12.11 18.20 -18.19
CA PRO C 40 -13.32 18.02 -18.96
C PRO C 40 -13.09 16.88 -19.96
N LYS C 41 -11.91 16.91 -20.56
CA LYS C 41 -11.45 15.93 -21.50
C LYS C 41 -9.97 16.03 -21.77
N PRO C 42 -9.46 15.03 -22.48
CA PRO C 42 -8.03 14.98 -22.73
C PRO C 42 -7.48 16.15 -23.52
N GLY C 43 -6.58 16.90 -22.85
CA GLY C 43 -5.88 18.04 -23.41
C GLY C 43 -6.39 19.38 -22.92
N TRP C 44 -7.51 19.30 -22.18
CA TRP C 44 -8.25 20.33 -21.56
C TRP C 44 -8.06 20.27 -20.09
N VAL C 45 -7.86 21.47 -19.58
CA VAL C 45 -7.64 21.81 -18.20
C VAL C 45 -8.29 23.17 -17.90
N GLU C 46 -9.26 23.09 -17.03
CA GLU C 46 -10.02 24.15 -16.44
C GLU C 46 -9.78 24.22 -14.94
N HIS C 47 -10.27 25.30 -14.31
CA HIS C 47 -10.29 25.50 -12.87
C HIS C 47 -11.56 26.23 -12.58
N ASP C 48 -11.91 26.11 -11.34
CA ASP C 48 -13.03 26.79 -10.86
C ASP C 48 -12.57 28.06 -10.29
N PRO C 49 -13.07 29.12 -10.95
CA PRO C 49 -12.84 30.52 -10.67
C PRO C 49 -13.32 30.84 -9.25
N MET C 50 -14.44 30.28 -8.88
CA MET C 50 -14.81 30.56 -7.51
C MET C 50 -13.94 29.91 -6.48
N GLU C 51 -13.51 28.73 -6.84
CA GLU C 51 -12.67 27.97 -5.96
C GLU C 51 -11.31 28.63 -5.82
N ILE C 52 -10.95 29.31 -6.90
CA ILE C 52 -9.69 30.05 -6.90
C ILE C 52 -9.79 31.18 -5.90
N TRP C 53 -10.92 31.84 -6.01
CA TRP C 53 -11.17 32.97 -5.22
C TRP C 53 -11.16 32.48 -3.78
N ALA C 54 -11.96 31.43 -3.65
CA ALA C 54 -12.21 30.82 -2.37
C ALA C 54 -10.99 30.59 -1.60
N THR C 55 -10.15 29.81 -2.19
CA THR C 55 -8.92 29.47 -1.52
C THR C 55 -8.00 30.60 -1.32
N GLN C 56 -7.92 31.47 -2.32
CA GLN C 56 -7.00 32.57 -2.18
C GLN C 56 -7.39 33.53 -1.03
N SER C 57 -8.68 33.73 -0.81
CA SER C 57 -9.09 34.58 0.30
C SER C 57 -8.77 33.93 1.61
N SER C 58 -9.08 32.63 1.71
CA SER C 58 -8.88 31.87 2.94
C SER C 58 -7.45 31.94 3.41
N THR C 59 -6.55 31.79 2.46
CA THR C 59 -5.16 31.88 2.75
C THR C 59 -4.73 33.16 3.50
N LEU C 60 -4.97 34.28 2.83
CA LEU C 60 -4.69 35.62 3.29
C LEU C 60 -5.25 35.83 4.64
N VAL C 61 -6.50 35.42 4.71
CA VAL C 61 -7.18 35.51 5.96
C VAL C 61 -6.53 34.56 6.94
N GLU C 62 -5.94 33.51 6.40
CA GLU C 62 -5.33 32.52 7.26
C GLU C 62 -3.95 32.78 7.75
N VAL C 63 -3.06 33.39 6.93
CA VAL C 63 -1.67 33.59 7.35
C VAL C 63 -1.53 34.58 8.43
N LEU C 64 -2.56 35.46 8.44
CA LEU C 64 -2.62 36.66 9.24
C LEU C 64 -2.93 36.36 10.65
N ALA C 65 -4.05 35.59 10.74
CA ALA C 65 -4.60 35.14 12.06
C ALA C 65 -3.48 34.56 12.86
N LYS C 66 -3.09 33.42 12.28
CA LYS C 66 -2.00 32.55 12.55
C LYS C 66 -0.77 33.32 13.03
N ALA C 67 -0.27 34.20 12.20
CA ALA C 67 0.84 34.97 12.63
C ALA C 67 0.46 36.07 13.66
N ASP C 68 -0.87 36.21 13.91
CA ASP C 68 -1.39 37.15 14.89
C ASP C 68 -1.06 38.51 14.37
N ILE C 69 -1.59 38.68 13.20
CA ILE C 69 -1.41 39.93 12.58
C ILE C 69 -2.72 40.63 12.27
N SER C 70 -2.81 41.91 12.65
CA SER C 70 -4.00 42.74 12.45
C SER C 70 -4.01 43.45 11.11
N SER C 71 -5.22 43.57 10.54
CA SER C 71 -5.49 44.29 9.26
C SER C 71 -4.71 45.60 9.21
N ASP C 72 -4.64 46.30 10.33
CA ASP C 72 -3.84 47.49 10.31
C ASP C 72 -2.39 47.33 10.08
N GLN C 73 -1.77 46.22 10.48
CA GLN C 73 -0.34 46.17 10.35
C GLN C 73 0.25 45.90 8.96
N ILE C 74 -0.64 45.62 8.04
CA ILE C 74 -0.17 45.37 6.69
C ILE C 74 -0.06 46.61 5.84
N ALA C 75 1.16 46.84 5.34
CA ALA C 75 1.46 47.97 4.47
C ALA C 75 0.85 47.87 3.04
N ALA C 76 1.07 46.78 2.38
CA ALA C 76 0.51 46.63 1.08
C ALA C 76 0.29 45.13 0.87
N ILE C 77 -0.29 44.85 -0.29
CA ILE C 77 -0.63 43.55 -0.78
C ILE C 77 -0.15 43.51 -2.18
N GLY C 78 0.59 42.49 -2.47
CA GLY C 78 1.12 42.28 -3.80
C GLY C 78 0.41 41.08 -4.39
N ILE C 79 0.36 41.01 -5.70
CA ILE C 79 -0.32 39.88 -6.30
C ILE C 79 0.40 39.26 -7.45
N THR C 80 0.55 37.92 -7.37
CA THR C 80 1.22 37.15 -8.43
C THR C 80 0.33 36.09 -8.92
N ASN C 81 0.60 35.50 -10.05
CA ASN C 81 -0.38 34.52 -10.39
C ASN C 81 0.04 33.69 -11.62
N GLN C 82 -0.78 32.66 -11.84
CA GLN C 82 -0.60 31.82 -13.00
C GLN C 82 -1.00 32.69 -14.15
N ARG C 83 -0.09 32.74 -15.12
CA ARG C 83 -0.12 33.56 -16.28
C ARG C 83 -1.15 33.43 -17.35
N GLU C 84 -1.78 32.37 -17.60
CA GLU C 84 -2.42 32.78 -18.87
C GLU C 84 -3.87 32.52 -18.93
N THR C 85 -4.34 31.88 -17.83
CA THR C 85 -5.72 31.47 -17.62
C THR C 85 -6.64 32.65 -17.79
N THR C 86 -7.66 32.39 -18.53
CA THR C 86 -8.67 33.35 -18.84
C THR C 86 -9.90 33.12 -18.03
N ILE C 87 -10.42 34.21 -17.45
CA ILE C 87 -11.69 34.11 -16.77
C ILE C 87 -12.64 35.08 -17.43
N VAL C 88 -13.92 34.80 -17.34
CA VAL C 88 -14.92 35.63 -17.95
C VAL C 88 -16.22 35.63 -17.16
N TRP C 89 -16.64 36.87 -16.68
CA TRP C 89 -17.86 37.02 -15.89
C TRP C 89 -18.65 38.24 -16.14
N GLU C 90 -19.85 38.18 -15.61
CA GLU C 90 -20.71 39.31 -15.73
C GLU C 90 -20.34 40.23 -14.65
N LYS C 91 -20.47 41.47 -15.00
CA LYS C 91 -20.18 42.56 -14.13
C LYS C 91 -21.32 42.64 -13.16
N GLU C 92 -22.54 42.61 -13.70
CA GLU C 92 -23.72 42.74 -12.87
C GLU C 92 -23.77 41.73 -11.74
N THR C 93 -23.09 40.60 -11.88
CA THR C 93 -23.15 39.58 -10.85
C THR C 93 -21.78 39.08 -10.46
N GLY C 94 -20.77 39.33 -11.30
CA GLY C 94 -19.42 38.86 -11.03
C GLY C 94 -19.37 37.34 -10.99
N LYS C 95 -20.23 36.72 -11.77
CA LYS C 95 -20.23 35.27 -11.81
C LYS C 95 -19.86 34.85 -13.23
N PRO C 96 -18.88 33.93 -13.33
CA PRO C 96 -18.27 33.40 -14.54
C PRO C 96 -19.21 32.68 -15.43
N ILE C 97 -19.00 32.90 -16.74
CA ILE C 97 -19.89 32.29 -17.72
C ILE C 97 -19.36 30.94 -18.05
N TYR C 98 -18.13 30.72 -17.55
CA TYR C 98 -17.37 29.51 -17.76
C TYR C 98 -16.19 29.41 -16.84
N ASN C 99 -15.63 28.22 -16.71
CA ASN C 99 -14.51 28.10 -15.84
C ASN C 99 -13.26 28.77 -16.36
N ALA C 100 -12.33 28.94 -15.44
CA ALA C 100 -11.05 29.43 -15.90
C ALA C 100 -10.46 28.40 -16.86
N ILE C 101 -10.02 28.86 -17.97
CA ILE C 101 -9.43 28.00 -18.94
C ILE C 101 -7.96 28.29 -18.87
N VAL C 102 -7.20 27.23 -18.61
CA VAL C 102 -5.82 27.21 -18.26
C VAL C 102 -4.80 27.39 -19.34
N TRP C 103 -3.66 27.98 -19.00
CA TRP C 103 -2.73 28.17 -20.07
C TRP C 103 -2.38 26.87 -20.69
N GLN C 104 -2.43 25.82 -19.86
CA GLN C 104 -2.17 24.39 -20.21
C GLN C 104 -3.06 23.91 -21.29
N CYS C 105 -4.35 24.01 -20.99
CA CYS C 105 -5.45 23.68 -21.88
C CYS C 105 -5.18 23.89 -23.32
N ARG C 106 -5.41 22.83 -24.08
CA ARG C 106 -5.15 22.73 -25.50
C ARG C 106 -6.36 22.79 -26.37
N ARG C 107 -7.55 23.07 -25.81
CA ARG C 107 -8.79 23.18 -26.67
C ARG C 107 -8.79 24.16 -27.88
N THR C 108 -8.04 25.23 -27.86
CA THR C 108 -8.11 26.18 -28.95
C THR C 108 -7.14 25.87 -30.02
N ALA C 109 -6.88 24.60 -30.23
CA ALA C 109 -5.89 24.34 -31.27
C ALA C 109 -6.32 24.68 -32.70
N GLU C 110 -7.54 24.24 -33.07
CA GLU C 110 -8.17 24.50 -34.35
C GLU C 110 -7.95 25.96 -34.67
N ILE C 111 -8.50 26.78 -33.73
CA ILE C 111 -8.40 28.21 -33.70
C ILE C 111 -6.96 28.61 -34.10
N CYS C 112 -5.93 28.14 -33.35
CA CYS C 112 -4.56 28.47 -33.84
C CYS C 112 -4.25 28.13 -35.35
N GLU C 113 -4.81 27.01 -35.86
CA GLU C 113 -4.56 26.69 -37.25
C GLU C 113 -5.17 27.66 -38.25
N HIS C 114 -6.28 28.29 -37.87
CA HIS C 114 -6.90 29.26 -38.72
C HIS C 114 -5.98 30.41 -38.92
N LEU C 115 -5.50 30.89 -37.81
CA LEU C 115 -4.60 31.98 -37.86
C LEU C 115 -3.35 31.78 -38.60
N LYS C 116 -2.80 30.59 -38.36
CA LYS C 116 -1.55 30.26 -38.95
C LYS C 116 -1.73 30.39 -40.43
N ARG C 117 -2.88 29.83 -40.78
CA ARG C 117 -3.42 29.77 -42.12
C ARG C 117 -3.61 31.11 -42.77
N ASP C 118 -3.82 32.13 -41.93
CA ASP C 118 -4.05 33.48 -42.36
C ASP C 118 -2.85 34.36 -42.28
N GLY C 119 -1.68 33.84 -42.45
CA GLY C 119 -0.46 34.62 -42.49
C GLY C 119 -0.36 35.59 -41.33
N LEU C 120 -1.07 35.20 -40.25
CA LEU C 120 -1.14 36.02 -39.05
C LEU C 120 0.09 36.06 -38.18
N GLU C 121 0.95 35.13 -38.47
CA GLU C 121 2.15 34.91 -37.72
C GLU C 121 2.96 36.14 -37.44
N ASP C 122 3.87 36.42 -38.39
CA ASP C 122 4.79 37.54 -38.34
C ASP C 122 4.36 38.75 -37.49
N TYR C 123 3.13 39.12 -37.72
CA TYR C 123 2.46 40.06 -36.90
C TYR C 123 2.53 39.68 -35.42
N ILE C 124 1.88 38.57 -35.10
CA ILE C 124 1.81 38.15 -33.72
C ILE C 124 3.11 38.15 -33.00
N ARG C 125 4.04 37.56 -33.67
CA ARG C 125 5.38 37.57 -33.07
C ARG C 125 5.85 38.98 -32.93
N SER C 126 5.77 39.69 -34.04
CA SER C 126 6.12 41.05 -34.09
C SER C 126 5.39 41.85 -33.03
N ASN C 127 4.07 41.81 -33.08
CA ASN C 127 3.32 42.60 -32.16
C ASN C 127 3.29 42.24 -30.71
N THR C 128 3.00 40.98 -30.50
CA THR C 128 2.95 40.44 -29.15
C THR C 128 4.27 39.81 -28.66
N GLY C 129 5.18 39.43 -29.55
CA GLY C 129 6.43 38.78 -29.04
C GLY C 129 6.19 37.25 -28.60
N LEU C 130 4.95 36.80 -28.90
CA LEU C 130 4.38 35.51 -28.69
C LEU C 130 4.37 34.72 -29.98
N VAL C 131 3.74 33.57 -29.89
CA VAL C 131 3.70 32.57 -30.93
C VAL C 131 2.31 32.06 -30.99
N ILE C 132 1.81 31.78 -32.19
CA ILE C 132 0.44 31.28 -32.19
C ILE C 132 0.36 29.94 -31.42
N ASP C 133 -0.51 29.85 -30.44
CA ASP C 133 -0.55 28.67 -29.62
C ASP C 133 -1.61 28.77 -28.56
N PRO C 134 -2.16 27.58 -28.20
CA PRO C 134 -3.30 27.47 -27.27
C PRO C 134 -3.08 28.01 -25.87
N TYR C 135 -1.83 28.28 -25.63
CA TYR C 135 -1.32 28.71 -24.37
C TYR C 135 -1.85 30.11 -23.97
N PHE C 136 -2.04 31.01 -24.98
CA PHE C 136 -2.52 32.37 -24.69
C PHE C 136 -3.99 32.54 -24.53
N SER C 137 -4.31 33.47 -23.66
CA SER C 137 -5.68 33.75 -23.31
C SER C 137 -6.47 34.21 -24.50
N GLY C 138 -5.73 34.71 -25.50
CA GLY C 138 -6.23 35.16 -26.79
C GLY C 138 -7.43 34.32 -27.22
N THR C 139 -7.08 33.35 -28.05
CA THR C 139 -7.93 32.33 -28.63
C THR C 139 -8.83 31.81 -27.57
N LYS C 140 -8.30 31.68 -26.35
CA LYS C 140 -9.19 31.14 -25.25
C LYS C 140 -10.44 31.92 -25.10
N VAL C 141 -10.23 33.21 -24.88
CA VAL C 141 -11.33 34.15 -24.69
C VAL C 141 -12.38 33.94 -25.74
N LYS C 142 -11.85 34.15 -26.96
CA LYS C 142 -12.63 33.93 -28.11
C LYS C 142 -13.51 32.71 -27.97
N TRP C 143 -12.88 31.55 -27.78
CA TRP C 143 -13.52 30.26 -27.58
C TRP C 143 -14.70 30.36 -26.65
N ILE C 144 -14.51 30.91 -25.43
CA ILE C 144 -15.71 30.97 -24.58
C ILE C 144 -16.86 31.75 -25.24
N LEU C 145 -16.45 32.88 -25.82
CA LEU C 145 -17.32 33.77 -26.54
C LEU C 145 -18.17 33.04 -27.55
N ASP C 146 -17.50 32.07 -28.20
CA ASP C 146 -18.22 31.30 -29.19
C ASP C 146 -19.02 30.17 -28.63
N HIS C 147 -18.83 29.81 -27.36
CA HIS C 147 -19.54 28.70 -26.81
C HIS C 147 -20.69 29.09 -25.98
N VAL C 148 -20.55 30.26 -25.42
CA VAL C 148 -21.67 30.72 -24.65
C VAL C 148 -22.61 31.45 -25.57
N GLU C 149 -23.89 31.10 -25.44
CA GLU C 149 -24.93 31.63 -26.32
C GLU C 149 -24.78 33.00 -27.03
N GLY C 150 -25.18 34.10 -26.32
CA GLY C 150 -25.13 35.49 -26.81
C GLY C 150 -24.23 36.36 -25.95
N SER C 151 -23.05 35.80 -25.71
CA SER C 151 -22.00 36.40 -24.93
C SER C 151 -21.54 37.69 -25.58
N ARG C 152 -20.96 37.50 -26.79
CA ARG C 152 -20.41 38.55 -27.63
C ARG C 152 -21.10 39.92 -27.47
N GLU C 153 -22.39 39.92 -27.80
CA GLU C 153 -23.34 41.01 -27.68
C GLU C 153 -23.37 41.61 -26.27
N ARG C 154 -23.61 40.77 -25.26
CA ARG C 154 -23.61 41.23 -23.87
C ARG C 154 -22.29 41.91 -23.61
N ALA C 155 -21.25 41.27 -24.07
CA ALA C 155 -19.96 41.79 -23.82
C ALA C 155 -19.76 43.08 -24.50
N ARG C 156 -20.34 43.17 -25.70
CA ARG C 156 -20.21 44.39 -26.48
C ARG C 156 -20.79 45.50 -25.67
N ARG C 157 -22.03 45.27 -25.27
CA ARG C 157 -22.77 46.12 -24.37
C ARG C 157 -22.10 46.16 -22.97
N GLY C 158 -20.89 45.60 -22.89
CA GLY C 158 -20.14 45.59 -21.63
C GLY C 158 -20.91 44.96 -20.47
N GLU C 159 -21.48 43.79 -20.72
CA GLU C 159 -22.22 42.99 -19.74
C GLU C 159 -21.25 41.99 -19.08
N LEU C 160 -20.26 41.63 -19.90
CA LEU C 160 -19.22 40.70 -19.55
C LEU C 160 -17.84 41.29 -19.42
N LEU C 161 -17.27 40.95 -18.30
CA LEU C 161 -15.91 41.32 -18.01
C LEU C 161 -14.91 40.21 -18.38
N PHE C 162 -13.75 40.64 -18.84
CA PHE C 162 -12.72 39.67 -19.17
C PHE C 162 -11.48 39.78 -18.30
N GLY C 163 -11.01 38.67 -17.76
CA GLY C 163 -9.80 38.89 -17.08
C GLY C 163 -8.95 37.70 -16.83
N THR C 164 -7.71 38.06 -16.52
CA THR C 164 -6.75 37.13 -16.06
C THR C 164 -6.92 36.92 -14.58
N VAL C 165 -5.92 36.35 -13.97
CA VAL C 165 -6.11 35.94 -12.60
C VAL C 165 -6.08 37.01 -11.59
N ASP C 166 -4.98 37.76 -11.65
CA ASP C 166 -4.74 38.95 -10.87
C ASP C 166 -6.03 39.74 -11.02
N THR C 167 -6.31 39.95 -12.29
CA THR C 167 -7.47 40.60 -12.70
C THR C 167 -8.70 40.12 -11.99
N TRP C 168 -8.80 38.86 -11.75
CA TRP C 168 -10.02 38.39 -11.10
C TRP C 168 -9.93 38.55 -9.56
N LEU C 169 -8.73 38.54 -9.12
CA LEU C 169 -8.59 38.64 -7.73
C LEU C 169 -8.86 40.02 -7.25
N ILE C 170 -8.34 40.93 -8.00
CA ILE C 170 -8.46 42.30 -7.63
C ILE C 170 -9.87 42.80 -7.71
N TRP C 171 -10.54 42.33 -8.73
CA TRP C 171 -11.90 42.75 -8.81
C TRP C 171 -12.64 42.25 -7.64
N LYS C 172 -12.54 40.94 -7.41
CA LYS C 172 -13.16 40.29 -6.26
C LYS C 172 -12.90 41.06 -4.95
N MET C 173 -11.62 41.39 -4.66
CA MET C 173 -11.14 42.10 -3.51
C MET C 173 -11.52 43.60 -3.43
N THR C 174 -11.94 44.17 -4.52
CA THR C 174 -12.32 45.53 -4.43
C THR C 174 -13.71 45.60 -4.95
N GLN C 175 -14.47 44.58 -4.55
CA GLN C 175 -15.89 44.39 -4.89
C GLN C 175 -16.33 44.91 -6.24
N GLY C 176 -15.60 44.66 -7.30
CA GLY C 176 -16.06 45.19 -8.56
C GLY C 176 -15.48 46.57 -8.80
N ARG C 177 -15.25 47.32 -7.71
CA ARG C 177 -14.66 48.68 -7.83
C ARG C 177 -13.53 48.76 -8.80
N VAL C 178 -12.50 47.95 -8.62
CA VAL C 178 -11.44 48.00 -9.62
C VAL C 178 -11.27 46.83 -10.58
N HIS C 179 -11.20 47.15 -11.91
CA HIS C 179 -11.01 46.19 -13.02
C HIS C 179 -9.70 46.44 -13.76
N VAL C 180 -8.61 45.86 -13.24
CA VAL C 180 -7.32 46.13 -13.81
C VAL C 180 -6.31 44.98 -13.99
N THR C 181 -5.27 45.33 -14.74
CA THR C 181 -4.14 44.47 -14.98
C THR C 181 -2.85 45.26 -15.14
N ASP C 182 -1.74 44.53 -15.05
CA ASP C 182 -0.39 45.02 -15.12
C ASP C 182 0.16 44.78 -16.47
N TYR C 183 1.39 45.17 -16.63
CA TYR C 183 1.95 44.96 -17.97
C TYR C 183 2.16 43.48 -18.31
N THR C 184 3.22 42.86 -17.68
CA THR C 184 3.65 41.47 -17.79
C THR C 184 2.50 40.57 -18.21
N ASN C 185 1.54 40.56 -17.28
CA ASN C 185 0.33 39.78 -17.48
C ASN C 185 -0.30 39.97 -18.84
N ALA C 186 -0.73 41.20 -19.00
CA ALA C 186 -1.37 41.67 -20.15
C ALA C 186 -0.65 41.19 -21.40
N SER C 187 0.72 41.30 -21.40
CA SER C 187 1.57 40.82 -22.57
C SER C 187 1.48 39.31 -22.86
N ARG C 188 0.57 38.59 -22.17
CA ARG C 188 0.42 37.19 -22.25
C ARG C 188 -0.87 36.75 -22.77
N THR C 189 -1.63 37.72 -23.23
CA THR C 189 -3.02 37.61 -23.75
C THR C 189 -3.13 37.26 -25.21
N MET C 190 -2.13 37.78 -25.87
CA MET C 190 -2.01 37.74 -27.30
C MET C 190 -2.63 39.02 -27.88
N LEU C 191 -3.55 39.56 -27.09
CA LEU C 191 -4.39 40.77 -27.21
C LEU C 191 -3.70 42.15 -27.17
N PHE C 192 -2.65 42.24 -26.37
CA PHE C 192 -1.89 43.42 -26.06
C PHE C 192 -0.61 43.60 -26.82
N ASN C 193 -0.24 44.86 -27.18
CA ASN C 193 0.99 45.17 -27.92
C ASN C 193 2.20 45.51 -27.05
N ILE C 194 3.22 44.71 -27.05
CA ILE C 194 4.30 45.00 -26.16
C ILE C 194 5.07 46.18 -26.52
N HIS C 195 4.85 46.65 -27.70
CA HIS C 195 5.67 47.79 -28.03
C HIS C 195 5.02 49.05 -27.63
N THR C 196 3.88 49.14 -28.22
CA THR C 196 2.93 50.12 -28.13
C THR C 196 2.49 50.40 -26.70
N LEU C 197 2.29 49.32 -25.99
CA LEU C 197 1.79 49.38 -24.61
C LEU C 197 0.31 49.48 -24.53
N ASP C 198 -0.35 48.90 -25.54
CA ASP C 198 -1.78 48.81 -25.53
C ASP C 198 -2.43 47.81 -26.50
N TRP C 199 -3.64 47.37 -26.10
CA TRP C 199 -4.42 46.46 -26.92
C TRP C 199 -4.32 46.62 -28.45
N ASP C 200 -3.81 45.56 -29.07
CA ASP C 200 -3.67 45.54 -30.53
C ASP C 200 -5.05 45.41 -31.14
N ASP C 201 -5.39 46.29 -32.02
CA ASP C 201 -6.72 46.21 -32.55
C ASP C 201 -6.93 45.10 -33.49
N LYS C 202 -5.92 44.89 -34.33
CA LYS C 202 -5.99 43.79 -35.27
C LYS C 202 -6.36 42.54 -34.49
N MET C 203 -5.67 42.42 -33.38
CA MET C 203 -5.89 41.30 -32.52
C MET C 203 -7.28 41.28 -32.02
N LEU C 204 -7.70 42.40 -31.49
CA LEU C 204 -9.05 42.45 -31.02
C LEU C 204 -10.04 42.21 -32.17
N GLU C 205 -9.57 42.57 -33.34
CA GLU C 205 -10.43 42.39 -34.49
C GLU C 205 -10.46 40.95 -34.90
N VAL C 206 -9.33 40.51 -35.43
CA VAL C 206 -8.99 39.13 -35.84
C VAL C 206 -9.68 38.06 -34.97
N LEU C 207 -9.60 38.21 -33.65
CA LEU C 207 -10.29 37.36 -32.73
C LEU C 207 -11.69 37.78 -32.43
N ASP C 208 -12.02 39.02 -32.76
CA ASP C 208 -13.40 39.40 -32.51
C ASP C 208 -13.79 39.48 -31.01
N ILE C 209 -12.89 40.09 -30.25
CA ILE C 209 -13.15 40.32 -28.86
C ILE C 209 -13.54 41.80 -28.70
N PRO C 210 -14.67 42.10 -27.98
CA PRO C 210 -15.12 43.44 -27.62
C PRO C 210 -14.19 44.17 -26.64
N ARG C 211 -13.67 45.33 -27.07
CA ARG C 211 -12.74 46.15 -26.27
C ARG C 211 -13.31 46.53 -24.90
N GLU C 212 -14.64 46.38 -24.81
CA GLU C 212 -15.35 46.71 -23.58
C GLU C 212 -14.92 45.81 -22.45
N MET C 213 -14.77 44.53 -22.78
CA MET C 213 -14.37 43.53 -21.81
C MET C 213 -12.97 43.70 -21.24
N LEU C 214 -12.03 44.18 -22.01
CA LEU C 214 -10.71 44.39 -21.40
C LEU C 214 -10.65 45.31 -20.14
N PRO C 215 -9.60 45.18 -19.35
CA PRO C 215 -9.44 45.98 -18.15
C PRO C 215 -8.29 46.99 -18.33
N GLU C 216 -7.95 47.78 -17.28
CA GLU C 216 -6.89 48.75 -17.53
C GLU C 216 -5.50 48.23 -17.41
N VAL C 217 -4.69 48.30 -18.44
CA VAL C 217 -3.32 47.93 -18.19
C VAL C 217 -2.65 48.96 -17.29
N ARG C 218 -1.94 48.43 -16.27
CA ARG C 218 -1.24 49.28 -15.30
C ARG C 218 0.20 49.00 -15.02
N ARG C 219 0.72 49.65 -14.01
CA ARG C 219 2.13 49.46 -13.72
C ARG C 219 2.36 48.27 -12.78
N SER C 220 3.52 47.70 -12.77
CA SER C 220 3.68 46.58 -11.90
C SER C 220 3.77 46.97 -10.42
N SER C 221 4.23 48.19 -10.22
CA SER C 221 4.30 48.76 -8.91
C SER C 221 3.45 50.05 -8.85
N GLU C 222 2.29 50.05 -8.15
CA GLU C 222 1.43 51.22 -8.09
C GLU C 222 0.18 50.93 -7.33
N VAL C 223 -0.21 51.81 -6.39
CA VAL C 223 -1.52 51.65 -5.73
C VAL C 223 -2.59 51.57 -6.78
N TYR C 224 -3.56 50.73 -6.58
CA TYR C 224 -4.54 50.51 -7.62
C TYR C 224 -5.79 50.55 -6.91
N GLY C 225 -5.70 50.47 -5.58
CA GLY C 225 -6.95 50.39 -4.85
C GLY C 225 -6.67 49.82 -3.53
N GLN C 226 -7.72 49.35 -2.90
CA GLN C 226 -7.55 48.82 -1.58
C GLN C 226 -8.61 47.86 -1.20
N THR C 227 -8.37 47.14 -0.08
CA THR C 227 -9.31 46.14 0.36
C THR C 227 -9.70 46.29 1.77
N ASN C 228 -10.89 45.76 2.02
CA ASN C 228 -11.49 45.84 3.29
C ASN C 228 -11.68 44.44 3.86
N ILE C 229 -10.76 44.04 4.71
CA ILE C 229 -10.92 42.72 5.31
C ILE C 229 -11.32 42.77 6.79
N GLY C 230 -12.13 43.75 7.12
CA GLY C 230 -12.61 43.89 8.45
C GLY C 230 -11.47 44.29 9.32
N GLY C 231 -11.75 44.19 10.58
CA GLY C 231 -10.78 44.56 11.55
C GLY C 231 -11.37 45.64 12.45
N LYS C 232 -10.44 46.38 13.05
CA LYS C 232 -10.73 47.49 13.92
C LYS C 232 -11.91 48.31 13.35
N GLY C 233 -11.75 48.70 12.10
CA GLY C 233 -12.77 49.46 11.40
C GLY C 233 -12.13 50.73 10.89
N GLY C 234 -12.36 50.99 9.60
CA GLY C 234 -11.80 52.15 8.92
C GLY C 234 -10.55 51.79 8.13
N THR C 235 -10.04 50.60 8.48
CA THR C 235 -8.89 49.93 7.91
C THR C 235 -9.17 49.54 6.45
N ARG C 236 -8.29 49.97 5.61
CA ARG C 236 -8.38 49.65 4.22
C ARG C 236 -6.93 49.38 3.89
N ILE C 237 -6.72 48.37 3.09
CA ILE C 237 -5.36 47.92 2.76
C ILE C 237 -5.27 48.10 1.31
N PRO C 238 -4.13 48.55 0.85
CA PRO C 238 -3.94 48.84 -0.56
C PRO C 238 -3.28 47.72 -1.30
N ILE C 239 -3.60 47.63 -2.59
CA ILE C 239 -2.96 46.74 -3.52
C ILE C 239 -1.95 47.52 -4.37
N SER C 240 -0.73 47.39 -4.01
CA SER C 240 0.31 48.11 -4.68
C SER C 240 1.07 47.45 -5.69
N GLY C 241 0.87 46.14 -5.87
CA GLY C 241 1.80 45.40 -6.76
C GLY C 241 1.13 44.25 -7.43
N ILE C 242 1.54 44.02 -8.70
CA ILE C 242 1.00 43.00 -9.56
C ILE C 242 2.08 42.64 -10.54
N ALA C 243 2.12 41.36 -10.94
CA ALA C 243 3.08 40.81 -11.93
C ALA C 243 2.74 39.37 -12.19
N GLY C 244 2.97 38.88 -13.43
CA GLY C 244 2.81 37.43 -13.72
C GLY C 244 3.87 36.67 -12.88
N ASP C 245 3.50 35.52 -12.23
CA ASP C 245 4.49 34.82 -11.37
C ASP C 245 5.89 34.65 -11.99
N GLN C 246 5.92 34.22 -13.28
CA GLN C 246 7.20 34.10 -13.96
C GLN C 246 7.94 35.36 -13.88
N GLN C 247 7.24 36.43 -14.23
CA GLN C 247 7.79 37.78 -14.05
C GLN C 247 8.02 38.20 -12.62
N ALA C 248 7.14 37.88 -11.67
CA ALA C 248 7.45 38.18 -10.26
C ALA C 248 8.70 37.54 -9.74
N ALA C 249 8.94 36.28 -10.16
CA ALA C 249 10.08 35.45 -9.71
C ALA C 249 11.38 36.05 -10.06
N LEU C 250 11.41 36.52 -11.32
CA LEU C 250 12.58 37.17 -11.94
C LEU C 250 12.99 38.44 -11.21
N PHE C 251 11.96 39.15 -10.82
CA PHE C 251 12.13 40.38 -10.09
C PHE C 251 12.60 40.05 -8.68
N GLY C 252 11.93 39.07 -8.00
CA GLY C 252 12.33 38.61 -6.67
C GLY C 252 13.76 38.02 -6.70
N GLN C 253 14.26 37.61 -7.87
CA GLN C 253 15.63 37.10 -8.01
C GLN C 253 16.56 38.30 -8.17
N LEU C 254 15.91 39.47 -8.25
CA LEU C 254 16.54 40.76 -8.41
C LEU C 254 17.21 40.85 -9.79
N CYS C 255 16.68 40.12 -10.78
CA CYS C 255 17.30 40.16 -12.11
C CYS C 255 16.65 41.29 -12.79
N VAL C 256 17.28 42.39 -12.56
CA VAL C 256 16.74 43.64 -12.96
C VAL C 256 17.57 44.24 -14.02
N LYS C 257 18.75 43.68 -14.17
CA LYS C 257 19.58 44.13 -15.25
C LYS C 257 19.58 43.24 -16.50
N GLU C 258 19.80 43.85 -17.65
CA GLU C 258 19.85 43.09 -18.89
C GLU C 258 20.84 41.93 -18.89
N GLY C 259 20.40 40.74 -19.31
CA GLY C 259 21.27 39.58 -19.41
C GLY C 259 21.26 38.77 -18.12
N MET C 260 20.49 39.21 -17.13
CA MET C 260 20.36 38.43 -15.91
C MET C 260 19.20 37.39 -16.03
N ALA C 261 19.53 36.12 -15.71
CA ALA C 261 18.56 35.08 -15.85
C ALA C 261 18.18 34.43 -14.55
N LYS C 262 17.21 33.48 -14.66
CA LYS C 262 16.68 32.60 -13.65
C LYS C 262 15.85 31.52 -14.23
N ASN C 263 15.76 30.40 -13.44
CA ASN C 263 14.97 29.21 -13.80
C ASN C 263 13.99 28.91 -12.80
N THR C 264 12.78 28.61 -13.22
CA THR C 264 11.83 28.36 -12.23
C THR C 264 11.11 27.08 -12.37
N TYR C 265 11.09 26.35 -11.26
CA TYR C 265 10.53 25.00 -11.29
C TYR C 265 9.42 24.78 -10.36
N GLY C 266 8.26 24.93 -10.86
CA GLY C 266 7.12 24.59 -10.06
C GLY C 266 6.37 23.67 -11.01
N THR C 267 5.05 23.76 -11.00
CA THR C 267 4.18 23.02 -11.91
C THR C 267 4.80 22.84 -13.25
N GLY C 268 5.40 23.93 -13.77
CA GLY C 268 6.14 24.01 -15.02
C GLY C 268 7.57 24.60 -14.86
N CYS C 269 8.22 24.84 -15.99
CA CYS C 269 9.52 25.42 -15.92
C CYS C 269 9.60 26.76 -16.70
N PHE C 270 10.22 27.78 -16.12
CA PHE C 270 10.31 28.99 -16.92
C PHE C 270 11.57 29.74 -16.71
N MET C 271 12.32 29.76 -17.79
CA MET C 271 13.56 30.45 -17.78
C MET C 271 13.37 31.85 -18.41
N LEU C 272 13.91 32.83 -17.74
CA LEU C 272 13.76 34.15 -18.20
C LEU C 272 15.02 34.88 -18.17
N MET C 273 15.12 35.80 -19.11
CA MET C 273 16.25 36.67 -19.16
C MET C 273 15.83 38.06 -19.43
N ASN C 274 16.28 38.89 -18.55
CA ASN C 274 16.05 40.28 -18.63
C ASN C 274 16.93 40.86 -19.75
N THR C 275 16.31 41.39 -20.84
CA THR C 275 17.05 42.01 -21.99
C THR C 275 17.05 43.53 -21.92
N GLY C 276 16.71 44.07 -20.75
CA GLY C 276 16.69 45.48 -20.61
C GLY C 276 15.63 46.16 -21.44
N GLU C 277 15.90 47.44 -21.72
CA GLU C 277 14.95 48.24 -22.44
C GLU C 277 14.74 47.85 -23.88
N LYS C 278 15.53 46.88 -24.36
CA LYS C 278 15.33 46.46 -25.72
C LYS C 278 14.76 45.06 -25.73
N ALA C 279 13.73 44.93 -26.51
CA ALA C 279 13.05 43.69 -26.65
C ALA C 279 13.78 42.86 -27.66
N VAL C 280 14.30 41.69 -27.27
CA VAL C 280 14.95 40.88 -28.28
C VAL C 280 14.00 39.89 -28.92
N LYS C 281 13.99 39.79 -30.25
CA LYS C 281 13.10 38.88 -31.02
C LYS C 281 13.65 37.44 -31.04
N SER C 282 12.81 36.42 -30.74
CA SER C 282 13.39 35.06 -30.72
C SER C 282 13.57 34.48 -32.09
N GLU C 283 14.53 33.59 -32.20
CA GLU C 283 14.71 32.98 -33.48
C GLU C 283 14.74 31.54 -33.19
N ASN C 284 14.99 31.26 -31.90
CA ASN C 284 15.10 29.92 -31.35
C ASN C 284 13.91 29.32 -30.61
N GLY C 285 12.70 29.75 -30.93
CA GLY C 285 11.54 29.11 -30.28
C GLY C 285 11.02 29.73 -28.99
N LEU C 286 11.83 30.70 -28.52
CA LEU C 286 11.62 31.50 -27.34
C LEU C 286 10.53 32.62 -27.46
N LEU C 287 10.10 33.10 -26.32
CA LEU C 287 9.16 34.20 -26.27
C LEU C 287 9.74 35.46 -25.82
N THR C 288 9.27 36.48 -26.51
CA THR C 288 9.62 37.83 -26.08
C THR C 288 8.56 38.45 -25.15
N THR C 289 8.95 38.83 -23.96
CA THR C 289 7.84 39.35 -23.15
C THR C 289 8.15 40.55 -22.23
N ILE C 290 7.19 40.88 -21.38
CA ILE C 290 7.42 42.01 -20.53
C ILE C 290 7.71 41.62 -19.11
N ALA C 291 8.79 42.20 -18.66
CA ALA C 291 9.34 42.11 -17.32
C ALA C 291 9.26 43.47 -16.58
N CYS C 292 9.97 43.54 -15.46
CA CYS C 292 10.02 44.71 -14.66
C CYS C 292 11.38 45.37 -14.56
N GLY C 293 11.45 46.70 -14.48
CA GLY C 293 12.74 47.31 -14.28
C GLY C 293 12.96 47.33 -12.75
N PRO C 294 14.11 47.91 -12.29
CA PRO C 294 14.52 47.98 -10.88
C PRO C 294 13.66 48.90 -10.11
N THR C 295 12.69 49.40 -10.88
CA THR C 295 11.69 50.33 -10.44
C THR C 295 10.28 49.78 -10.66
N GLY C 296 10.12 48.66 -11.37
CA GLY C 296 8.81 48.11 -11.57
C GLY C 296 8.22 48.59 -12.90
N GLU C 297 9.11 49.16 -13.68
CA GLU C 297 8.80 49.74 -14.97
C GLU C 297 9.19 48.73 -16.04
N VAL C 298 8.41 48.80 -17.06
CA VAL C 298 8.52 48.06 -18.23
C VAL C 298 9.92 47.79 -18.67
N ASN C 299 10.27 46.51 -18.59
CA ASN C 299 11.49 45.92 -19.08
C ASN C 299 11.03 44.79 -19.98
N TYR C 300 11.97 44.27 -20.79
CA TYR C 300 11.68 43.16 -21.69
C TYR C 300 12.46 41.88 -21.32
N ALA C 301 11.82 40.77 -21.55
CA ALA C 301 12.52 39.52 -21.30
C ALA C 301 12.33 38.52 -22.40
N LEU C 302 13.35 37.63 -22.51
CA LEU C 302 13.31 36.46 -23.40
C LEU C 302 12.87 35.32 -22.50
N GLU C 303 11.97 34.53 -22.98
CA GLU C 303 11.51 33.44 -22.12
C GLU C 303 11.25 32.12 -22.79
N GLY C 304 11.68 31.07 -22.07
CA GLY C 304 11.51 29.66 -22.42
C GLY C 304 10.42 29.04 -21.52
N ALA C 305 9.43 28.35 -22.10
CA ALA C 305 8.43 27.82 -21.19
C ALA C 305 8.04 26.36 -21.37
N VAL C 306 8.17 25.65 -20.25
CA VAL C 306 7.95 24.25 -20.13
C VAL C 306 6.75 23.94 -19.30
N PHE C 307 5.79 23.32 -20.00
CA PHE C 307 4.45 22.99 -19.53
C PHE C 307 4.34 22.09 -18.39
N MET C 308 5.23 21.11 -18.39
CA MET C 308 5.23 20.09 -17.36
C MET C 308 6.58 20.00 -16.77
N ALA C 309 6.54 20.37 -15.56
CA ALA C 309 7.67 20.24 -14.68
C ALA C 309 7.19 19.58 -13.38
N GLY C 310 6.87 20.35 -12.33
CA GLY C 310 6.49 19.71 -11.08
C GLY C 310 5.24 18.90 -11.19
N ALA C 311 4.50 19.16 -12.23
CA ALA C 311 3.24 18.48 -12.36
C ALA C 311 3.38 16.96 -12.41
N SER C 312 4.39 16.50 -13.17
CA SER C 312 4.66 15.05 -13.32
C SER C 312 4.74 14.32 -11.96
N ILE C 313 5.57 14.87 -11.05
CA ILE C 313 5.64 14.30 -9.73
C ILE C 313 4.23 14.26 -9.11
N GLN C 314 3.44 15.26 -9.42
CA GLN C 314 2.11 15.18 -8.88
C GLN C 314 1.30 14.10 -9.60
N TRP C 315 1.59 13.96 -10.84
CA TRP C 315 0.87 12.97 -11.58
C TRP C 315 1.24 11.56 -11.09
N LEU C 316 2.52 11.32 -10.89
CA LEU C 316 2.91 10.03 -10.39
C LEU C 316 2.23 9.80 -9.06
N ARG C 317 2.06 10.94 -8.41
CA ARG C 317 1.49 10.99 -7.12
C ARG C 317 -0.02 10.82 -7.08
N ASP C 318 -0.72 11.72 -7.76
CA ASP C 318 -2.14 11.59 -7.59
C ASP C 318 -2.83 10.59 -8.44
N GLU C 319 -2.32 10.45 -9.65
CA GLU C 319 -2.84 9.62 -10.71
C GLU C 319 -2.32 8.21 -10.76
N MET C 320 -0.98 8.11 -10.63
CA MET C 320 -0.11 6.95 -10.72
C MET C 320 -0.02 6.25 -9.37
N LYS C 321 0.03 7.16 -8.39
CA LYS C 321 0.10 6.80 -6.99
C LYS C 321 1.30 6.00 -6.61
N LEU C 322 2.25 6.03 -7.54
CA LEU C 322 3.53 5.42 -7.33
C LEU C 322 4.21 6.04 -6.08
N ILE C 323 3.88 7.23 -5.74
CA ILE C 323 4.59 7.75 -4.61
C ILE C 323 3.60 8.30 -3.66
N ASN C 324 4.06 8.69 -2.48
CA ASN C 324 3.08 9.23 -1.57
C ASN C 324 3.22 10.74 -1.47
N ASP C 325 4.45 11.17 -1.68
CA ASP C 325 4.74 12.55 -1.62
C ASP C 325 5.75 13.04 -2.67
N ALA C 326 5.62 14.29 -3.10
CA ALA C 326 6.62 14.70 -4.05
C ALA C 326 8.10 14.69 -3.50
N TYR C 327 8.26 14.90 -2.19
CA TYR C 327 9.58 14.88 -1.63
C TYR C 327 10.21 13.54 -1.88
N ASP C 328 9.33 12.53 -1.87
CA ASP C 328 9.62 11.10 -2.08
C ASP C 328 10.54 10.81 -3.25
N SER C 329 9.98 11.10 -4.40
CA SER C 329 10.56 11.04 -5.75
C SER C 329 12.09 10.84 -5.78
N GLU C 330 12.75 11.71 -5.03
CA GLU C 330 14.21 11.73 -4.87
C GLU C 330 14.70 10.40 -4.35
N TYR C 331 14.14 10.03 -3.23
CA TYR C 331 14.47 8.79 -2.61
C TYR C 331 14.32 7.62 -3.60
N PHE C 332 13.25 7.61 -4.45
CA PHE C 332 13.05 6.54 -5.45
C PHE C 332 13.98 6.55 -6.59
N ALA C 333 14.34 7.74 -6.98
CA ALA C 333 15.19 7.99 -8.09
C ALA C 333 16.64 7.56 -7.79
N THR C 334 16.97 7.69 -6.53
CA THR C 334 18.30 7.38 -6.09
C THR C 334 18.43 5.95 -5.54
N LYS C 335 17.41 5.13 -5.82
CA LYS C 335 17.46 3.72 -5.53
C LYS C 335 18.07 2.92 -6.74
N VAL C 336 18.27 3.65 -7.82
CA VAL C 336 18.75 3.17 -9.08
C VAL C 336 19.78 4.17 -9.52
N GLN C 337 20.53 3.85 -10.57
CA GLN C 337 21.62 4.69 -10.99
C GLN C 337 21.53 5.25 -12.42
N ASN C 338 20.42 4.91 -13.08
CA ASN C 338 20.16 5.34 -14.45
C ASN C 338 18.71 5.05 -14.70
N THR C 339 18.12 5.54 -15.79
CA THR C 339 16.73 5.19 -16.06
C THR C 339 16.59 3.77 -16.70
N ASN C 340 17.65 2.98 -16.68
CA ASN C 340 17.56 1.69 -17.30
C ASN C 340 17.32 1.86 -18.80
N GLY C 341 17.58 3.10 -19.29
CA GLY C 341 17.44 3.52 -20.71
C GLY C 341 16.06 4.01 -21.10
N VAL C 342 15.17 3.95 -20.15
CA VAL C 342 13.83 4.46 -20.24
C VAL C 342 13.87 5.96 -20.28
N TYR C 343 13.10 6.51 -21.18
CA TYR C 343 12.91 7.93 -21.25
C TYR C 343 11.43 8.22 -21.14
N VAL C 344 11.17 9.38 -20.50
CA VAL C 344 9.85 10.02 -20.36
C VAL C 344 9.78 11.44 -21.00
N VAL C 345 8.68 11.68 -21.71
CA VAL C 345 8.39 12.96 -22.40
C VAL C 345 7.02 13.52 -21.98
N PRO C 346 7.17 14.43 -21.06
CA PRO C 346 5.99 14.90 -20.38
C PRO C 346 5.06 15.89 -21.13
N ALA C 347 4.80 15.65 -22.42
CA ALA C 347 3.97 16.48 -23.21
C ALA C 347 2.56 16.22 -22.85
N PHE C 348 2.30 15.98 -21.57
CA PHE C 348 0.90 15.74 -21.17
C PHE C 348 -0.05 16.72 -21.70
N THR C 349 0.48 17.91 -21.84
CA THR C 349 -0.31 19.06 -22.24
C THR C 349 0.22 19.79 -23.45
N GLY C 350 0.89 19.07 -24.37
CA GLY C 350 1.50 19.59 -25.58
C GLY C 350 2.98 20.04 -25.43
N LEU C 351 3.55 20.61 -26.52
CA LEU C 351 4.94 21.00 -26.49
C LEU C 351 5.39 22.29 -25.91
N GLY C 352 5.21 23.38 -26.52
CA GLY C 352 5.88 24.42 -25.74
C GLY C 352 7.35 24.64 -26.17
N ALA C 353 7.99 25.50 -25.46
CA ALA C 353 9.34 25.83 -25.93
C ALA C 353 10.30 24.66 -25.92
N PRO C 354 11.13 24.59 -26.98
CA PRO C 354 11.06 25.54 -28.08
C PRO C 354 10.34 24.92 -29.20
N TYR C 355 9.44 24.03 -28.89
CA TYR C 355 8.78 23.31 -29.96
C TYR C 355 7.42 23.82 -30.23
N TRP C 356 6.65 24.08 -29.19
CA TRP C 356 5.28 24.50 -29.45
C TRP C 356 4.58 23.40 -30.24
N ASP C 357 4.01 22.41 -29.57
CA ASP C 357 3.30 21.38 -30.33
C ASP C 357 2.12 20.89 -29.55
N PRO C 358 1.07 21.66 -29.58
CA PRO C 358 -0.16 21.36 -28.87
C PRO C 358 -0.68 19.95 -29.11
N TYR C 359 -0.04 19.20 -30.03
CA TYR C 359 -0.49 17.85 -30.34
C TYR C 359 0.44 16.81 -29.78
N ALA C 360 1.59 17.20 -29.30
CA ALA C 360 2.42 16.21 -28.68
C ALA C 360 1.61 15.86 -27.47
N ARG C 361 1.68 14.59 -27.02
CA ARG C 361 1.09 14.07 -25.77
C ARG C 361 2.21 13.31 -25.02
N GLY C 362 2.07 13.04 -23.74
CA GLY C 362 3.16 12.31 -23.07
C GLY C 362 3.40 10.82 -23.54
N ALA C 363 4.63 10.37 -23.38
CA ALA C 363 5.01 9.02 -23.77
C ALA C 363 6.23 8.49 -23.02
N ILE C 364 6.26 7.20 -22.77
CA ILE C 364 7.44 6.64 -22.09
C ILE C 364 8.13 5.71 -23.07
N PHE C 365 9.42 5.78 -23.07
CA PHE C 365 10.10 4.98 -24.07
C PHE C 365 11.17 4.09 -23.47
N GLY C 366 11.72 3.17 -24.31
CA GLY C 366 12.81 2.24 -23.96
C GLY C 366 12.47 1.23 -22.83
N LEU C 367 11.16 0.94 -22.71
CA LEU C 367 10.62 0.05 -21.71
C LEU C 367 11.05 -1.42 -21.97
N THR C 368 11.39 -2.06 -20.88
CA THR C 368 11.87 -3.39 -20.90
C THR C 368 11.52 -4.05 -19.57
N ARG C 369 11.53 -5.40 -19.52
CA ARG C 369 11.22 -6.24 -18.33
C ARG C 369 11.95 -5.95 -17.00
N GLY C 370 13.22 -5.59 -17.07
CA GLY C 370 13.79 -5.30 -15.78
C GLY C 370 13.52 -3.88 -15.25
N VAL C 371 12.80 -3.11 -16.06
CA VAL C 371 12.50 -1.73 -15.75
C VAL C 371 11.44 -1.60 -14.68
N ASN C 372 11.71 -0.84 -13.63
CA ASN C 372 10.65 -0.73 -12.64
C ASN C 372 10.30 0.76 -12.35
N ALA C 373 9.33 0.91 -11.48
CA ALA C 373 8.85 2.18 -11.01
C ALA C 373 9.97 3.21 -10.76
N ASN C 374 10.94 2.87 -9.93
CA ASN C 374 12.06 3.77 -9.70
C ASN C 374 12.73 4.30 -10.93
N HIS C 375 12.95 3.40 -11.86
CA HIS C 375 13.56 3.81 -13.09
C HIS C 375 12.73 4.91 -13.67
N ILE C 376 11.45 4.66 -13.50
CA ILE C 376 10.40 5.51 -13.99
C ILE C 376 10.37 6.84 -13.31
N ILE C 377 10.17 6.81 -12.00
CA ILE C 377 10.28 8.03 -11.24
C ILE C 377 11.53 8.83 -11.60
N ARG C 378 12.60 8.16 -11.72
CA ARG C 378 13.77 8.88 -12.07
C ARG C 378 13.75 9.48 -13.48
N ALA C 379 13.27 8.71 -14.47
CA ALA C 379 13.16 9.17 -15.85
C ALA C 379 12.37 10.52 -15.94
N THR C 380 11.34 10.54 -15.07
CA THR C 380 10.44 11.64 -14.84
C THR C 380 11.19 12.91 -14.43
N LEU C 381 11.98 12.83 -13.36
CA LEU C 381 12.84 13.93 -13.06
C LEU C 381 13.77 14.21 -14.23
N GLU C 382 14.16 13.22 -14.98
CA GLU C 382 15.11 13.70 -15.96
C GLU C 382 14.57 14.61 -17.09
N SER C 383 13.33 14.34 -17.48
CA SER C 383 12.62 15.07 -18.50
C SER C 383 12.75 16.53 -18.15
N ILE C 384 12.66 16.70 -16.83
CA ILE C 384 12.84 17.98 -16.24
C ILE C 384 14.13 18.64 -16.67
N ALA C 385 15.27 18.14 -16.25
CA ALA C 385 16.48 18.74 -16.77
C ALA C 385 16.61 18.71 -18.25
N TYR C 386 16.10 17.67 -18.86
CA TYR C 386 16.24 17.63 -20.31
C TYR C 386 15.60 18.87 -20.94
N GLN C 387 14.41 19.19 -20.45
CA GLN C 387 13.64 20.35 -20.92
C GLN C 387 14.41 21.67 -20.77
N THR C 388 14.77 21.99 -19.57
CA THR C 388 15.57 23.13 -19.26
C THR C 388 16.80 23.20 -20.16
N ARG C 389 17.37 22.05 -20.47
CA ARG C 389 18.56 22.16 -21.32
C ARG C 389 18.19 22.61 -22.68
N ASP C 390 17.04 22.11 -23.05
CA ASP C 390 16.52 22.43 -24.32
C ASP C 390 16.46 23.95 -24.57
N VAL C 391 15.83 24.65 -23.65
CA VAL C 391 15.64 26.06 -23.79
C VAL C 391 16.86 26.86 -23.50
N LEU C 392 17.56 26.36 -22.52
CA LEU C 392 18.69 27.07 -22.12
C LEU C 392 19.59 27.33 -23.24
N GLU C 393 19.48 26.46 -24.23
CA GLU C 393 20.27 26.57 -25.44
C GLU C 393 19.66 27.57 -26.40
N ALA C 394 18.34 27.61 -26.51
CA ALA C 394 17.69 28.58 -27.39
C ALA C 394 18.07 29.94 -26.82
N MET C 395 17.97 30.01 -25.50
CA MET C 395 18.36 31.15 -24.75
C MET C 395 19.73 31.67 -25.15
N GLN C 396 20.71 30.82 -25.11
CA GLN C 396 21.99 31.36 -25.46
C GLN C 396 22.15 31.65 -26.97
N ALA C 397 21.42 30.94 -27.79
CA ALA C 397 21.45 31.19 -29.23
C ALA C 397 20.91 32.59 -29.33
N ASP C 398 19.64 32.73 -29.02
CA ASP C 398 18.98 34.00 -28.89
C ASP C 398 19.86 34.96 -28.03
N SER C 399 19.99 34.75 -26.71
CA SER C 399 20.79 35.65 -25.86
C SER C 399 22.21 35.92 -26.29
N GLY C 400 22.90 35.02 -26.98
CA GLY C 400 24.28 35.30 -27.33
C GLY C 400 25.18 35.32 -26.07
N ILE C 401 24.53 35.31 -24.89
CA ILE C 401 25.15 35.29 -23.57
C ILE C 401 25.36 33.83 -23.11
N ARG C 402 26.44 33.54 -22.43
CA ARG C 402 26.65 32.17 -21.98
C ARG C 402 26.60 32.15 -20.47
N LEU C 403 25.63 31.42 -19.96
CA LEU C 403 25.48 31.40 -18.52
C LEU C 403 26.63 30.71 -17.84
N HIS C 404 27.24 31.43 -16.92
CA HIS C 404 28.35 30.86 -16.20
C HIS C 404 27.84 30.16 -14.94
N ALA C 405 26.49 30.20 -14.86
CA ALA C 405 25.67 29.66 -13.78
C ALA C 405 24.15 30.04 -13.82
N LEU C 406 23.30 29.05 -13.53
CA LEU C 406 21.87 29.13 -13.49
C LEU C 406 21.47 29.48 -12.11
N ARG C 407 20.40 30.19 -11.96
CA ARG C 407 20.01 30.47 -10.64
C ARG C 407 18.63 29.93 -10.63
N VAL C 408 18.22 29.36 -9.53
CA VAL C 408 16.90 28.81 -9.71
C VAL C 408 16.04 29.01 -8.52
N ASP C 409 14.82 28.58 -8.74
CA ASP C 409 13.80 28.69 -7.74
C ASP C 409 12.54 27.87 -8.17
N GLY C 410 11.60 27.78 -7.22
CA GLY C 410 10.31 27.06 -7.39
C GLY C 410 10.20 25.96 -6.31
N GLY C 411 9.22 25.03 -6.40
CA GLY C 411 9.09 23.95 -5.42
C GLY C 411 10.18 22.92 -5.66
N ALA C 412 10.10 22.43 -6.83
CA ALA C 412 10.97 21.39 -7.27
C ALA C 412 12.46 21.48 -6.93
N VAL C 413 12.98 22.68 -6.82
CA VAL C 413 14.42 22.83 -6.57
C VAL C 413 14.94 22.31 -5.22
N ALA C 414 14.02 21.99 -4.34
CA ALA C 414 14.49 21.40 -3.12
C ALA C 414 15.07 20.00 -3.51
N ASN C 415 14.70 19.46 -4.65
CA ASN C 415 15.21 18.19 -4.99
C ASN C 415 16.62 18.25 -5.53
N ASN C 416 17.57 17.78 -4.71
CA ASN C 416 19.01 17.66 -5.10
C ASN C 416 19.30 16.62 -6.18
N PHE C 417 18.40 15.69 -6.38
CA PHE C 417 18.65 14.76 -7.42
C PHE C 417 18.62 15.59 -8.71
N LEU C 418 17.41 16.20 -8.85
CA LEU C 418 17.00 17.20 -9.86
C LEU C 418 18.07 18.28 -10.00
N MET C 419 18.45 18.85 -8.85
CA MET C 419 19.53 19.86 -8.81
C MET C 419 20.83 19.48 -9.45
N GLN C 420 21.42 18.41 -8.87
CA GLN C 420 22.70 17.82 -9.26
C GLN C 420 22.68 17.27 -10.67
N PHE C 421 21.54 16.61 -10.96
CA PHE C 421 21.42 16.05 -12.27
C PHE C 421 21.57 17.16 -13.28
N GLN C 422 20.64 18.08 -13.12
CA GLN C 422 20.55 19.26 -13.89
C GLN C 422 21.92 19.88 -14.05
N SER C 423 22.65 20.01 -12.92
CA SER C 423 23.98 20.54 -13.03
C SER C 423 24.86 19.79 -14.03
N ASP C 424 24.90 18.42 -13.91
CA ASP C 424 25.73 17.55 -14.77
C ASP C 424 25.19 17.49 -16.16
N ILE C 425 23.90 17.65 -16.26
CA ILE C 425 23.39 17.57 -17.58
C ILE C 425 23.79 18.72 -18.44
N LEU C 426 23.90 19.89 -17.81
CA LEU C 426 24.18 21.17 -18.44
C LEU C 426 25.65 21.48 -18.40
N GLY C 427 26.35 21.02 -17.35
CA GLY C 427 27.77 21.32 -17.22
C GLY C 427 28.04 22.73 -16.67
N THR C 428 27.01 23.36 -16.17
CA THR C 428 27.11 24.69 -15.67
C THR C 428 26.76 24.64 -14.22
N ARG C 429 27.10 25.67 -13.47
CA ARG C 429 26.77 25.60 -12.06
C ARG C 429 25.37 25.96 -11.80
N VAL C 430 24.82 25.42 -10.71
CA VAL C 430 23.44 25.66 -10.35
C VAL C 430 23.44 26.22 -8.95
N GLU C 431 22.82 27.41 -8.81
CA GLU C 431 22.73 28.17 -7.60
C GLU C 431 21.37 28.07 -7.00
N ARG C 432 21.29 27.53 -5.76
CA ARG C 432 20.06 27.45 -5.03
C ARG C 432 19.99 28.27 -3.74
N PRO C 433 18.98 29.13 -3.72
CA PRO C 433 18.72 30.06 -2.68
C PRO C 433 18.33 29.46 -1.36
N GLU C 434 18.43 30.26 -0.30
CA GLU C 434 17.93 29.70 0.91
C GLU C 434 16.43 29.80 0.94
N VAL C 435 15.92 30.92 0.37
CA VAL C 435 14.47 31.08 0.26
C VAL C 435 14.10 30.80 -1.16
N ARG C 436 13.11 29.94 -1.40
CA ARG C 436 12.70 29.52 -2.76
C ARG C 436 11.41 30.15 -3.32
N GLU C 437 10.59 30.65 -2.43
CA GLU C 437 9.35 31.30 -2.81
C GLU C 437 9.71 32.69 -3.35
N VAL C 438 10.66 32.78 -4.28
CA VAL C 438 11.12 34.03 -4.77
C VAL C 438 10.08 34.74 -5.60
N THR C 439 9.05 33.94 -5.94
CA THR C 439 7.89 34.47 -6.64
C THR C 439 7.13 35.46 -5.75
N ALA C 440 6.73 34.99 -4.57
CA ALA C 440 6.00 35.80 -3.61
C ALA C 440 6.75 37.10 -3.29
N LEU C 441 8.07 36.90 -3.08
CA LEU C 441 9.06 37.89 -2.80
C LEU C 441 8.98 39.03 -3.82
N GLY C 442 9.08 38.64 -5.07
CA GLY C 442 8.98 39.58 -6.16
C GLY C 442 7.65 40.36 -6.00
N ALA C 443 6.56 39.69 -5.71
CA ALA C 443 5.36 40.48 -5.53
C ALA C 443 5.46 41.26 -4.23
N ALA C 444 6.21 40.77 -3.25
CA ALA C 444 6.29 41.52 -2.01
C ALA C 444 6.97 42.81 -2.40
N TYR C 445 8.16 42.58 -2.87
CA TYR C 445 9.00 43.63 -3.40
C TYR C 445 8.32 44.78 -4.22
N LEU C 446 7.48 44.44 -5.21
CA LEU C 446 6.80 45.39 -6.05
C LEU C 446 5.78 46.18 -5.24
N ALA C 447 4.80 45.50 -4.62
CA ALA C 447 3.78 46.18 -3.85
C ALA C 447 4.41 47.10 -2.79
N GLY C 448 5.53 46.65 -2.27
CA GLY C 448 6.28 47.33 -1.21
C GLY C 448 6.95 48.59 -1.71
N LEU C 449 7.67 48.41 -2.75
CA LEU C 449 8.38 49.47 -3.37
C LEU C 449 7.39 50.60 -3.64
N ALA C 450 6.20 50.22 -4.12
CA ALA C 450 5.10 51.09 -4.47
C ALA C 450 4.66 52.08 -3.35
N VAL C 451 4.41 51.58 -2.18
CA VAL C 451 3.86 52.27 -1.05
C VAL C 451 4.94 52.80 -0.16
N GLY C 452 6.16 52.87 -0.62
CA GLY C 452 7.17 53.37 0.30
C GLY C 452 7.75 52.39 1.33
N PHE C 453 7.18 51.14 1.42
CA PHE C 453 7.75 50.10 2.29
C PHE C 453 9.30 49.96 2.12
N TRP C 454 9.84 50.20 0.88
CA TRP C 454 11.28 50.12 0.67
C TRP C 454 11.58 51.14 -0.37
N GLN C 455 12.69 51.82 -0.22
CA GLN C 455 12.97 52.84 -1.19
C GLN C 455 13.49 52.37 -2.50
N ASN C 456 14.10 51.17 -2.51
CA ASN C 456 14.66 50.64 -3.72
C ASN C 456 15.17 49.23 -3.50
N LEU C 457 15.56 48.60 -4.61
CA LEU C 457 16.12 47.26 -4.63
C LEU C 457 17.36 47.15 -3.80
N ASP C 458 17.98 48.31 -3.58
CA ASP C 458 19.21 48.29 -2.84
C ASP C 458 19.22 47.64 -1.50
N GLU C 459 18.22 48.05 -0.76
CA GLU C 459 18.02 47.52 0.54
C GLU C 459 17.90 46.01 0.50
N LEU C 460 17.50 45.48 -0.67
CA LEU C 460 17.22 44.05 -0.81
C LEU C 460 18.32 43.17 -1.42
N GLN C 461 19.44 43.80 -1.76
CA GLN C 461 20.52 43.07 -2.35
C GLN C 461 21.27 42.16 -1.38
N GLU C 462 21.63 42.71 -0.22
CA GLU C 462 22.41 41.98 0.75
C GLU C 462 21.67 40.76 1.26
N LYS C 463 20.39 40.83 0.98
CA LYS C 463 19.34 39.90 1.34
C LYS C 463 19.50 38.45 0.97
N ALA C 464 19.77 38.16 -0.31
CA ALA C 464 19.85 36.74 -0.69
C ALA C 464 20.91 35.94 0.03
N VAL C 465 20.99 34.71 -0.40
CA VAL C 465 21.94 33.79 0.11
C VAL C 465 21.78 32.51 -0.60
N ILE C 466 22.92 31.97 -1.10
CA ILE C 466 22.84 30.69 -1.74
C ILE C 466 22.88 29.59 -0.70
N GLU C 467 21.97 28.70 -0.83
CA GLU C 467 21.99 27.63 0.09
C GLU C 467 23.05 26.57 -0.34
N ARG C 468 22.94 26.18 -1.63
CA ARG C 468 23.78 25.24 -2.30
C ARG C 468 24.11 25.62 -3.71
N GLU C 469 25.33 25.31 -4.05
CA GLU C 469 25.80 25.50 -5.40
C GLU C 469 26.31 24.19 -5.97
N PHE C 470 25.51 23.69 -6.92
CA PHE C 470 25.70 22.44 -7.64
C PHE C 470 26.63 22.48 -8.89
N ARG C 471 27.90 22.30 -8.63
CA ARG C 471 28.89 22.16 -9.66
C ARG C 471 28.55 20.82 -10.37
N PRO C 472 28.80 20.69 -11.69
CA PRO C 472 28.39 19.53 -12.36
C PRO C 472 29.31 18.35 -12.13
N GLY C 473 28.64 17.32 -11.55
CA GLY C 473 29.19 16.02 -11.25
C GLY C 473 29.83 15.52 -12.51
N ILE C 474 30.93 14.76 -12.35
CA ILE C 474 31.71 14.26 -13.46
C ILE C 474 30.90 13.78 -14.65
N GLU C 475 29.67 13.41 -14.32
CA GLU C 475 28.60 12.98 -15.18
C GLU C 475 28.22 14.06 -16.21
N THR C 476 29.29 14.60 -16.67
CA THR C 476 29.42 15.68 -17.55
C THR C 476 30.39 15.33 -18.72
N THR C 477 30.38 14.07 -19.07
CA THR C 477 31.21 13.56 -20.13
C THR C 477 30.30 12.87 -21.19
N GLU C 478 29.30 12.20 -20.59
CA GLU C 478 28.22 11.38 -21.12
C GLU C 478 26.97 12.19 -21.42
N ARG C 479 27.16 13.51 -21.42
CA ARG C 479 26.04 14.39 -21.61
C ARG C 479 25.34 14.45 -22.93
N ASN C 480 26.08 14.49 -23.99
CA ASN C 480 25.33 14.54 -25.23
C ASN C 480 24.66 13.21 -25.39
N TYR C 481 25.40 12.21 -24.92
CA TYR C 481 24.90 10.87 -24.90
C TYR C 481 23.55 10.78 -24.23
N ARG C 482 23.46 11.22 -22.97
CA ARG C 482 22.15 11.17 -22.34
C ARG C 482 21.16 11.96 -23.14
N TYR C 483 21.49 13.25 -23.31
CA TYR C 483 20.77 14.30 -24.06
C TYR C 483 20.32 13.81 -25.38
N ALA C 484 21.20 12.97 -25.97
CA ALA C 484 20.86 12.43 -27.29
C ALA C 484 19.69 11.48 -27.32
N GLY C 485 19.47 10.79 -26.22
CA GLY C 485 18.36 9.87 -26.24
C GLY C 485 17.13 10.63 -26.20
N TRP C 486 17.33 11.70 -25.43
CA TRP C 486 16.33 12.70 -25.17
C TRP C 486 15.72 13.19 -26.46
N LYS C 487 16.61 13.70 -27.31
CA LYS C 487 16.18 14.21 -28.60
C LYS C 487 15.32 13.24 -29.39
N LYS C 488 15.88 12.06 -29.57
CA LYS C 488 15.26 10.94 -30.22
C LYS C 488 13.86 10.76 -29.70
N ALA C 489 13.86 10.59 -28.43
CA ALA C 489 12.65 10.44 -27.68
C ALA C 489 11.60 11.47 -28.03
N VAL C 490 11.93 12.81 -27.87
CA VAL C 490 10.95 13.87 -28.16
C VAL C 490 10.25 13.76 -29.48
N LYS C 491 11.09 13.67 -30.53
CA LYS C 491 10.56 13.54 -31.88
C LYS C 491 9.40 12.52 -31.94
N ARG C 492 9.50 11.49 -31.09
CA ARG C 492 8.55 10.42 -31.02
C ARG C 492 7.29 10.81 -30.33
N ALA C 493 7.39 11.87 -29.49
CA ALA C 493 6.22 12.44 -28.74
C ALA C 493 5.32 13.33 -29.60
N MET C 494 6.04 14.07 -30.45
CA MET C 494 5.54 15.05 -31.43
C MET C 494 4.52 14.47 -32.42
N ALA C 495 3.30 14.99 -32.38
CA ALA C 495 2.24 14.67 -33.33
C ALA C 495 1.32 13.63 -32.90
N TRP C 496 1.22 13.48 -31.62
CA TRP C 496 0.32 12.49 -31.25
C TRP C 496 -1.11 12.82 -31.74
N GLU C 497 -1.89 13.60 -30.97
CA GLU C 497 -3.29 13.95 -31.29
C GLU C 497 -3.58 14.21 -32.76
N GLU C 498 -4.78 13.83 -33.06
CA GLU C 498 -5.37 13.93 -34.37
C GLU C 498 -6.14 15.21 -34.56
N HIS C 499 -5.93 15.87 -35.70
CA HIS C 499 -6.67 17.09 -36.01
C HIS C 499 -7.24 17.20 -37.44
N ASP C 500 -6.33 17.03 -38.44
CA ASP C 500 -6.56 17.05 -39.91
C ASP C 500 -7.87 17.76 -40.34
N LYS D 3 -2.00 -48.30 -12.27
CA LYS D 3 -1.57 -47.77 -13.57
C LYS D 3 -2.71 -47.10 -14.23
N LYS D 4 -3.01 -45.88 -13.84
CA LYS D 4 -4.17 -45.38 -14.51
C LYS D 4 -4.17 -43.87 -14.58
N TYR D 5 -2.96 -43.39 -14.48
CA TYR D 5 -2.81 -41.99 -14.53
C TYR D 5 -1.82 -41.62 -15.53
N ILE D 6 -2.03 -40.47 -16.15
CA ILE D 6 -1.03 -39.94 -17.05
C ILE D 6 -0.48 -38.69 -16.41
N VAL D 7 0.72 -38.33 -16.73
CA VAL D 7 1.36 -37.21 -16.08
C VAL D 7 1.94 -36.28 -17.14
N ALA D 8 1.49 -35.02 -17.21
CA ALA D 8 2.05 -34.07 -18.17
C ALA D 8 3.04 -33.23 -17.42
N LEU D 9 4.11 -32.80 -18.10
CA LEU D 9 5.15 -31.93 -17.55
C LEU D 9 5.19 -30.62 -18.35
N ASP D 10 4.94 -29.48 -17.69
CA ASP D 10 4.96 -28.24 -18.48
C ASP D 10 5.99 -27.29 -18.00
N GLN D 11 7.10 -27.18 -18.78
CA GLN D 11 8.15 -26.26 -18.39
C GLN D 11 7.88 -24.88 -19.02
N GLY D 12 7.12 -24.07 -18.22
CA GLY D 12 6.63 -22.76 -18.61
C GLY D 12 7.74 -21.75 -18.70
N THR D 13 7.39 -20.56 -19.22
CA THR D 13 8.42 -19.58 -19.32
C THR D 13 8.77 -18.98 -18.01
N THR D 14 7.80 -18.98 -17.10
CA THR D 14 7.84 -18.37 -15.77
C THR D 14 7.70 -19.39 -14.63
N SER D 15 7.09 -20.51 -14.97
CA SER D 15 6.94 -21.57 -13.99
C SER D 15 7.04 -22.93 -14.64
N SER D 16 7.28 -23.85 -13.75
CA SER D 16 7.32 -25.27 -14.07
C SER D 16 6.09 -25.84 -13.43
N ARG D 17 5.37 -26.57 -14.25
CA ARG D 17 4.14 -27.24 -13.92
C ARG D 17 4.25 -28.83 -14.05
N ALA D 18 3.37 -29.51 -13.33
CA ALA D 18 3.26 -30.93 -13.30
C ALA D 18 1.79 -31.16 -13.21
N VAL D 19 1.29 -32.06 -14.01
CA VAL D 19 -0.16 -32.29 -13.97
C VAL D 19 -0.52 -33.76 -14.11
N VAL D 20 -1.67 -34.11 -13.56
CA VAL D 20 -2.14 -35.48 -13.48
C VAL D 20 -3.54 -35.78 -14.07
N MET D 21 -3.64 -36.54 -15.14
CA MET D 21 -4.95 -36.89 -15.61
C MET D 21 -5.18 -38.35 -15.41
N ASP D 22 -6.42 -38.70 -15.68
CA ASP D 22 -6.86 -40.07 -15.59
C ASP D 22 -7.15 -40.58 -16.96
N HIS D 23 -8.09 -41.52 -17.05
CA HIS D 23 -8.44 -42.07 -18.35
C HIS D 23 -9.65 -41.31 -18.97
N ASP D 24 -10.41 -40.66 -18.10
CA ASP D 24 -11.49 -39.85 -18.58
C ASP D 24 -10.92 -38.48 -18.87
N ALA D 25 -9.62 -38.38 -18.56
CA ALA D 25 -8.75 -37.21 -18.75
C ALA D 25 -9.07 -36.00 -17.85
N ASN D 26 -9.34 -36.24 -16.59
CA ASN D 26 -9.62 -35.12 -15.73
C ASN D 26 -8.35 -34.70 -15.06
N ILE D 27 -8.51 -33.76 -14.21
CA ILE D 27 -7.36 -33.26 -13.52
C ILE D 27 -7.44 -33.44 -12.07
N ILE D 28 -6.62 -34.40 -11.73
CA ILE D 28 -6.57 -34.86 -10.42
C ILE D 28 -5.67 -34.00 -9.63
N SER D 29 -4.73 -33.31 -10.31
CA SER D 29 -3.80 -32.54 -9.50
C SER D 29 -2.86 -31.61 -10.24
N VAL D 30 -2.37 -30.53 -9.50
CA VAL D 30 -1.42 -29.60 -10.13
C VAL D 30 -0.30 -29.09 -9.29
N SER D 31 0.91 -29.07 -9.90
CA SER D 31 2.05 -28.45 -9.31
C SER D 31 2.58 -27.27 -10.03
N GLN D 32 3.14 -26.31 -9.29
CA GLN D 32 3.69 -25.10 -9.91
C GLN D 32 4.71 -24.37 -9.12
N ARG D 33 5.71 -23.85 -9.81
CA ARG D 33 6.76 -23.10 -9.20
C ARG D 33 7.33 -22.16 -10.16
N GLU D 34 7.60 -21.01 -9.63
CA GLU D 34 8.08 -20.04 -10.53
C GLU D 34 9.50 -20.10 -10.40
N PHE D 35 10.16 -19.46 -11.35
CA PHE D 35 11.60 -19.46 -11.33
C PHE D 35 12.10 -18.11 -11.74
N GLU D 36 13.26 -17.73 -11.23
CA GLU D 36 13.92 -16.43 -11.50
C GLU D 36 14.23 -16.26 -12.92
N GLN D 37 13.92 -15.05 -13.31
CA GLN D 37 14.13 -14.54 -14.64
C GLN D 37 15.21 -13.49 -14.58
N ILE D 38 16.13 -13.62 -15.45
CA ILE D 38 17.25 -12.76 -15.36
C ILE D 38 17.42 -11.85 -16.52
N TYR D 39 17.69 -10.57 -16.20
CA TYR D 39 17.99 -9.60 -17.24
C TYR D 39 19.40 -9.04 -17.01
N PRO D 40 20.34 -9.69 -17.59
CA PRO D 40 21.67 -9.30 -17.32
C PRO D 40 21.90 -7.90 -17.87
N LYS D 41 21.06 -7.59 -18.85
CA LYS D 41 21.02 -6.35 -19.61
C LYS D 41 19.79 -6.29 -20.47
N PRO D 42 19.25 -5.07 -20.42
CA PRO D 42 18.04 -4.65 -21.11
C PRO D 42 18.12 -5.04 -22.58
N GLY D 43 17.18 -5.93 -22.92
CA GLY D 43 17.02 -6.62 -24.20
C GLY D 43 17.26 -8.18 -24.04
N TRP D 44 18.03 -8.55 -22.98
CA TRP D 44 18.44 -9.89 -22.69
C TRP D 44 17.65 -10.58 -21.64
N VAL D 45 17.48 -11.91 -21.88
CA VAL D 45 16.78 -12.84 -20.98
C VAL D 45 17.44 -14.22 -20.80
N GLU D 46 17.59 -14.59 -19.56
CA GLU D 46 18.22 -15.80 -19.16
C GLU D 46 17.43 -16.53 -18.14
N HIS D 47 17.74 -17.85 -17.99
CA HIS D 47 17.11 -18.75 -17.02
C HIS D 47 18.16 -19.65 -16.39
N ASP D 48 18.08 -19.91 -15.11
CA ASP D 48 18.99 -20.94 -14.54
C ASP D 48 18.56 -22.37 -14.90
N PRO D 49 19.47 -23.11 -15.57
CA PRO D 49 19.13 -24.49 -16.03
C PRO D 49 18.90 -25.41 -14.88
N MET D 50 19.68 -25.08 -13.87
CA MET D 50 19.56 -25.74 -12.63
C MET D 50 18.27 -25.43 -11.96
N GLU D 51 17.88 -24.18 -12.01
CA GLU D 51 16.66 -23.88 -11.38
C GLU D 51 15.47 -24.39 -12.18
N ILE D 52 15.64 -24.30 -13.49
CA ILE D 52 14.62 -24.80 -14.39
C ILE D 52 14.27 -26.25 -14.05
N TRP D 53 15.36 -27.01 -13.86
CA TRP D 53 15.26 -28.41 -13.54
C TRP D 53 14.52 -28.66 -12.22
N ALA D 54 15.21 -28.37 -11.12
CA ALA D 54 14.73 -28.58 -9.75
C ALA D 54 13.29 -28.39 -9.63
N THR D 55 12.88 -27.16 -9.87
CA THR D 55 11.47 -26.78 -9.91
C THR D 55 10.68 -27.73 -10.76
N GLN D 56 11.24 -28.06 -11.93
CA GLN D 56 10.45 -28.94 -12.73
C GLN D 56 10.43 -30.32 -12.05
N SER D 57 11.55 -30.77 -11.52
CA SER D 57 11.54 -32.06 -10.84
C SER D 57 10.63 -32.05 -9.64
N SER D 58 10.90 -31.13 -8.77
CA SER D 58 10.10 -31.04 -7.54
C SER D 58 8.61 -30.96 -7.77
N THR D 59 8.21 -30.30 -8.84
CA THR D 59 6.79 -30.18 -9.02
C THR D 59 6.24 -31.53 -9.28
N LEU D 60 6.98 -32.29 -10.08
CA LEU D 60 6.67 -33.66 -10.40
C LEU D 60 6.36 -34.43 -9.15
N VAL D 61 7.42 -34.51 -8.41
CA VAL D 61 7.38 -35.21 -7.16
C VAL D 61 6.33 -34.67 -6.22
N GLU D 62 6.12 -33.38 -6.27
CA GLU D 62 5.18 -32.84 -5.34
C GLU D 62 3.79 -33.03 -5.79
N VAL D 63 3.62 -33.19 -7.10
CA VAL D 63 2.26 -33.35 -7.54
C VAL D 63 1.64 -34.68 -7.11
N LEU D 64 2.47 -35.75 -7.20
CA LEU D 64 1.98 -37.06 -6.81
C LEU D 64 1.80 -37.23 -5.33
N ALA D 65 2.84 -36.80 -4.60
CA ALA D 65 2.88 -36.88 -3.15
C ALA D 65 1.56 -36.52 -2.57
N LYS D 66 1.30 -35.23 -2.77
CA LYS D 66 0.10 -34.49 -2.36
C LYS D 66 -1.21 -35.09 -2.87
N ALA D 67 -1.25 -35.51 -4.14
CA ALA D 67 -2.42 -36.15 -4.74
C ALA D 67 -2.51 -37.62 -4.30
N ASP D 68 -1.45 -38.09 -3.56
CA ASP D 68 -1.20 -39.46 -3.03
C ASP D 68 -1.21 -40.55 -4.09
N ILE D 69 -0.24 -40.47 -4.97
CA ILE D 69 -0.16 -41.36 -6.05
C ILE D 69 1.21 -41.88 -6.03
N SER D 70 1.34 -43.15 -6.42
CA SER D 70 2.60 -43.86 -6.41
C SER D 70 3.10 -44.22 -7.79
N SER D 71 4.44 -44.19 -7.88
CA SER D 71 5.23 -44.38 -9.07
C SER D 71 4.60 -45.33 -10.04
N ASP D 72 4.02 -46.31 -9.39
CA ASP D 72 3.39 -47.43 -9.98
C ASP D 72 2.17 -47.12 -10.83
N GLN D 73 1.35 -46.14 -10.47
CA GLN D 73 0.14 -45.90 -11.24
C GLN D 73 0.27 -44.99 -12.45
N ILE D 74 1.53 -44.52 -12.65
CA ILE D 74 1.89 -43.64 -13.74
C ILE D 74 2.16 -44.33 -15.04
N ALA D 75 1.12 -44.47 -15.81
CA ALA D 75 1.18 -45.02 -17.14
C ALA D 75 2.32 -44.43 -17.95
N ALA D 76 2.46 -43.11 -17.85
CA ALA D 76 3.52 -42.47 -18.57
C ALA D 76 3.61 -41.01 -18.22
N ILE D 77 4.55 -40.39 -18.88
CA ILE D 77 4.83 -38.98 -18.72
C ILE D 77 4.97 -38.26 -20.06
N GLY D 78 4.23 -37.14 -20.28
CA GLY D 78 4.34 -36.37 -21.49
C GLY D 78 5.14 -35.10 -21.12
N ILE D 79 5.68 -34.39 -22.09
CA ILE D 79 6.45 -33.20 -21.81
C ILE D 79 6.29 -32.07 -22.82
N THR D 80 5.94 -30.90 -22.37
CA THR D 80 5.92 -29.74 -23.27
C THR D 80 6.79 -28.69 -22.65
N ASN D 81 7.30 -27.81 -23.44
CA ASN D 81 8.13 -26.80 -22.87
C ASN D 81 8.07 -25.55 -23.69
N GLN D 82 8.70 -24.50 -23.18
CA GLN D 82 8.83 -23.27 -23.94
C GLN D 82 9.85 -23.62 -24.95
N ARG D 83 9.51 -23.26 -26.18
CA ARG D 83 10.23 -23.66 -27.31
C ARG D 83 11.46 -23.00 -27.81
N GLU D 84 12.01 -21.87 -27.30
CA GLU D 84 13.24 -21.62 -28.19
C GLU D 84 14.56 -21.63 -27.44
N THR D 85 14.39 -21.41 -26.12
CA THR D 85 15.44 -21.30 -25.11
C THR D 85 16.38 -22.50 -25.22
N THR D 86 17.68 -22.18 -25.19
CA THR D 86 18.83 -22.96 -25.52
C THR D 86 19.75 -23.26 -24.40
N ILE D 87 20.18 -24.55 -24.32
CA ILE D 87 21.08 -25.04 -23.30
C ILE D 87 22.26 -25.69 -23.88
N VAL D 88 23.39 -25.63 -23.14
CA VAL D 88 24.67 -26.18 -23.58
C VAL D 88 25.53 -26.59 -22.41
N TRP D 89 25.89 -27.89 -22.35
CA TRP D 89 26.68 -28.36 -21.21
C TRP D 89 27.59 -29.49 -21.52
N GLU D 90 28.56 -29.67 -20.55
CA GLU D 90 29.53 -30.79 -20.69
C GLU D 90 28.82 -32.10 -20.54
N LYS D 91 29.02 -32.93 -21.57
CA LYS D 91 28.35 -34.23 -21.62
C LYS D 91 28.64 -35.03 -20.34
N GLU D 92 29.92 -35.00 -19.94
CA GLU D 92 30.50 -35.62 -18.77
C GLU D 92 29.95 -35.25 -17.41
N THR D 93 30.13 -33.97 -16.99
CA THR D 93 29.67 -33.38 -15.71
C THR D 93 28.17 -33.04 -15.68
N GLY D 94 27.53 -32.87 -16.86
CA GLY D 94 26.10 -32.57 -16.97
C GLY D 94 25.81 -31.14 -16.50
N LYS D 95 26.84 -30.35 -16.68
CA LYS D 95 26.86 -28.97 -16.30
C LYS D 95 26.97 -27.93 -17.50
N PRO D 96 26.05 -26.96 -17.43
CA PRO D 96 25.86 -25.92 -18.42
C PRO D 96 27.05 -25.08 -18.59
N ILE D 97 27.41 -24.82 -19.86
CA ILE D 97 28.56 -23.98 -19.98
C ILE D 97 28.19 -22.52 -19.74
N TYR D 98 26.88 -22.23 -19.80
CA TYR D 98 26.35 -20.89 -19.66
C TYR D 98 24.89 -21.02 -19.40
N ASN D 99 24.27 -19.98 -18.82
CA ASN D 99 22.84 -20.07 -18.55
C ASN D 99 22.08 -20.37 -19.75
N ALA D 100 20.80 -20.65 -19.55
CA ALA D 100 19.95 -20.83 -20.71
C ALA D 100 19.47 -19.45 -21.23
N ILE D 101 19.59 -19.30 -22.52
CA ILE D 101 19.09 -18.13 -23.13
C ILE D 101 17.68 -18.36 -23.63
N VAL D 102 16.74 -17.77 -22.91
CA VAL D 102 15.36 -17.78 -23.27
C VAL D 102 15.13 -17.29 -24.72
N TRP D 103 14.01 -17.72 -25.31
CA TRP D 103 13.69 -17.33 -26.68
C TRP D 103 13.41 -15.77 -26.89
N GLN D 104 13.16 -15.04 -25.82
CA GLN D 104 12.95 -13.58 -25.71
C GLN D 104 14.23 -12.83 -25.94
N CYS D 105 15.29 -13.26 -25.25
CA CYS D 105 16.59 -12.61 -25.34
C CYS D 105 16.98 -12.30 -26.73
N ARG D 106 17.19 -11.01 -26.91
CA ARG D 106 17.55 -10.49 -28.21
C ARG D 106 19.05 -10.43 -28.44
N ARG D 107 19.91 -10.98 -27.58
CA ARG D 107 21.34 -10.78 -27.88
C ARG D 107 21.87 -11.14 -29.27
N THR D 108 21.26 -12.08 -29.98
CA THR D 108 21.90 -12.46 -31.26
C THR D 108 21.46 -11.73 -32.50
N ALA D 109 20.87 -10.55 -32.26
CA ALA D 109 20.31 -9.67 -33.27
C ALA D 109 21.34 -9.35 -34.27
N GLU D 110 22.44 -8.96 -33.68
CA GLU D 110 23.59 -8.62 -34.46
C GLU D 110 23.97 -9.73 -35.46
N ILE D 111 24.13 -10.94 -34.91
CA ILE D 111 24.45 -12.10 -35.70
C ILE D 111 23.36 -12.18 -36.79
N CYS D 112 22.12 -11.95 -36.42
CA CYS D 112 21.07 -12.02 -37.44
C CYS D 112 21.35 -11.08 -38.60
N GLU D 113 21.89 -9.91 -38.24
CA GLU D 113 22.17 -8.93 -39.27
C GLU D 113 23.04 -9.51 -40.33
N HIS D 114 24.07 -10.17 -39.83
CA HIS D 114 25.00 -10.83 -40.72
C HIS D 114 24.32 -11.73 -41.72
N LEU D 115 23.53 -12.63 -41.23
CA LEU D 115 22.91 -13.54 -42.14
C LEU D 115 22.00 -12.87 -43.09
N LYS D 116 21.21 -11.92 -42.55
CA LYS D 116 20.33 -11.13 -43.40
C LYS D 116 21.12 -10.62 -44.61
N ARG D 117 22.25 -9.99 -44.32
CA ARG D 117 23.17 -9.45 -45.28
C ARG D 117 23.78 -10.51 -46.20
N ASP D 118 24.32 -11.67 -45.67
CA ASP D 118 24.90 -12.76 -46.52
C ASP D 118 23.85 -13.26 -47.45
N GLY D 119 22.62 -12.88 -47.11
CA GLY D 119 21.41 -13.12 -47.87
C GLY D 119 20.81 -14.48 -47.68
N LEU D 120 20.52 -14.84 -46.45
CA LEU D 120 20.01 -16.15 -46.21
C LEU D 120 18.52 -16.26 -46.05
N GLU D 121 17.96 -15.08 -46.01
CA GLU D 121 16.55 -14.89 -45.87
C GLU D 121 15.73 -15.85 -46.68
N ASP D 122 15.93 -15.89 -47.98
CA ASP D 122 15.10 -16.82 -48.68
C ASP D 122 15.36 -18.28 -48.32
N TYR D 123 16.65 -18.57 -48.14
CA TYR D 123 17.05 -19.90 -47.73
C TYR D 123 16.31 -20.31 -46.48
N ILE D 124 16.35 -19.41 -45.51
CA ILE D 124 15.76 -19.74 -44.27
C ILE D 124 14.26 -19.86 -44.24
N ARG D 125 13.58 -18.93 -44.85
CA ARG D 125 12.15 -18.98 -44.94
C ARG D 125 11.81 -20.30 -45.60
N SER D 126 12.72 -20.66 -46.48
CA SER D 126 12.52 -21.82 -47.31
C SER D 126 12.65 -23.24 -46.74
N ASN D 127 13.76 -23.52 -46.08
CA ASN D 127 13.98 -24.85 -45.54
C ASN D 127 13.57 -24.92 -44.13
N THR D 128 13.80 -23.86 -43.35
CA THR D 128 13.38 -23.90 -41.94
C THR D 128 11.92 -23.37 -41.75
N GLY D 129 11.51 -22.43 -42.64
CA GLY D 129 10.20 -21.78 -42.61
C GLY D 129 10.16 -20.70 -41.54
N LEU D 130 11.28 -20.47 -40.86
CA LEU D 130 11.44 -19.45 -39.85
C LEU D 130 11.87 -18.14 -40.57
N VAL D 131 11.90 -17.06 -39.80
CA VAL D 131 12.29 -15.68 -40.15
C VAL D 131 13.65 -15.40 -39.50
N ILE D 132 14.48 -14.55 -40.08
CA ILE D 132 15.75 -14.33 -39.42
C ILE D 132 15.55 -13.57 -38.09
N ASP D 133 15.46 -14.29 -36.99
CA ASP D 133 15.26 -13.64 -35.69
C ASP D 133 16.17 -14.17 -34.57
N PRO D 134 16.57 -13.23 -33.67
CA PRO D 134 17.29 -13.59 -32.46
C PRO D 134 16.39 -14.50 -31.60
N TYR D 135 15.14 -14.62 -32.03
CA TYR D 135 14.13 -15.45 -31.35
C TYR D 135 14.52 -16.93 -31.25
N PHE D 136 14.97 -17.52 -32.42
CA PHE D 136 15.39 -18.89 -32.75
C PHE D 136 16.75 -19.23 -32.20
N SER D 137 16.83 -20.53 -31.79
CA SER D 137 17.98 -21.21 -31.17
C SER D 137 19.33 -21.12 -31.81
N GLY D 138 19.41 -21.41 -33.16
CA GLY D 138 20.69 -21.33 -33.91
C GLY D 138 21.64 -20.23 -33.33
N THR D 139 21.31 -18.95 -33.65
CA THR D 139 21.99 -17.69 -33.25
C THR D 139 22.51 -17.71 -31.84
N LYS D 140 21.63 -18.22 -30.98
CA LYS D 140 21.94 -18.41 -29.58
C LYS D 140 23.13 -19.37 -29.45
N VAL D 141 22.98 -20.61 -30.00
CA VAL D 141 24.05 -21.57 -29.91
C VAL D 141 25.34 -21.00 -30.40
N LYS D 142 25.33 -20.37 -31.56
CA LYS D 142 26.60 -19.80 -32.04
C LYS D 142 27.20 -18.83 -31.07
N TRP D 143 26.27 -18.29 -30.32
CA TRP D 143 26.55 -17.32 -29.33
C TRP D 143 27.34 -17.87 -28.22
N ILE D 144 26.79 -18.89 -27.51
CA ILE D 144 27.57 -19.50 -26.42
C ILE D 144 28.90 -19.93 -27.02
N LEU D 145 28.72 -20.56 -28.17
CA LEU D 145 29.82 -21.04 -28.93
C LEU D 145 30.92 -20.04 -29.10
N ASP D 146 30.62 -18.94 -29.75
CA ASP D 146 31.68 -17.96 -29.88
C ASP D 146 32.14 -17.46 -28.51
N HIS D 147 31.20 -17.38 -27.57
CA HIS D 147 31.42 -16.78 -26.28
C HIS D 147 32.13 -17.51 -25.25
N VAL D 148 32.31 -18.78 -25.45
CA VAL D 148 33.03 -19.52 -24.45
C VAL D 148 34.22 -20.14 -25.05
N GLU D 149 35.35 -19.73 -24.50
CA GLU D 149 36.69 -20.12 -24.95
C GLU D 149 36.86 -21.17 -26.06
N GLY D 150 37.05 -22.43 -25.64
CA GLY D 150 37.26 -23.52 -26.58
C GLY D 150 36.04 -24.41 -26.79
N SER D 151 34.86 -23.79 -26.71
CA SER D 151 33.59 -24.45 -26.87
C SER D 151 33.62 -25.26 -28.11
N ARG D 152 33.71 -24.51 -29.21
CA ARG D 152 33.74 -25.02 -30.56
C ARG D 152 34.50 -26.33 -30.60
N GLU D 153 35.59 -26.32 -29.86
CA GLU D 153 36.44 -27.48 -29.79
C GLU D 153 35.80 -28.71 -29.14
N ARG D 154 35.44 -28.53 -27.89
CA ARG D 154 34.83 -29.57 -27.12
C ARG D 154 33.65 -30.04 -27.84
N ALA D 155 32.95 -29.06 -28.41
CA ALA D 155 31.76 -29.27 -29.22
C ALA D 155 32.01 -30.28 -30.27
N ARG D 156 33.21 -30.16 -30.84
CA ARG D 156 33.66 -31.04 -31.91
C ARG D 156 34.00 -32.41 -31.41
N ARG D 157 34.64 -32.42 -30.27
CA ARG D 157 34.99 -33.69 -29.65
C ARG D 157 33.75 -34.27 -29.03
N GLY D 158 32.58 -33.82 -29.47
CA GLY D 158 31.33 -34.26 -28.90
C GLY D 158 31.31 -34.22 -27.36
N GLU D 159 32.18 -33.39 -26.72
CA GLU D 159 32.25 -33.24 -25.26
C GLU D 159 31.07 -32.41 -24.69
N LEU D 160 30.51 -31.65 -25.62
CA LEU D 160 29.38 -30.77 -25.33
C LEU D 160 28.15 -31.11 -26.11
N LEU D 161 27.08 -30.93 -25.30
CA LEU D 161 25.70 -31.13 -25.70
C LEU D 161 24.83 -29.85 -25.70
N PHE D 162 24.22 -29.71 -26.87
CA PHE D 162 23.32 -28.66 -27.15
C PHE D 162 21.95 -29.16 -26.87
N GLY D 163 21.04 -28.31 -26.36
CA GLY D 163 19.70 -28.79 -26.16
C GLY D 163 18.72 -27.71 -25.82
N THR D 164 17.49 -27.95 -26.28
CA THR D 164 16.37 -27.12 -25.92
C THR D 164 15.97 -27.54 -24.56
N VAL D 165 14.73 -27.23 -24.22
CA VAL D 165 14.32 -27.52 -22.83
C VAL D 165 13.85 -28.90 -22.65
N ASP D 166 13.12 -29.36 -23.67
CA ASP D 166 12.57 -30.72 -23.65
C ASP D 166 13.72 -31.75 -23.46
N THR D 167 14.69 -31.68 -24.36
CA THR D 167 15.92 -32.41 -24.38
C THR D 167 16.55 -32.48 -22.98
N TRP D 168 16.91 -31.33 -22.44
CA TRP D 168 17.55 -31.08 -21.18
C TRP D 168 16.82 -31.73 -20.04
N LEU D 169 15.56 -31.73 -20.25
CA LEU D 169 14.62 -32.27 -19.31
C LEU D 169 14.79 -33.76 -19.20
N ILE D 170 14.67 -34.36 -20.36
CA ILE D 170 14.81 -35.77 -20.57
C ILE D 170 16.15 -36.37 -20.18
N TRP D 171 17.18 -35.64 -20.50
CA TRP D 171 18.52 -36.09 -20.21
C TRP D 171 18.69 -36.23 -18.77
N LYS D 172 18.42 -35.15 -18.11
CA LYS D 172 18.54 -35.04 -16.66
C LYS D 172 17.77 -36.14 -16.12
N MET D 173 16.59 -36.22 -16.76
CA MET D 173 15.60 -37.16 -16.32
C MET D 173 16.08 -38.61 -16.31
N THR D 174 16.67 -38.98 -17.46
CA THR D 174 17.24 -40.26 -17.69
C THR D 174 18.75 -40.37 -17.42
N GLN D 175 19.27 -39.65 -16.45
CA GLN D 175 20.69 -39.72 -16.14
C GLN D 175 21.61 -39.53 -17.32
N GLY D 176 21.16 -38.85 -18.36
CA GLY D 176 22.05 -38.61 -19.50
C GLY D 176 22.08 -39.74 -20.49
N ARG D 177 21.15 -40.66 -20.27
CA ARG D 177 21.06 -41.81 -21.09
C ARG D 177 20.60 -41.45 -22.46
N VAL D 178 19.49 -40.68 -22.50
CA VAL D 178 18.81 -40.22 -23.72
C VAL D 178 18.94 -38.74 -24.18
N HIS D 179 19.61 -38.54 -25.37
CA HIS D 179 19.81 -37.27 -26.10
C HIS D 179 18.91 -37.18 -27.32
N VAL D 180 17.69 -36.76 -26.99
CA VAL D 180 16.67 -36.65 -27.95
C VAL D 180 15.79 -35.41 -27.81
N THR D 181 14.91 -35.22 -28.83
CA THR D 181 13.95 -34.14 -29.07
C THR D 181 13.07 -34.52 -30.28
N ASP D 182 11.82 -34.05 -30.28
CA ASP D 182 10.86 -34.28 -31.35
C ASP D 182 10.81 -33.16 -32.42
N TYR D 183 10.14 -33.47 -33.51
CA TYR D 183 10.03 -32.66 -34.67
C TYR D 183 9.74 -31.22 -34.38
N THR D 184 8.60 -31.04 -33.71
CA THR D 184 8.11 -29.75 -33.31
C THR D 184 9.23 -28.87 -32.75
N ASN D 185 9.77 -29.28 -31.65
CA ASN D 185 10.87 -28.52 -31.12
C ASN D 185 12.04 -28.37 -32.04
N ALA D 186 12.21 -29.26 -32.96
CA ALA D 186 13.41 -29.06 -33.74
C ALA D 186 13.23 -27.92 -34.67
N SER D 187 11.95 -27.76 -35.14
CA SER D 187 11.57 -26.74 -36.13
C SER D 187 12.10 -25.31 -35.90
N ARG D 188 11.86 -24.85 -34.70
CA ARG D 188 12.22 -23.56 -34.24
C ARG D 188 13.65 -23.38 -33.99
N THR D 189 14.45 -24.32 -34.38
CA THR D 189 15.85 -24.09 -34.02
C THR D 189 16.45 -23.26 -35.05
N MET D 190 15.77 -23.38 -36.18
CA MET D 190 16.31 -22.79 -37.36
C MET D 190 17.59 -23.58 -37.74
N LEU D 191 17.79 -24.81 -37.18
CA LEU D 191 18.96 -25.66 -37.52
C LEU D 191 18.61 -26.86 -38.40
N PHE D 192 17.36 -27.26 -38.28
CA PHE D 192 16.83 -28.43 -38.88
C PHE D 192 15.91 -28.17 -40.05
N ASN D 193 16.11 -28.94 -41.16
CA ASN D 193 15.25 -28.82 -42.37
C ASN D 193 13.84 -29.40 -42.21
N ILE D 194 12.85 -28.73 -42.74
CA ILE D 194 11.48 -29.15 -42.50
C ILE D 194 10.81 -29.98 -43.57
N HIS D 195 11.46 -30.06 -44.69
CA HIS D 195 10.91 -30.89 -45.74
C HIS D 195 11.64 -32.23 -45.65
N THR D 196 12.96 -32.03 -45.56
CA THR D 196 13.92 -33.07 -45.41
C THR D 196 13.59 -33.83 -44.16
N LEU D 197 13.53 -33.09 -43.10
CA LEU D 197 13.20 -33.57 -41.78
C LEU D 197 14.41 -33.98 -41.01
N ASP D 198 15.46 -33.16 -41.09
CA ASP D 198 16.64 -33.46 -40.36
C ASP D 198 17.59 -32.34 -40.63
N TRP D 199 18.38 -31.99 -39.61
CA TRP D 199 19.32 -30.89 -39.66
C TRP D 199 19.77 -30.43 -40.95
N ASP D 200 19.56 -29.16 -41.15
CA ASP D 200 20.01 -28.55 -42.33
C ASP D 200 21.51 -28.50 -42.29
N ASP D 201 22.07 -29.18 -43.23
CA ASP D 201 23.49 -29.25 -43.23
C ASP D 201 24.15 -27.90 -43.42
N LYS D 202 23.50 -27.07 -44.28
CA LYS D 202 23.93 -25.72 -44.63
C LYS D 202 23.98 -24.80 -43.40
N MET D 203 22.87 -24.80 -42.67
CA MET D 203 22.84 -24.01 -41.45
C MET D 203 23.88 -24.34 -40.39
N LEU D 204 24.35 -25.56 -40.35
CA LEU D 204 25.31 -25.78 -39.30
C LEU D 204 26.59 -25.12 -39.67
N GLU D 205 26.85 -25.15 -40.97
CA GLU D 205 28.09 -24.60 -41.38
C GLU D 205 28.05 -23.12 -41.16
N VAL D 206 26.92 -22.58 -41.61
CA VAL D 206 26.64 -21.16 -41.53
C VAL D 206 26.94 -20.59 -40.14
N LEU D 207 26.23 -21.13 -39.17
CA LEU D 207 26.38 -20.79 -37.77
C LEU D 207 27.66 -21.40 -37.15
N ASP D 208 28.27 -22.25 -37.91
CA ASP D 208 29.46 -22.85 -37.43
C ASP D 208 29.16 -23.70 -36.21
N ILE D 209 28.39 -24.74 -36.46
CA ILE D 209 27.93 -25.61 -35.44
C ILE D 209 28.09 -27.03 -35.76
N PRO D 210 28.94 -27.61 -34.90
CA PRO D 210 29.38 -29.01 -34.86
C PRO D 210 28.20 -29.85 -34.61
N ARG D 211 27.95 -30.72 -35.55
CA ARG D 211 26.81 -31.65 -35.55
C ARG D 211 26.78 -32.63 -34.37
N GLU D 212 27.99 -32.89 -33.82
CA GLU D 212 28.18 -33.81 -32.72
C GLU D 212 27.21 -33.49 -31.64
N MET D 213 26.96 -32.19 -31.54
CA MET D 213 26.16 -31.70 -30.46
C MET D 213 24.70 -31.91 -30.47
N LEU D 214 24.16 -31.96 -31.64
CA LEU D 214 22.77 -32.18 -31.72
C LEU D 214 22.39 -33.57 -31.15
N PRO D 215 21.11 -33.81 -30.95
CA PRO D 215 20.57 -35.04 -30.36
C PRO D 215 19.59 -35.68 -31.29
N GLU D 216 19.26 -36.98 -31.14
CA GLU D 216 18.31 -37.46 -32.09
C GLU D 216 16.97 -36.82 -31.99
N VAL D 217 16.32 -36.74 -33.14
CA VAL D 217 14.97 -36.20 -33.33
C VAL D 217 13.99 -37.30 -33.57
N ARG D 218 12.87 -37.19 -32.93
CA ARG D 218 11.95 -38.22 -33.10
C ARG D 218 10.59 -37.68 -33.28
N ARG D 219 9.65 -38.60 -33.18
CA ARG D 219 8.26 -38.35 -33.30
C ARG D 219 7.88 -37.67 -31.97
N SER D 220 6.76 -36.95 -31.95
CA SER D 220 6.30 -36.26 -30.77
C SER D 220 5.60 -37.27 -29.86
N SER D 221 5.08 -38.32 -30.46
CA SER D 221 4.39 -39.34 -29.68
C SER D 221 5.13 -40.66 -29.68
N GLU D 222 6.06 -40.89 -28.74
CA GLU D 222 6.75 -42.17 -28.81
C GLU D 222 7.61 -42.55 -27.60
N VAL D 223 7.94 -43.86 -27.49
CA VAL D 223 8.80 -44.28 -26.36
C VAL D 223 10.22 -43.90 -26.48
N TYR D 224 10.60 -43.06 -25.56
CA TYR D 224 11.95 -42.61 -25.66
C TYR D 224 12.78 -43.11 -24.55
N GLY D 225 12.13 -43.52 -23.46
CA GLY D 225 12.99 -43.86 -22.35
C GLY D 225 12.20 -44.08 -21.13
N GLN D 226 12.90 -44.11 -19.98
CA GLN D 226 12.28 -44.36 -18.70
C GLN D 226 12.90 -43.61 -17.59
N THR D 227 12.14 -43.53 -16.52
CA THR D 227 12.69 -42.81 -15.41
C THR D 227 12.36 -43.37 -14.06
N ASN D 228 13.38 -43.28 -13.21
CA ASN D 228 13.29 -43.78 -11.88
C ASN D 228 13.39 -42.67 -10.92
N ILE D 229 12.22 -42.43 -10.39
CA ILE D 229 12.03 -41.47 -9.37
C ILE D 229 11.87 -42.10 -7.95
N GLY D 230 12.24 -43.38 -7.71
CA GLY D 230 12.03 -43.92 -6.36
C GLY D 230 10.68 -44.64 -6.30
N GLY D 231 10.26 -44.88 -5.06
CA GLY D 231 9.04 -45.64 -4.85
C GLY D 231 9.29 -47.11 -4.41
N LYS D 232 8.39 -48.01 -4.81
CA LYS D 232 8.39 -49.45 -4.46
C LYS D 232 9.29 -50.41 -5.23
N GLY D 233 10.62 -50.30 -5.13
CA GLY D 233 11.52 -51.23 -5.84
C GLY D 233 11.11 -51.61 -7.29
N GLY D 234 12.02 -51.34 -8.19
CA GLY D 234 11.84 -51.66 -9.62
C GLY D 234 10.87 -50.83 -10.45
N THR D 235 10.62 -49.59 -10.06
CA THR D 235 9.70 -48.71 -10.78
C THR D 235 10.39 -47.79 -11.81
N ARG D 236 9.99 -47.97 -13.07
CA ARG D 236 10.52 -47.23 -14.20
C ARG D 236 9.37 -46.57 -14.87
N ILE D 237 9.53 -45.28 -15.17
CA ILE D 237 8.47 -44.59 -15.84
C ILE D 237 8.96 -44.22 -17.18
N PRO D 238 8.09 -44.47 -18.11
CA PRO D 238 8.27 -44.22 -19.50
C PRO D 238 8.02 -42.77 -19.89
N ILE D 239 8.68 -42.39 -20.96
CA ILE D 239 8.60 -41.11 -21.57
C ILE D 239 8.27 -41.25 -23.05
N SER D 240 6.96 -41.01 -23.35
CA SER D 240 6.22 -41.17 -24.63
C SER D 240 5.58 -39.88 -25.26
N GLY D 241 6.12 -38.72 -24.97
CA GLY D 241 5.48 -37.57 -25.53
C GLY D 241 6.26 -36.31 -25.32
N ILE D 242 6.49 -35.66 -26.43
CA ILE D 242 7.18 -34.40 -26.45
C ILE D 242 6.63 -33.49 -27.51
N ALA D 243 6.51 -32.22 -27.13
CA ALA D 243 6.05 -31.11 -28.02
C ALA D 243 6.29 -29.70 -27.43
N GLY D 244 6.38 -28.70 -28.30
CA GLY D 244 6.46 -27.35 -27.77
C GLY D 244 5.02 -27.03 -27.33
N ASP D 245 4.90 -26.37 -26.17
CA ASP D 245 3.60 -25.94 -25.61
C ASP D 245 2.60 -25.54 -26.68
N GLN D 246 3.14 -24.73 -27.59
CA GLN D 246 2.35 -24.20 -28.65
C GLN D 246 1.65 -25.27 -29.37
N GLN D 247 2.49 -26.19 -29.91
CA GLN D 247 2.01 -27.38 -30.56
C GLN D 247 1.19 -28.22 -29.62
N ALA D 248 1.67 -28.37 -28.37
CA ALA D 248 0.85 -29.15 -27.41
C ALA D 248 -0.57 -28.70 -27.30
N ALA D 249 -0.71 -27.40 -27.19
CA ALA D 249 -2.03 -26.76 -27.07
C ALA D 249 -2.88 -27.06 -28.26
N LEU D 250 -2.26 -26.74 -29.40
CA LEU D 250 -2.84 -26.94 -30.68
C LEU D 250 -3.50 -28.27 -30.65
N PHE D 251 -2.63 -29.31 -30.41
CA PHE D 251 -2.99 -30.74 -30.24
C PHE D 251 -4.04 -30.96 -29.18
N GLY D 252 -3.74 -30.68 -27.90
CA GLY D 252 -4.79 -30.84 -26.86
C GLY D 252 -6.07 -29.98 -27.17
N GLN D 253 -6.04 -29.27 -28.25
CA GLN D 253 -7.19 -28.49 -28.62
C GLN D 253 -8.04 -29.24 -29.67
N LEU D 254 -7.40 -30.31 -30.20
CA LEU D 254 -7.96 -31.23 -31.18
C LEU D 254 -8.01 -30.58 -32.51
N CYS D 255 -7.02 -29.70 -32.68
CA CYS D 255 -6.86 -28.98 -33.91
C CYS D 255 -5.93 -29.82 -34.69
N VAL D 256 -6.55 -30.94 -35.07
CA VAL D 256 -5.88 -32.00 -35.74
C VAL D 256 -6.10 -32.11 -37.24
N LYS D 257 -6.85 -31.15 -37.79
CA LYS D 257 -7.02 -31.06 -39.22
C LYS D 257 -6.55 -29.72 -39.63
N GLU D 258 -6.35 -29.62 -40.94
CA GLU D 258 -5.91 -28.39 -41.51
C GLU D 258 -6.99 -27.32 -41.52
N GLY D 259 -6.64 -26.13 -41.09
CA GLY D 259 -7.64 -25.10 -41.08
C GLY D 259 -8.00 -24.77 -39.65
N MET D 260 -7.76 -25.76 -38.83
CA MET D 260 -8.00 -25.68 -37.43
C MET D 260 -6.89 -24.95 -36.75
N ALA D 261 -7.33 -24.08 -35.85
CA ALA D 261 -6.41 -23.21 -35.13
C ALA D 261 -6.91 -22.72 -33.76
N LYS D 262 -5.95 -22.27 -32.97
CA LYS D 262 -6.25 -21.76 -31.67
C LYS D 262 -5.22 -20.73 -31.37
N ASN D 263 -5.56 -19.98 -30.35
CA ASN D 263 -4.68 -18.99 -29.89
C ASN D 263 -4.66 -19.03 -28.39
N THR D 264 -3.45 -19.08 -27.98
CA THR D 264 -3.11 -19.20 -26.61
C THR D 264 -2.50 -17.94 -25.99
N TYR D 265 -2.85 -17.79 -24.74
CA TYR D 265 -2.56 -16.65 -23.88
C TYR D 265 -1.79 -16.86 -22.59
N GLY D 266 -0.54 -16.75 -22.66
CA GLY D 266 0.17 -16.91 -21.46
C GLY D 266 1.21 -15.88 -21.50
N THR D 267 2.43 -16.27 -21.19
CA THR D 267 3.55 -15.36 -21.23
C THR D 267 3.65 -14.65 -22.60
N GLY D 268 3.13 -15.30 -23.62
CA GLY D 268 3.12 -14.70 -24.91
C GLY D 268 1.78 -15.05 -25.55
N CYS D 269 1.66 -14.73 -26.78
CA CYS D 269 0.49 -15.11 -27.47
C CYS D 269 0.93 -15.96 -28.65
N PHE D 270 0.24 -17.10 -28.84
CA PHE D 270 0.58 -17.89 -29.96
C PHE D 270 -0.63 -18.21 -30.74
N MET D 271 -0.47 -18.11 -31.99
CA MET D 271 -1.62 -18.43 -32.79
C MET D 271 -1.21 -19.43 -33.86
N LEU D 272 -1.90 -20.54 -33.78
CA LEU D 272 -1.52 -21.53 -34.72
C LEU D 272 -2.67 -22.13 -35.41
N MET D 273 -2.43 -22.28 -36.71
CA MET D 273 -3.39 -22.92 -37.57
C MET D 273 -2.81 -24.16 -38.20
N ASN D 274 -3.59 -25.25 -38.07
CA ASN D 274 -3.16 -26.49 -38.68
C ASN D 274 -3.31 -26.40 -40.17
N THR D 275 -2.25 -26.74 -40.88
CA THR D 275 -2.40 -26.68 -42.31
C THR D 275 -2.25 -28.01 -42.97
N GLY D 276 -2.56 -29.02 -42.13
CA GLY D 276 -2.49 -30.44 -42.50
C GLY D 276 -1.09 -30.95 -42.96
N GLU D 277 -1.09 -31.75 -44.04
CA GLU D 277 0.14 -32.30 -44.59
C GLU D 277 0.91 -31.28 -45.39
N LYS D 278 0.26 -30.30 -45.92
CA LYS D 278 1.00 -29.37 -46.73
C LYS D 278 1.37 -28.17 -45.91
N ALA D 279 2.58 -27.70 -46.11
CA ALA D 279 3.12 -26.52 -45.44
C ALA D 279 2.98 -25.23 -46.28
N VAL D 280 2.08 -24.32 -45.90
CA VAL D 280 1.91 -23.06 -46.59
C VAL D 280 3.05 -22.13 -46.26
N LYS D 281 3.65 -21.55 -47.29
CA LYS D 281 4.72 -20.61 -47.04
C LYS D 281 4.04 -19.26 -46.85
N SER D 282 4.32 -18.54 -45.75
CA SER D 282 3.63 -17.26 -45.47
C SER D 282 4.23 -16.08 -46.19
N GLU D 283 3.39 -15.15 -46.52
CA GLU D 283 3.88 -13.98 -47.17
C GLU D 283 3.57 -12.75 -46.35
N ASN D 284 2.87 -13.01 -45.26
CA ASN D 284 2.39 -11.98 -44.38
C ASN D 284 3.00 -11.92 -43.04
N GLY D 285 4.26 -12.24 -43.01
CA GLY D 285 5.04 -12.18 -41.77
C GLY D 285 4.70 -13.17 -40.67
N LEU D 286 4.34 -14.40 -41.11
CA LEU D 286 4.04 -15.53 -40.25
C LEU D 286 5.15 -16.58 -40.24
N LEU D 287 5.04 -17.55 -39.35
CA LEU D 287 6.00 -18.67 -39.21
C LEU D 287 5.44 -19.98 -39.75
N THR D 288 6.26 -20.70 -40.53
CA THR D 288 5.73 -21.97 -41.04
C THR D 288 6.23 -23.01 -40.12
N THR D 289 5.41 -23.87 -39.65
CA THR D 289 6.08 -24.77 -38.76
C THR D 289 5.52 -26.19 -38.67
N ILE D 290 6.03 -26.97 -37.71
CA ILE D 290 5.49 -28.30 -37.54
C ILE D 290 4.50 -28.48 -36.41
N ALA D 291 3.30 -28.96 -36.73
CA ALA D 291 2.31 -29.36 -35.74
C ALA D 291 2.39 -30.94 -35.62
N CYS D 292 1.25 -31.57 -35.25
CA CYS D 292 1.04 -32.99 -35.09
C CYS D 292 -0.31 -33.38 -35.70
N GLY D 293 -0.34 -34.54 -36.41
CA GLY D 293 -1.55 -35.09 -37.00
C GLY D 293 -2.26 -35.77 -35.87
N PRO D 294 -3.41 -36.33 -36.17
CA PRO D 294 -4.16 -36.99 -35.11
C PRO D 294 -3.39 -38.15 -34.46
N THR D 295 -2.25 -38.53 -34.99
CA THR D 295 -1.58 -39.65 -34.38
C THR D 295 -0.21 -39.34 -33.87
N GLY D 296 0.06 -38.06 -33.76
CA GLY D 296 1.37 -37.64 -33.30
C GLY D 296 2.36 -37.54 -34.44
N GLU D 297 1.81 -37.73 -35.65
CA GLU D 297 2.39 -37.68 -37.01
C GLU D 297 2.92 -36.30 -37.35
N VAL D 298 3.88 -36.17 -38.25
CA VAL D 298 4.29 -34.81 -38.57
C VAL D 298 3.21 -34.14 -39.37
N ASN D 299 3.08 -32.84 -39.13
CA ASN D 299 2.14 -32.03 -39.86
C ASN D 299 2.71 -30.71 -39.89
N TYR D 300 1.94 -29.91 -40.56
CA TYR D 300 2.32 -28.57 -40.63
C TYR D 300 1.32 -27.59 -40.03
N ALA D 301 1.90 -26.41 -39.73
CA ALA D 301 1.14 -25.31 -39.17
C ALA D 301 1.62 -23.87 -39.51
N LEU D 302 0.63 -22.97 -39.44
CA LEU D 302 0.92 -21.53 -39.63
C LEU D 302 0.96 -20.93 -38.27
N GLU D 303 2.08 -20.41 -37.95
CA GLU D 303 2.18 -19.80 -36.60
C GLU D 303 2.47 -18.30 -36.52
N GLY D 304 1.68 -17.58 -35.73
CA GLY D 304 1.87 -16.14 -35.45
C GLY D 304 2.31 -15.97 -34.01
N ALA D 305 3.58 -15.56 -33.76
CA ALA D 305 4.03 -15.50 -32.39
C ALA D 305 4.19 -14.07 -31.85
N VAL D 306 3.46 -13.81 -30.74
CA VAL D 306 3.41 -12.59 -29.92
C VAL D 306 4.28 -12.83 -28.69
N PHE D 307 5.35 -12.04 -28.59
CA PHE D 307 6.30 -12.18 -27.48
C PHE D 307 5.82 -11.84 -26.07
N MET D 308 4.83 -10.95 -25.98
CA MET D 308 4.39 -10.53 -24.65
C MET D 308 2.92 -10.48 -24.50
N ALA D 309 2.47 -11.17 -23.49
CA ALA D 309 1.07 -11.12 -23.22
C ALA D 309 0.87 -11.00 -21.73
N GLY D 310 0.63 -12.09 -21.06
CA GLY D 310 0.44 -12.02 -19.67
C GLY D 310 1.68 -11.44 -19.01
N ALA D 311 2.77 -11.41 -19.74
CA ALA D 311 3.99 -10.92 -19.12
C ALA D 311 3.90 -9.43 -18.73
N SER D 312 3.28 -8.63 -19.59
CA SER D 312 3.10 -7.22 -19.35
C SER D 312 2.42 -7.10 -18.00
N ILE D 313 1.39 -7.92 -17.89
CA ILE D 313 0.72 -8.03 -16.64
C ILE D 313 1.64 -8.48 -15.50
N GLN D 314 2.67 -9.27 -15.78
CA GLN D 314 3.52 -9.71 -14.66
C GLN D 314 4.42 -8.55 -14.26
N TRP D 315 4.72 -7.78 -15.26
CA TRP D 315 5.56 -6.63 -15.10
C TRP D 315 4.83 -5.57 -14.29
N LEU D 316 3.51 -5.47 -14.52
CA LEU D 316 2.74 -4.53 -13.78
C LEU D 316 2.90 -4.77 -12.31
N ARG D 317 2.80 -6.01 -11.95
CA ARG D 317 2.94 -6.43 -10.57
C ARG D 317 4.38 -6.67 -10.05
N ASP D 318 5.26 -7.21 -10.85
CA ASP D 318 6.50 -7.43 -10.19
C ASP D 318 7.27 -6.17 -10.19
N GLU D 319 7.49 -5.69 -11.36
CA GLU D 319 8.22 -4.49 -11.57
C GLU D 319 7.45 -3.16 -11.22
N MET D 320 6.33 -2.92 -11.88
CA MET D 320 5.58 -1.70 -11.67
C MET D 320 4.86 -1.76 -10.36
N LYS D 321 4.64 -2.99 -9.92
CA LYS D 321 3.96 -3.12 -8.66
C LYS D 321 2.63 -2.39 -8.63
N LEU D 322 1.94 -2.27 -9.74
CA LEU D 322 0.61 -1.67 -9.65
C LEU D 322 -0.59 -2.59 -9.33
N ILE D 323 -0.40 -3.88 -9.33
CA ILE D 323 -1.48 -4.80 -9.00
C ILE D 323 -0.91 -5.70 -7.95
N ASN D 324 -1.78 -6.28 -7.14
CA ASN D 324 -1.18 -7.17 -6.19
C ASN D 324 -1.08 -8.61 -6.68
N ASP D 325 -2.03 -8.89 -7.59
CA ASP D 325 -2.13 -10.15 -8.28
C ASP D 325 -2.71 -9.98 -9.65
N ALA D 326 -2.19 -10.79 -10.56
CA ALA D 326 -2.66 -10.91 -11.92
C ALA D 326 -4.15 -10.67 -12.09
N TYR D 327 -4.88 -11.52 -11.44
CA TYR D 327 -6.31 -11.53 -11.56
C TYR D 327 -6.91 -10.15 -11.24
N ASP D 328 -6.11 -9.25 -10.67
CA ASP D 328 -6.70 -7.94 -10.29
C ASP D 328 -7.03 -7.02 -11.48
N SER D 329 -6.20 -7.17 -12.48
CA SER D 329 -6.25 -6.46 -13.71
C SER D 329 -7.69 -6.27 -14.18
N GLU D 330 -8.46 -7.36 -14.18
CA GLU D 330 -9.87 -7.33 -14.57
C GLU D 330 -10.58 -6.18 -13.84
N TYR D 331 -10.52 -6.25 -12.51
CA TYR D 331 -11.08 -5.22 -11.64
C TYR D 331 -10.78 -3.78 -12.06
N PHE D 332 -9.52 -3.44 -11.83
CA PHE D 332 -9.00 -2.16 -12.20
C PHE D 332 -9.29 -1.79 -13.59
N ALA D 333 -8.92 -2.62 -14.57
CA ALA D 333 -9.22 -2.19 -15.94
C ALA D 333 -10.71 -1.84 -16.16
N THR D 334 -11.58 -2.51 -15.44
CA THR D 334 -12.99 -2.22 -15.62
C THR D 334 -13.56 -1.07 -14.78
N LYS D 335 -12.70 -0.33 -14.13
CA LYS D 335 -13.17 0.77 -13.36
C LYS D 335 -13.22 2.07 -14.23
N VAL D 336 -12.94 1.90 -15.52
CA VAL D 336 -12.93 3.01 -16.44
C VAL D 336 -13.55 2.62 -17.70
N GLN D 337 -13.81 3.61 -18.50
CA GLN D 337 -14.53 3.28 -19.67
C GLN D 337 -13.63 3.01 -20.82
N ASN D 338 -12.42 3.60 -20.71
CA ASN D 338 -11.43 3.45 -21.78
C ASN D 338 -10.13 3.68 -21.15
N THR D 339 -9.14 3.69 -22.05
CA THR D 339 -7.73 3.90 -21.78
C THR D 339 -7.42 5.36 -21.74
N ASN D 340 -8.51 6.15 -22.01
CA ASN D 340 -8.55 7.60 -22.06
C ASN D 340 -7.58 8.18 -23.06
N GLY D 341 -7.42 7.50 -24.18
CA GLY D 341 -6.45 7.89 -25.19
C GLY D 341 -5.10 7.15 -25.09
N VAL D 342 -4.84 6.50 -23.93
CA VAL D 342 -3.59 5.77 -23.77
C VAL D 342 -3.44 4.47 -24.58
N TYR D 343 -2.20 4.16 -24.97
CA TYR D 343 -1.76 2.95 -25.68
C TYR D 343 -0.43 2.41 -25.14
N VAL D 344 -0.40 1.10 -24.96
CA VAL D 344 0.82 0.44 -24.58
C VAL D 344 1.34 -0.42 -25.75
N VAL D 345 2.64 -0.44 -25.90
CA VAL D 345 3.28 -1.22 -26.95
C VAL D 345 4.34 -2.05 -26.30
N PRO D 346 3.88 -3.20 -25.85
CA PRO D 346 4.69 -4.04 -25.05
C PRO D 346 5.88 -4.70 -25.76
N ALA D 347 6.57 -3.97 -26.65
CA ALA D 347 7.74 -4.52 -27.28
C ALA D 347 8.88 -4.60 -26.27
N PHE D 348 8.64 -5.22 -25.12
CA PHE D 348 9.71 -5.28 -24.11
C PHE D 348 10.89 -6.11 -24.50
N THR D 349 10.67 -6.92 -25.50
CA THR D 349 11.73 -7.81 -25.85
C THR D 349 11.86 -7.86 -27.33
N GLY D 350 11.39 -6.74 -27.95
CA GLY D 350 11.35 -6.60 -29.39
C GLY D 350 9.92 -6.83 -29.85
N LEU D 351 9.76 -7.10 -31.13
CA LEU D 351 8.45 -7.25 -31.64
C LEU D 351 7.83 -8.63 -31.93
N GLY D 352 8.34 -9.34 -32.90
CA GLY D 352 7.52 -10.55 -33.06
C GLY D 352 6.59 -10.45 -34.25
N ALA D 353 5.82 -11.49 -34.48
CA ALA D 353 5.01 -11.41 -35.66
C ALA D 353 3.93 -10.36 -35.43
N PRO D 354 3.57 -9.61 -36.49
CA PRO D 354 4.09 -9.89 -37.81
C PRO D 354 5.25 -9.00 -38.10
N TYR D 355 5.69 -8.39 -37.06
CA TYR D 355 6.64 -7.41 -37.31
C TYR D 355 8.01 -7.90 -37.36
N TRP D 356 8.42 -8.51 -36.28
CA TRP D 356 9.82 -8.87 -36.26
C TRP D 356 10.67 -7.62 -36.14
N ASP D 357 10.73 -7.02 -34.94
CA ASP D 357 11.59 -5.84 -34.74
C ASP D 357 12.43 -5.89 -33.49
N PRO D 358 13.67 -6.38 -33.68
CA PRO D 358 14.61 -6.58 -32.56
C PRO D 358 14.93 -5.29 -31.89
N TYR D 359 14.70 -4.27 -32.70
CA TYR D 359 15.07 -3.05 -32.14
C TYR D 359 14.01 -2.31 -31.37
N ALA D 360 12.74 -2.69 -31.54
CA ALA D 360 11.73 -2.08 -30.79
C ALA D 360 11.81 -2.39 -29.31
N ARG D 361 11.36 -1.41 -28.49
CA ARG D 361 11.25 -1.48 -27.03
C ARG D 361 9.84 -1.22 -26.55
N GLY D 362 9.58 -1.33 -25.25
CA GLY D 362 8.19 -1.11 -24.82
C GLY D 362 7.87 0.41 -24.71
N ALA D 363 6.60 0.78 -25.00
CA ALA D 363 6.26 2.19 -24.96
C ALA D 363 4.83 2.56 -24.69
N ILE D 364 4.69 3.71 -23.98
CA ILE D 364 3.36 4.25 -23.62
C ILE D 364 3.04 5.51 -24.35
N PHE D 365 1.82 5.52 -24.82
CA PHE D 365 1.38 6.62 -25.63
C PHE D 365 0.11 7.35 -25.22
N GLY D 366 0.11 8.64 -25.63
CA GLY D 366 -1.06 9.49 -25.43
C GLY D 366 -1.36 9.83 -24.00
N LEU D 367 -0.32 9.94 -23.17
CA LEU D 367 -0.43 10.34 -21.78
C LEU D 367 -0.80 11.80 -21.67
N THR D 368 -1.67 12.00 -20.74
CA THR D 368 -2.18 13.27 -20.30
C THR D 368 -2.46 13.21 -18.80
N ARG D 369 -2.48 14.38 -18.33
CA ARG D 369 -2.63 14.75 -16.98
C ARG D 369 -3.56 13.88 -16.17
N GLY D 370 -4.76 13.64 -16.71
CA GLY D 370 -5.82 12.92 -16.00
C GLY D 370 -5.80 11.40 -16.15
N VAL D 371 -4.77 10.91 -16.84
CA VAL D 371 -4.63 9.50 -16.95
C VAL D 371 -4.04 9.01 -15.65
N ASN D 372 -4.79 8.15 -15.01
CA ASN D 372 -4.35 7.41 -13.82
C ASN D 372 -4.00 5.97 -14.26
N ALA D 373 -3.52 5.30 -13.24
CA ALA D 373 -3.09 3.94 -13.35
C ALA D 373 -4.10 2.99 -14.04
N ASN D 374 -5.39 3.09 -13.69
CA ASN D 374 -6.39 2.22 -14.30
C ASN D 374 -6.42 2.25 -15.82
N HIS D 375 -6.10 3.40 -16.37
CA HIS D 375 -6.10 3.39 -17.80
C HIS D 375 -4.94 2.57 -18.30
N ILE D 376 -3.85 2.69 -17.58
CA ILE D 376 -2.66 2.04 -17.98
C ILE D 376 -2.77 0.56 -18.07
N ILE D 377 -3.13 0.00 -16.94
CA ILE D 377 -3.39 -1.41 -16.86
C ILE D 377 -4.31 -1.89 -17.99
N ARG D 378 -5.36 -1.17 -18.12
CA ARG D 378 -6.30 -1.49 -19.16
C ARG D 378 -5.67 -1.36 -20.54
N ALA D 379 -4.67 -0.52 -20.63
CA ALA D 379 -4.09 -0.27 -21.92
C ALA D 379 -3.43 -1.54 -22.25
N THR D 380 -2.62 -1.92 -21.26
CA THR D 380 -1.83 -3.15 -21.21
C THR D 380 -2.61 -4.37 -21.72
N LEU D 381 -3.81 -4.62 -21.12
CA LEU D 381 -4.67 -5.65 -21.63
C LEU D 381 -4.97 -5.55 -23.09
N GLU D 382 -5.48 -4.42 -23.47
CA GLU D 382 -5.91 -4.30 -24.82
C GLU D 382 -4.81 -4.54 -25.85
N SER D 383 -3.55 -4.19 -25.44
CA SER D 383 -2.45 -4.33 -26.40
C SER D 383 -2.41 -5.75 -26.83
N ILE D 384 -2.73 -6.62 -25.84
CA ILE D 384 -2.81 -8.06 -26.04
C ILE D 384 -3.73 -8.29 -27.19
N ALA D 385 -5.00 -7.87 -26.98
CA ALA D 385 -6.12 -7.84 -28.01
C ALA D 385 -5.72 -7.27 -29.39
N TYR D 386 -4.98 -6.15 -29.43
CA TYR D 386 -4.55 -5.67 -30.74
C TYR D 386 -3.72 -6.65 -31.48
N GLN D 387 -2.63 -6.95 -30.82
CA GLN D 387 -1.63 -7.86 -31.28
C GLN D 387 -2.18 -9.06 -31.96
N THR D 388 -3.17 -9.62 -31.30
CA THR D 388 -3.75 -10.78 -31.89
C THR D 388 -4.36 -10.50 -33.22
N ARG D 389 -5.03 -9.35 -33.19
CA ARG D 389 -5.66 -8.80 -34.35
C ARG D 389 -4.61 -8.66 -35.41
N ASP D 390 -3.43 -8.17 -34.99
CA ASP D 390 -2.32 -8.13 -35.96
C ASP D 390 -2.13 -9.49 -36.63
N VAL D 391 -1.97 -10.58 -35.83
CA VAL D 391 -1.69 -11.86 -36.48
C VAL D 391 -2.85 -12.54 -37.16
N LEU D 392 -4.01 -12.43 -36.54
CA LEU D 392 -5.12 -13.09 -37.11
C LEU D 392 -5.41 -12.75 -38.54
N GLU D 393 -5.09 -11.56 -38.81
CA GLU D 393 -5.33 -11.09 -40.10
C GLU D 393 -4.36 -11.66 -41.04
N ALA D 394 -3.12 -11.60 -40.57
CA ALA D 394 -1.96 -12.03 -41.30
C ALA D 394 -2.30 -13.41 -41.81
N MET D 395 -2.76 -14.14 -40.84
CA MET D 395 -3.19 -15.44 -41.05
C MET D 395 -4.18 -15.48 -42.13
N GLN D 396 -5.33 -14.87 -41.93
CA GLN D 396 -6.37 -14.91 -42.98
C GLN D 396 -5.84 -14.45 -44.30
N ALA D 397 -4.81 -13.68 -44.20
CA ALA D 397 -4.22 -13.22 -45.37
C ALA D 397 -3.62 -14.47 -45.94
N ASP D 398 -2.37 -14.79 -45.49
CA ASP D 398 -1.65 -16.06 -45.78
C ASP D 398 -2.65 -17.23 -45.91
N SER D 399 -3.41 -17.50 -44.85
CA SER D 399 -4.37 -18.58 -44.78
C SER D 399 -5.37 -18.68 -45.87
N GLY D 400 -6.10 -17.62 -46.06
CA GLY D 400 -7.13 -17.74 -47.06
C GLY D 400 -8.42 -18.16 -46.35
N ILE D 401 -8.29 -18.46 -45.07
CA ILE D 401 -9.50 -18.74 -44.33
C ILE D 401 -9.83 -17.54 -43.47
N ARG D 402 -11.10 -17.33 -43.35
CA ARG D 402 -11.57 -16.27 -42.55
C ARG D 402 -12.16 -16.96 -41.37
N LEU D 403 -11.42 -16.95 -40.26
CA LEU D 403 -11.93 -17.65 -39.10
C LEU D 403 -13.18 -16.97 -38.63
N HIS D 404 -14.10 -17.78 -38.06
CA HIS D 404 -15.39 -17.31 -37.58
C HIS D 404 -15.64 -17.23 -36.08
N ALA D 405 -14.73 -17.86 -35.34
CA ALA D 405 -14.67 -17.88 -33.88
C ALA D 405 -13.23 -18.11 -33.48
N LEU D 406 -12.89 -17.88 -32.22
CA LEU D 406 -11.50 -18.05 -31.77
C LEU D 406 -11.44 -18.95 -30.57
N ARG D 407 -10.75 -20.07 -30.80
CA ARG D 407 -10.51 -21.11 -29.83
C ARG D 407 -9.28 -20.69 -29.04
N VAL D 408 -9.54 -20.14 -27.87
CA VAL D 408 -8.35 -19.65 -27.20
C VAL D 408 -8.03 -20.53 -26.04
N ASP D 409 -6.93 -20.22 -25.38
CA ASP D 409 -6.54 -20.91 -24.20
C ASP D 409 -5.30 -20.27 -23.60
N GLY D 410 -5.09 -20.58 -22.35
CA GLY D 410 -3.91 -20.09 -21.65
C GLY D 410 -4.29 -19.56 -20.26
N GLY D 411 -3.31 -19.06 -19.52
CA GLY D 411 -3.59 -18.52 -18.19
C GLY D 411 -4.53 -17.37 -18.14
N ALA D 412 -4.33 -16.49 -19.06
CA ALA D 412 -5.04 -15.25 -19.19
C ALA D 412 -6.44 -15.34 -19.76
N VAL D 413 -6.83 -16.46 -20.45
CA VAL D 413 -8.22 -16.50 -20.99
C VAL D 413 -9.29 -16.38 -19.88
N ALA D 414 -8.81 -16.36 -18.65
CA ALA D 414 -9.64 -16.33 -17.48
C ALA D 414 -10.25 -14.98 -17.30
N ASN D 415 -9.49 -13.97 -17.74
CA ASN D 415 -9.95 -12.58 -17.74
C ASN D 415 -11.10 -12.40 -18.71
N ASN D 416 -12.24 -12.04 -18.21
CA ASN D 416 -13.34 -11.80 -19.11
C ASN D 416 -13.28 -10.53 -19.92
N PHE D 417 -12.69 -9.49 -19.33
CA PHE D 417 -12.62 -8.22 -20.05
C PHE D 417 -11.94 -8.43 -21.39
N LEU D 418 -10.64 -8.78 -21.27
CA LEU D 418 -9.73 -9.12 -22.37
C LEU D 418 -10.46 -9.96 -23.41
N MET D 419 -11.27 -10.90 -22.88
CA MET D 419 -12.06 -11.79 -23.70
C MET D 419 -13.12 -11.06 -24.53
N GLN D 420 -13.98 -10.31 -23.82
CA GLN D 420 -14.98 -9.49 -24.49
C GLN D 420 -14.28 -8.56 -25.49
N PHE D 421 -13.32 -7.79 -24.96
CA PHE D 421 -12.55 -6.83 -25.69
C PHE D 421 -12.09 -7.43 -26.96
N GLN D 422 -11.60 -8.66 -26.81
CA GLN D 422 -11.14 -9.41 -27.94
C GLN D 422 -12.24 -9.74 -28.96
N SER D 423 -13.40 -10.24 -28.54
CA SER D 423 -14.44 -10.54 -29.53
C SER D 423 -14.81 -9.25 -30.29
N ASP D 424 -15.10 -8.19 -29.51
CA ASP D 424 -15.37 -6.82 -29.98
C ASP D 424 -14.36 -6.51 -31.03
N ILE D 425 -13.23 -5.97 -30.59
CA ILE D 425 -12.09 -5.66 -31.46
C ILE D 425 -11.91 -6.51 -32.73
N LEU D 426 -12.39 -7.76 -32.62
CA LEU D 426 -12.27 -8.70 -33.71
C LEU D 426 -13.52 -8.70 -34.50
N GLY D 427 -14.62 -8.72 -33.76
CA GLY D 427 -15.92 -8.81 -34.37
C GLY D 427 -16.19 -10.28 -34.57
N THR D 428 -15.48 -11.04 -33.77
CA THR D 428 -15.60 -12.48 -33.80
C THR D 428 -16.03 -13.10 -32.47
N ARG D 429 -16.59 -14.30 -32.61
CA ARG D 429 -17.01 -15.15 -31.52
C ARG D 429 -15.69 -15.55 -30.83
N VAL D 430 -15.71 -15.90 -29.54
CA VAL D 430 -14.48 -16.36 -28.89
C VAL D 430 -14.76 -17.58 -28.05
N GLU D 431 -14.07 -18.66 -28.35
CA GLU D 431 -14.34 -19.86 -27.58
C GLU D 431 -13.56 -20.11 -26.36
N ARG D 432 -14.33 -20.20 -25.30
CA ARG D 432 -13.67 -20.44 -24.07
C ARG D 432 -13.98 -21.79 -23.45
N PRO D 433 -13.11 -22.72 -23.74
CA PRO D 433 -13.18 -24.09 -23.26
C PRO D 433 -13.22 -24.10 -21.74
N GLU D 434 -13.79 -25.17 -21.19
CA GLU D 434 -13.95 -25.39 -19.74
C GLU D 434 -12.70 -25.77 -18.96
N VAL D 435 -11.56 -26.05 -19.67
CA VAL D 435 -10.23 -26.40 -19.10
C VAL D 435 -9.18 -25.62 -19.82
N ARG D 436 -8.46 -24.77 -19.12
CA ARG D 436 -7.50 -23.94 -19.84
C ARG D 436 -6.05 -24.43 -19.95
N GLU D 437 -5.74 -25.55 -19.31
CA GLU D 437 -4.39 -26.11 -19.40
C GLU D 437 -4.32 -27.18 -20.48
N VAL D 438 -4.45 -26.72 -21.70
CA VAL D 438 -4.44 -27.65 -22.78
C VAL D 438 -3.01 -28.01 -23.24
N THR D 439 -2.04 -27.16 -22.92
CA THR D 439 -0.67 -27.41 -23.31
C THR D 439 -0.25 -28.70 -22.69
N ALA D 440 -0.80 -28.85 -21.52
CA ALA D 440 -0.62 -29.96 -20.66
C ALA D 440 -1.40 -31.20 -21.15
N LEU D 441 -2.56 -30.98 -21.71
CA LEU D 441 -3.36 -32.05 -22.24
C LEU D 441 -2.69 -32.69 -23.41
N GLY D 442 -2.38 -31.81 -24.36
CA GLY D 442 -1.70 -32.18 -25.59
C GLY D 442 -0.50 -33.06 -25.24
N ALA D 443 0.11 -32.83 -24.05
CA ALA D 443 1.28 -33.62 -23.62
C ALA D 443 0.91 -34.92 -22.96
N ALA D 444 -0.23 -34.87 -22.29
CA ALA D 444 -0.71 -36.08 -21.71
C ALA D 444 -1.08 -36.92 -22.93
N TYR D 445 -2.07 -36.46 -23.66
CA TYR D 445 -2.54 -37.06 -24.92
C TYR D 445 -1.45 -37.78 -25.77
N LEU D 446 -0.45 -37.04 -26.23
CA LEU D 446 0.63 -37.58 -27.02
C LEU D 446 1.26 -38.86 -26.41
N ALA D 447 1.57 -38.81 -25.13
CA ALA D 447 2.26 -39.88 -24.44
C ALA D 447 1.43 -41.15 -24.30
N GLY D 448 0.35 -41.00 -23.58
CA GLY D 448 -0.52 -42.11 -23.31
C GLY D 448 -0.98 -42.71 -24.58
N LEU D 449 -0.91 -41.91 -25.60
CA LEU D 449 -1.28 -42.44 -26.87
C LEU D 449 -0.27 -43.57 -27.15
N ALA D 450 1.00 -43.12 -27.17
CA ALA D 450 2.26 -43.87 -27.35
C ALA D 450 2.38 -45.13 -26.46
N VAL D 451 1.40 -45.30 -25.61
CA VAL D 451 1.41 -46.26 -24.57
C VAL D 451 0.06 -46.83 -24.38
N GLY D 452 -0.72 -46.73 -25.45
CA GLY D 452 -2.10 -47.22 -25.46
C GLY D 452 -2.86 -46.85 -24.20
N PHE D 453 -2.54 -45.68 -23.61
CA PHE D 453 -3.30 -45.25 -22.48
C PHE D 453 -4.65 -44.94 -23.03
N TRP D 454 -4.63 -44.32 -24.23
CA TRP D 454 -5.81 -44.09 -25.08
C TRP D 454 -5.44 -44.76 -26.38
N GLN D 455 -6.44 -45.17 -27.14
CA GLN D 455 -6.13 -45.86 -28.36
C GLN D 455 -6.13 -44.99 -29.61
N ASN D 456 -6.75 -43.82 -29.48
CA ASN D 456 -6.84 -42.83 -30.54
C ASN D 456 -7.50 -41.56 -30.02
N LEU D 457 -7.44 -40.49 -30.84
CA LEU D 457 -8.04 -39.18 -30.54
C LEU D 457 -9.53 -39.25 -30.10
N ASP D 458 -10.42 -39.50 -31.07
CA ASP D 458 -11.89 -39.65 -30.94
C ASP D 458 -12.31 -40.13 -29.60
N GLU D 459 -11.49 -41.04 -29.09
CA GLU D 459 -11.67 -41.58 -27.76
C GLU D 459 -11.84 -40.42 -26.77
N LEU D 460 -11.32 -39.24 -27.18
CA LEU D 460 -11.36 -37.98 -26.41
C LEU D 460 -12.55 -37.10 -26.83
N GLN D 461 -12.52 -36.68 -28.09
CA GLN D 461 -13.54 -35.91 -28.77
C GLN D 461 -14.56 -35.12 -27.94
N GLU D 462 -15.59 -35.77 -27.40
CA GLU D 462 -16.58 -35.03 -26.62
C GLU D 462 -15.99 -34.50 -25.33
N LYS D 463 -14.69 -34.76 -25.21
CA LYS D 463 -13.88 -34.33 -24.12
C LYS D 463 -13.90 -32.81 -24.03
N ALA D 464 -13.50 -32.11 -25.14
CA ALA D 464 -13.41 -30.62 -25.28
C ALA D 464 -14.70 -29.79 -25.11
N VAL D 465 -14.80 -29.07 -23.97
CA VAL D 465 -15.98 -28.28 -23.73
C VAL D 465 -15.84 -26.77 -23.56
N ILE D 466 -16.62 -26.05 -24.41
CA ILE D 466 -16.75 -24.61 -24.41
C ILE D 466 -17.62 -24.19 -23.21
N GLU D 467 -16.94 -23.61 -22.23
CA GLU D 467 -17.52 -23.17 -20.98
C GLU D 467 -18.17 -21.83 -21.17
N ARG D 468 -17.75 -21.24 -22.28
CA ARG D 468 -18.22 -19.95 -22.55
C ARG D 468 -17.71 -19.36 -23.83
N GLU D 469 -18.63 -18.66 -24.43
CA GLU D 469 -18.34 -18.01 -25.66
C GLU D 469 -18.71 -16.57 -25.62
N PHE D 470 -17.91 -15.80 -26.37
CA PHE D 470 -18.03 -14.36 -26.49
C PHE D 470 -18.36 -13.78 -27.89
N ARG D 471 -19.50 -13.14 -28.02
CA ARG D 471 -19.76 -12.46 -29.27
C ARG D 471 -19.38 -10.99 -29.07
N PRO D 472 -19.05 -10.27 -30.15
CA PRO D 472 -18.67 -8.86 -30.00
C PRO D 472 -19.85 -7.97 -29.63
N GLY D 473 -19.66 -6.69 -29.71
CA GLY D 473 -20.79 -5.88 -29.34
C GLY D 473 -20.62 -4.44 -29.75
N ILE D 474 -19.41 -4.13 -30.17
CA ILE D 474 -19.06 -2.76 -30.54
C ILE D 474 -19.16 -2.31 -32.03
N GLU D 475 -19.20 -1.00 -32.33
CA GLU D 475 -19.34 -0.68 -33.76
C GLU D 475 -18.06 -0.66 -34.56
N THR D 476 -18.14 -1.34 -35.73
CA THR D 476 -17.05 -1.45 -36.74
C THR D 476 -16.20 -0.20 -36.79
N THR D 477 -16.94 0.91 -36.80
CA THR D 477 -16.31 2.19 -36.90
C THR D 477 -15.28 2.33 -35.80
N GLU D 478 -15.75 2.21 -34.54
CA GLU D 478 -14.83 2.34 -33.42
C GLU D 478 -13.79 1.28 -33.39
N ARG D 479 -14.15 0.09 -33.81
CA ARG D 479 -13.19 -1.00 -33.84
C ARG D 479 -11.91 -0.58 -34.56
N ASN D 480 -12.11 -0.35 -35.83
CA ASN D 480 -11.09 0.08 -36.74
C ASN D 480 -10.55 1.39 -36.24
N TYR D 481 -11.46 2.10 -35.66
CA TYR D 481 -11.12 3.35 -35.12
C TYR D 481 -10.03 3.19 -34.10
N ARG D 482 -10.27 2.34 -33.08
CA ARG D 482 -9.28 2.06 -32.05
C ARG D 482 -8.03 1.37 -32.61
N TYR D 483 -8.26 0.51 -33.57
CA TYR D 483 -7.15 -0.22 -34.12
C TYR D 483 -6.06 0.70 -34.71
N ALA D 484 -6.57 1.63 -35.49
CA ALA D 484 -5.74 2.63 -36.15
C ALA D 484 -4.78 3.29 -35.17
N GLY D 485 -5.38 3.53 -34.03
CA GLY D 485 -4.62 4.11 -32.98
C GLY D 485 -3.47 3.24 -32.63
N TRP D 486 -3.82 1.92 -32.49
CA TRP D 486 -2.85 0.90 -32.12
C TRP D 486 -1.73 0.87 -33.12
N LYS D 487 -2.14 0.77 -34.38
CA LYS D 487 -1.18 0.71 -35.48
C LYS D 487 -0.18 1.83 -35.57
N LYS D 488 -0.67 3.00 -35.17
CA LYS D 488 0.15 4.17 -35.17
C LYS D 488 1.13 4.09 -34.02
N ALA D 489 0.62 3.68 -32.83
CA ALA D 489 1.40 3.45 -31.62
C ALA D 489 2.54 2.53 -31.94
N VAL D 490 2.24 1.43 -32.70
CA VAL D 490 3.28 0.45 -33.06
C VAL D 490 4.46 1.15 -33.71
N LYS D 491 4.11 1.75 -34.83
CA LYS D 491 5.06 2.53 -35.63
C LYS D 491 5.93 3.44 -34.72
N ARG D 492 5.37 4.08 -33.65
CA ARG D 492 6.28 4.93 -32.84
C ARG D 492 7.39 4.25 -32.08
N ALA D 493 7.12 2.95 -31.75
CA ALA D 493 7.99 2.04 -30.99
C ALA D 493 9.17 1.42 -31.72
N MET D 494 8.86 0.76 -32.82
CA MET D 494 9.85 0.06 -33.60
C MET D 494 11.11 0.89 -33.79
N ALA D 495 12.23 0.22 -33.93
CA ALA D 495 13.48 0.79 -34.19
C ALA D 495 14.06 1.61 -33.09
N TRP D 496 13.53 1.48 -31.91
CA TRP D 496 14.11 2.27 -30.82
C TRP D 496 15.63 2.06 -30.56
N GLU D 497 16.00 0.87 -30.16
CA GLU D 497 17.40 0.56 -29.86
C GLU D 497 18.36 0.74 -31.04
N GLU D 498 19.59 1.16 -30.74
CA GLU D 498 20.55 1.32 -31.84
C GLU D 498 21.40 0.10 -32.12
N HIS D 499 21.56 -0.20 -33.42
CA HIS D 499 22.40 -1.29 -33.86
C HIS D 499 23.83 -0.87 -33.57
N ASP D 500 24.59 -1.75 -32.93
CA ASP D 500 26.01 -1.53 -32.55
C ASP D 500 26.98 -1.80 -33.73
P PO4 E . 15.48 -50.20 -7.86
O1 PO4 E . 15.77 -48.73 -7.64
O2 PO4 E . 14.19 -50.45 -8.55
O3 PO4 E . 15.39 -50.87 -6.52
O4 PO4 E . 16.55 -50.69 -8.68
PB ADP F . 10.55 -23.07 13.14
O1B ADP F . 9.23 -23.27 13.83
O2B ADP F . 11.62 -23.49 14.09
O3B ADP F . 10.55 -23.97 11.97
PA ADP F . 12.19 -21.04 12.00
O1A ADP F . 12.49 -21.33 10.53
O2A ADP F . 13.35 -21.01 12.97
O3A ADP F . 10.72 -21.53 12.60
O5' ADP F . 11.76 -19.47 12.04
C5' ADP F . 10.78 -18.78 11.27
C4' ADP F . 10.17 -17.73 12.15
O4' ADP F . 11.18 -16.79 12.57
C3' ADP F . 8.99 -16.98 11.58
O3' ADP F . 7.88 -17.16 12.42
C2' ADP F . 9.38 -15.50 11.63
O2' ADP F . 8.34 -14.51 11.14
C1' ADP F . 10.68 -15.47 12.32
N9 ADP F . 11.70 -14.81 11.54
C8 ADP F . 12.55 -14.84 10.51
N7 ADP F . 13.28 -13.75 10.41
C5 ADP F . 12.83 -12.93 11.44
C6 ADP F . 13.22 -11.64 11.90
N6 ADP F . 14.12 -10.85 11.30
N1 ADP F . 12.66 -11.21 13.04
C2 ADP F . 11.66 -11.93 13.60
N3 ADP F . 11.19 -13.14 13.25
C4 ADP F . 11.85 -13.60 12.17
C1 GOL G . 6.78 -28.12 19.37
O1 GOL G . 6.83 -27.99 20.79
C2 GOL G . 8.12 -27.68 18.77
O2 GOL G . 8.94 -28.78 18.55
C3 GOL G . 7.88 -26.94 17.44
O3 GOL G . 9.10 -26.36 16.93
P PO4 H . -15.90 50.08 8.02
O1 PO4 H . -16.13 50.79 6.70
O2 PO4 H . -16.70 50.80 9.26
O3 PO4 H . -14.31 49.95 8.36
O4 PO4 H . -16.47 48.76 7.82
PB ADP I . -16.49 16.53 15.43
O1B ADP I . -15.43 15.84 16.23
O2B ADP I . -17.81 16.44 16.13
O3B ADP I . -16.09 17.96 15.34
PA ADP I . -17.95 15.16 13.47
O1A ADP I . -17.67 15.60 12.03
O2A ADP I . -19.38 14.85 13.79
O3A ADP I . -16.53 15.86 13.93
O5' ADP I . -17.08 13.84 13.81
C5' ADP I . -16.18 13.22 12.85
C4' ADP I . -15.83 11.76 13.22
O4' ADP I . -16.67 10.72 12.59
C3' ADP I . -14.41 11.46 12.83
O3' ADP I . -13.74 11.13 14.03
C2' ADP I . -14.46 10.36 11.76
O2' ADP I . -13.39 9.56 12.22
C1' ADP I . -15.87 9.78 11.83
N9 ADP I . -16.46 9.44 10.50
C8 ADP I . -16.93 9.91 9.30
N7 ADP I . -17.44 8.99 8.49
C5 ADP I . -17.32 7.86 9.20
C6 ADP I . -17.66 6.53 8.85
N6 ADP I . -18.22 6.19 7.68
N1 ADP I . -17.41 5.60 9.77
C2 ADP I . -16.85 5.98 10.95
N3 ADP I . -16.47 7.18 11.42
C4 ADP I . -16.71 8.09 10.46
C1 GOL J . -16.63 17.54 24.31
O1 GOL J . -17.31 17.73 25.54
C2 GOL J . -17.60 17.62 23.09
O2 GOL J . -18.31 18.86 23.04
C3 GOL J . -16.85 17.38 21.77
O3 GOL J . -17.74 16.95 20.68
PB ADP K . 3.73 26.98 -8.57
O1B ADP K . 2.45 26.75 -9.22
O2B ADP K . 4.69 27.05 -9.72
O3B ADP K . 3.68 28.32 -7.88
PA ADP K . 5.51 25.71 -6.68
O1A ADP K . 5.29 25.97 -5.20
O2A ADP K . 6.66 26.41 -7.33
O3A ADP K . 4.04 25.75 -7.50
O5' ADP K . 5.97 24.13 -6.64
C5' ADP K . 5.18 22.93 -6.36
C4' ADP K . 5.49 22.00 -7.51
O4' ADP K . 6.80 21.42 -7.29
C3' ADP K . 4.54 20.83 -7.65
O3' ADP K . 4.48 20.40 -8.97
C2' ADP K . 5.21 19.76 -6.81
O2' ADP K . 5.25 18.34 -7.08
C1' ADP K . 6.65 20.01 -7.20
N9 ADP K . 7.57 19.44 -6.25
C8 ADP K . 7.38 19.87 -4.97
N7 ADP K . 8.27 19.41 -4.09
C5 ADP K . 9.09 18.58 -4.85
C6 ADP K . 10.19 17.78 -4.53
N6 ADP K . 10.68 17.68 -3.27
N1 ADP K . 10.82 17.12 -5.53
C2 ADP K . 10.34 17.26 -6.76
N3 ADP K . 9.30 17.97 -7.20
C4 ADP K . 8.69 18.62 -6.18
C1 GOL L . 1.91 30.57 -16.86
O1 GOL L . 2.68 30.70 -18.04
C2 GOL L . 2.79 30.72 -15.59
O2 GOL L . 2.21 31.57 -14.61
C3 GOL L . 2.90 29.32 -14.92
O3 GOL L . 3.31 29.53 -13.55
PB ADP M . 3.22 -19.89 -19.60
O1B ADP M . 3.67 -18.59 -20.18
O2B ADP M . 2.45 -20.56 -20.64
O3B ADP M . 4.45 -20.62 -19.19
PA ADP M . 0.67 -19.87 -18.64
O1A ADP M . 0.04 -20.53 -17.46
O2A ADP M . -0.18 -19.90 -19.84
O3A ADP M . 2.27 -19.66 -18.32
O5' ADP M . 0.99 -18.29 -18.27
C5' ADP M . 0.10 -17.43 -17.47
C4' ADP M . 0.09 -15.99 -18.00
O4' ADP M . -1.21 -15.41 -17.76
C3' ADP M . 1.14 -15.03 -17.38
O3' ADP M . 1.84 -14.34 -18.38
C2' ADP M . 0.36 -14.13 -16.44
O2' ADP M . 0.36 -12.76 -16.03
C1' ADP M . -1.13 -14.28 -16.90
N9 ADP M . -2.18 -14.43 -15.88
C8 ADP M . -2.68 -15.26 -14.90
N7 ADP M . -3.89 -14.93 -14.49
C5 ADP M . -4.25 -13.86 -15.28
C6 ADP M . -5.44 -13.08 -15.33
N6 ADP M . -6.46 -13.29 -14.50
N1 ADP M . -5.54 -12.09 -16.25
C2 ADP M . -4.40 -11.92 -17.04
N3 ADP M . -3.20 -12.57 -17.07
C4 ADP M . -3.22 -13.56 -16.17
C1 GOL N . 8.44 -19.79 -27.36
O1 GOL N . 8.17 -19.65 -28.73
C2 GOL N . 7.22 -20.43 -26.67
O2 GOL N . 7.23 -21.87 -26.59
C3 GOL N . 7.03 -19.81 -25.27
O3 GOL N . 5.73 -20.23 -24.77
#